data_2DL1
#
_entry.id   2DL1
#
_entity_poly.entity_id   1
_entity_poly.type   'polypeptide(L)'
_entity_poly.pdbx_seq_one_letter_code
;GSSGSSGEPAEIKIIREAYKKAFLFVNKGLNTDELGQKEEAKNYYKQGIGHLLRGISISSKESEHTGPGWESARQMQQKM
KETLQNVRTRLEILEKGLATSLQNDLQEVPSGPSSG
;
_entity_poly.pdbx_strand_id   A
#
# COMPACT_ATOMS: atom_id res chain seq x y z
N GLY A 1 -20.51 -5.03 6.43
CA GLY A 1 -20.84 -4.23 7.59
C GLY A 1 -21.27 -2.82 7.21
N SER A 2 -21.66 -2.65 5.95
CA SER A 2 -22.09 -1.34 5.46
C SER A 2 -23.34 -1.47 4.59
N SER A 3 -23.37 -2.51 3.76
CA SER A 3 -24.49 -2.75 2.87
C SER A 3 -24.54 -1.70 1.76
N GLY A 4 -24.80 -2.16 0.53
CA GLY A 4 -24.86 -1.25 -0.59
C GLY A 4 -25.82 -1.74 -1.67
N SER A 5 -25.45 -2.83 -2.34
CA SER A 5 -26.27 -3.38 -3.40
C SER A 5 -25.80 -4.79 -3.77
N SER A 6 -26.75 -5.69 -3.95
CA SER A 6 -26.45 -7.08 -4.29
C SER A 6 -26.03 -7.19 -5.75
N GLY A 7 -24.75 -6.99 -6.01
CA GLY A 7 -24.24 -7.07 -7.37
C GLY A 7 -22.82 -7.62 -7.43
N GLU A 8 -21.93 -7.04 -6.63
CA GLU A 8 -20.54 -7.48 -6.60
C GLU A 8 -20.41 -8.85 -5.94
N PRO A 9 -19.35 -9.59 -6.32
CA PRO A 9 -19.10 -10.92 -5.78
C PRO A 9 -18.68 -10.89 -4.31
N ALA A 10 -18.64 -9.69 -3.74
CA ALA A 10 -18.26 -9.52 -2.34
C ALA A 10 -16.75 -9.50 -2.18
N GLU A 11 -16.07 -10.37 -2.93
CA GLU A 11 -14.62 -10.47 -2.88
C GLU A 11 -13.98 -9.27 -3.56
N ILE A 12 -14.41 -9.00 -4.78
CA ILE A 12 -13.86 -7.88 -5.55
C ILE A 12 -14.12 -6.55 -4.84
N LYS A 13 -15.36 -6.34 -4.43
CA LYS A 13 -15.74 -5.11 -3.75
C LYS A 13 -14.75 -4.80 -2.62
N ILE A 14 -14.16 -5.84 -2.05
CA ILE A 14 -13.20 -5.67 -0.97
C ILE A 14 -11.82 -5.30 -1.51
N ILE A 15 -11.50 -5.81 -2.69
CA ILE A 15 -10.21 -5.54 -3.31
C ILE A 15 -10.18 -4.13 -3.89
N ARG A 16 -11.32 -3.68 -4.43
CA ARG A 16 -11.42 -2.36 -5.01
C ARG A 16 -11.28 -1.28 -3.95
N GLU A 17 -11.48 -1.67 -2.68
CA GLU A 17 -11.38 -0.74 -1.57
C GLU A 17 -9.99 -0.80 -0.94
N ALA A 18 -9.56 -2.00 -0.58
CA ALA A 18 -8.26 -2.20 0.04
C ALA A 18 -7.14 -1.67 -0.86
N TYR A 19 -7.41 -1.62 -2.16
CA TYR A 19 -6.43 -1.14 -3.12
C TYR A 19 -6.33 0.39 -3.10
N LYS A 20 -7.49 1.04 -2.94
CA LYS A 20 -7.54 2.49 -2.89
C LYS A 20 -6.96 3.02 -1.58
N LYS A 21 -7.49 2.54 -0.46
CA LYS A 21 -7.01 2.94 0.85
C LYS A 21 -5.53 2.62 1.03
N ALA A 22 -5.13 1.47 0.49
CA ALA A 22 -3.73 1.04 0.59
C ALA A 22 -2.81 2.00 -0.15
N PHE A 23 -3.31 2.57 -1.25
CA PHE A 23 -2.52 3.51 -2.04
C PHE A 23 -2.77 4.94 -1.59
N LEU A 24 -3.91 5.16 -0.94
CA LEU A 24 -4.25 6.50 -0.46
C LEU A 24 -3.33 6.93 0.68
N PHE A 25 -3.18 6.05 1.68
CA PHE A 25 -2.32 6.34 2.82
C PHE A 25 -0.86 6.36 2.41
N VAL A 26 -0.56 5.76 1.26
CA VAL A 26 0.81 5.71 0.75
C VAL A 26 1.25 7.07 0.23
N ASN A 27 0.48 7.62 -0.71
CA ASN A 27 0.79 8.92 -1.29
C ASN A 27 1.01 9.97 -0.20
N LYS A 28 0.54 9.66 1.00
CA LYS A 28 0.69 10.57 2.13
C LYS A 28 2.04 10.38 2.81
N GLY A 29 2.38 9.12 3.07
CA GLY A 29 3.64 8.81 3.72
C GLY A 29 4.83 9.45 3.02
N LEU A 30 4.82 9.40 1.68
CA LEU A 30 5.90 9.97 0.89
C LEU A 30 6.01 11.47 1.12
N ASN A 31 4.87 12.15 1.12
CA ASN A 31 4.83 13.60 1.33
C ASN A 31 5.47 13.96 2.66
N THR A 32 4.87 13.49 3.75
CA THR A 32 5.39 13.77 5.09
C THR A 32 6.91 13.73 5.11
N ASP A 33 7.47 12.60 4.71
CA ASP A 33 8.92 12.43 4.68
C ASP A 33 9.59 13.65 4.06
N GLU A 34 9.03 14.15 2.96
CA GLU A 34 9.57 15.31 2.27
C GLU A 34 9.43 16.56 3.12
N LEU A 35 8.31 16.69 3.81
CA LEU A 35 8.05 17.84 4.66
C LEU A 35 9.02 17.88 5.84
N GLY A 36 9.43 16.70 6.29
CA GLY A 36 10.36 16.61 7.41
C GLY A 36 9.73 16.00 8.64
N GLN A 37 8.71 15.18 8.43
CA GLN A 37 8.02 14.53 9.54
C GLN A 37 8.20 13.02 9.49
N LYS A 38 9.33 12.54 10.01
CA LYS A 38 9.63 11.12 10.02
C LYS A 38 8.57 10.35 10.81
N GLU A 39 8.37 10.76 12.06
CA GLU A 39 7.38 10.11 12.92
C GLU A 39 6.12 9.77 12.14
N GLU A 40 5.36 10.81 11.77
CA GLU A 40 4.13 10.62 11.01
C GLU A 40 4.35 9.68 9.83
N ALA A 41 5.35 9.99 9.01
CA ALA A 41 5.66 9.18 7.85
C ALA A 41 5.66 7.68 8.20
N LYS A 42 6.33 7.34 9.29
CA LYS A 42 6.41 5.96 9.74
C LYS A 42 5.03 5.41 10.04
N ASN A 43 4.18 6.24 10.63
CA ASN A 43 2.82 5.82 10.96
C ASN A 43 2.00 5.55 9.70
N TYR A 44 2.08 6.49 8.74
CA TYR A 44 1.36 6.35 7.50
C TYR A 44 1.62 5.00 6.84
N TYR A 45 2.88 4.65 6.72
CA TYR A 45 3.28 3.38 6.12
C TYR A 45 2.79 2.21 6.96
N LYS A 46 2.75 2.41 8.27
CA LYS A 46 2.30 1.37 9.19
C LYS A 46 0.84 1.00 8.93
N GLN A 47 0.10 1.93 8.32
CA GLN A 47 -1.31 1.71 8.02
C GLN A 47 -1.47 1.12 6.63
N GLY A 48 -0.88 1.78 5.64
CA GLY A 48 -0.98 1.31 4.26
C GLY A 48 -0.53 -0.13 4.11
N ILE A 49 0.46 -0.52 4.90
CA ILE A 49 0.99 -1.87 4.84
C ILE A 49 -0.11 -2.90 5.13
N GLY A 50 -0.96 -2.59 6.10
CA GLY A 50 -2.04 -3.48 6.46
C GLY A 50 -3.04 -3.68 5.32
N HIS A 51 -3.59 -2.57 4.83
CA HIS A 51 -4.55 -2.62 3.74
C HIS A 51 -4.03 -3.46 2.58
N LEU A 52 -2.74 -3.31 2.29
CA LEU A 52 -2.11 -4.05 1.20
C LEU A 52 -2.38 -5.55 1.34
N LEU A 53 -2.17 -6.08 2.54
CA LEU A 53 -2.40 -7.49 2.79
C LEU A 53 -3.88 -7.84 2.66
N ARG A 54 -4.72 -7.10 3.38
CA ARG A 54 -6.16 -7.34 3.35
C ARG A 54 -6.64 -7.52 1.91
N GLY A 55 -5.97 -6.88 0.97
CA GLY A 55 -6.34 -6.98 -0.43
C GLY A 55 -5.65 -8.14 -1.12
N ILE A 56 -4.46 -8.48 -0.66
CA ILE A 56 -3.70 -9.58 -1.24
C ILE A 56 -4.11 -10.92 -0.64
N SER A 57 -4.81 -10.86 0.48
CA SER A 57 -5.27 -12.07 1.16
C SER A 57 -6.74 -12.34 0.87
N ILE A 58 -7.08 -12.41 -0.41
CA ILE A 58 -8.46 -12.65 -0.83
C ILE A 58 -8.56 -13.93 -1.64
N SER A 59 -9.75 -14.54 -1.63
CA SER A 59 -9.97 -15.79 -2.36
C SER A 59 -10.09 -15.51 -3.85
N SER A 60 -8.94 -15.39 -4.51
CA SER A 60 -8.91 -15.11 -5.95
C SER A 60 -8.72 -16.40 -6.73
N LYS A 61 -9.34 -17.48 -6.26
CA LYS A 61 -9.24 -18.78 -6.91
C LYS A 61 -10.62 -19.42 -7.04
N GLU A 62 -11.17 -19.43 -8.24
CA GLU A 62 -12.48 -20.02 -8.49
C GLU A 62 -12.55 -20.61 -9.89
N SER A 63 -13.08 -21.82 -9.99
CA SER A 63 -13.21 -22.50 -11.27
C SER A 63 -14.56 -22.21 -11.92
N GLU A 64 -15.03 -20.98 -11.74
CA GLU A 64 -16.32 -20.57 -12.30
C GLU A 64 -16.52 -19.07 -12.17
N HIS A 65 -15.44 -18.31 -12.34
CA HIS A 65 -15.50 -16.86 -12.24
C HIS A 65 -14.97 -16.21 -13.51
N THR A 66 -15.79 -16.22 -14.56
CA THR A 66 -15.41 -15.64 -15.84
C THR A 66 -16.11 -14.30 -16.05
N GLY A 67 -15.46 -13.22 -15.64
CA GLY A 67 -16.04 -11.90 -15.79
C GLY A 67 -14.98 -10.82 -15.98
N PRO A 68 -15.38 -9.70 -16.59
CA PRO A 68 -14.47 -8.57 -16.85
C PRO A 68 -14.07 -7.86 -15.56
N GLY A 69 -14.95 -7.87 -14.57
CA GLY A 69 -14.67 -7.21 -13.31
C GLY A 69 -13.48 -7.83 -12.59
N TRP A 70 -13.33 -9.14 -12.74
CA TRP A 70 -12.22 -9.86 -12.10
C TRP A 70 -10.89 -9.53 -12.78
N GLU A 71 -10.97 -9.05 -14.00
CA GLU A 71 -9.78 -8.69 -14.76
C GLU A 71 -9.06 -7.51 -14.13
N SER A 72 -9.76 -6.37 -14.06
CA SER A 72 -9.18 -5.16 -13.47
C SER A 72 -8.78 -5.40 -12.02
N ALA A 73 -9.56 -6.21 -11.32
CA ALA A 73 -9.28 -6.52 -9.93
C ALA A 73 -7.94 -7.24 -9.77
N ARG A 74 -7.71 -8.23 -10.62
CA ARG A 74 -6.47 -9.00 -10.59
C ARG A 74 -5.26 -8.09 -10.82
N GLN A 75 -5.47 -7.06 -11.65
CA GLN A 75 -4.40 -6.13 -11.96
C GLN A 75 -3.98 -5.33 -10.73
N MET A 76 -4.95 -4.67 -10.10
CA MET A 76 -4.69 -3.87 -8.91
C MET A 76 -4.01 -4.72 -7.83
N GLN A 77 -4.48 -5.94 -7.66
CA GLN A 77 -3.92 -6.85 -6.67
C GLN A 77 -2.41 -6.98 -6.84
N GLN A 78 -1.98 -7.23 -8.07
CA GLN A 78 -0.56 -7.38 -8.37
C GLN A 78 0.22 -6.13 -7.96
N LYS A 79 -0.38 -4.97 -8.21
CA LYS A 79 0.25 -3.70 -7.86
C LYS A 79 0.76 -3.72 -6.42
N MET A 80 -0.12 -4.07 -5.49
CA MET A 80 0.24 -4.12 -4.08
C MET A 80 1.45 -5.03 -3.87
N LYS A 81 1.30 -6.30 -4.25
CA LYS A 81 2.38 -7.27 -4.10
C LYS A 81 3.72 -6.66 -4.51
N GLU A 82 3.66 -5.64 -5.35
CA GLU A 82 4.87 -4.97 -5.83
C GLU A 82 5.19 -3.76 -4.96
N THR A 83 4.16 -3.06 -4.52
CA THR A 83 4.32 -1.88 -3.70
C THR A 83 4.83 -2.24 -2.30
N LEU A 84 4.18 -3.23 -1.69
CA LEU A 84 4.57 -3.67 -0.35
C LEU A 84 6.08 -3.87 -0.26
N GLN A 85 6.60 -4.80 -1.04
CA GLN A 85 8.03 -5.08 -1.06
C GLN A 85 8.85 -3.79 -1.13
N ASN A 86 8.25 -2.75 -1.72
CA ASN A 86 8.91 -1.46 -1.86
C ASN A 86 8.69 -0.61 -0.61
N VAL A 87 7.52 -0.77 0.02
CA VAL A 87 7.20 -0.02 1.22
C VAL A 87 8.02 -0.50 2.42
N ARG A 88 8.06 -1.81 2.60
CA ARG A 88 8.81 -2.39 3.71
C ARG A 88 10.19 -1.74 3.85
N THR A 89 10.88 -1.60 2.72
CA THR A 89 12.20 -0.99 2.71
C THR A 89 12.16 0.43 3.25
N ARG A 90 11.16 1.20 2.81
CA ARG A 90 11.00 2.58 3.25
C ARG A 90 10.80 2.65 4.77
N LEU A 91 9.92 1.79 5.28
CA LEU A 91 9.63 1.75 6.71
C LEU A 91 10.85 1.26 7.50
N GLU A 92 11.85 0.76 6.79
CA GLU A 92 13.06 0.26 7.42
C GLU A 92 14.10 1.37 7.57
N ILE A 93 14.49 1.96 6.44
CA ILE A 93 15.48 3.03 6.44
C ILE A 93 15.01 4.20 7.31
N LEU A 94 13.72 4.27 7.56
CA LEU A 94 13.14 5.33 8.38
C LEU A 94 13.40 5.07 9.87
N GLU A 95 12.92 3.93 10.35
CA GLU A 95 13.09 3.56 11.75
C GLU A 95 14.58 3.54 12.12
N LYS A 96 15.38 2.92 11.27
CA LYS A 96 16.82 2.83 11.50
C LYS A 96 17.48 4.21 11.42
N GLY A 97 16.73 5.18 10.91
CA GLY A 97 17.25 6.54 10.78
C GLY A 97 16.84 7.43 11.93
N LEU A 98 15.82 7.00 12.67
CA LEU A 98 15.32 7.78 13.80
C LEU A 98 16.01 7.35 15.09
N ALA A 99 15.78 6.11 15.50
CA ALA A 99 16.37 5.57 16.71
C ALA A 99 17.89 5.73 16.69
N THR A 100 18.46 6.09 17.84
CA THR A 100 19.90 6.29 17.95
C THR A 100 20.54 5.16 18.76
N SER A 101 19.70 4.40 19.46
CA SER A 101 20.20 3.29 20.28
C SER A 101 19.91 1.95 19.60
N LEU A 102 18.63 1.63 19.45
CA LEU A 102 18.22 0.38 18.82
C LEU A 102 16.74 0.40 18.49
N GLN A 103 16.37 -0.29 17.41
CA GLN A 103 14.97 -0.35 16.98
C GLN A 103 14.76 -1.47 15.96
N ASN A 104 14.50 -2.67 16.44
CA ASN A 104 14.28 -3.82 15.57
C ASN A 104 15.48 -4.04 14.65
N ASP A 105 16.27 -5.06 14.95
CA ASP A 105 17.44 -5.37 14.15
C ASP A 105 17.78 -6.86 14.24
N LEU A 106 18.57 -7.23 15.26
CA LEU A 106 18.96 -8.61 15.45
C LEU A 106 17.80 -9.55 15.15
N GLN A 107 17.77 -10.08 13.93
CA GLN A 107 16.72 -11.00 13.52
C GLN A 107 17.18 -11.87 12.36
N GLU A 108 16.92 -13.17 12.46
CA GLU A 108 17.31 -14.11 11.42
C GLU A 108 16.32 -15.26 11.32
N VAL A 109 15.24 -15.05 10.58
CA VAL A 109 14.21 -16.07 10.40
C VAL A 109 14.82 -17.47 10.41
N PRO A 110 14.09 -18.44 11.00
CA PRO A 110 14.55 -19.83 11.09
C PRO A 110 14.54 -20.53 9.74
N SER A 111 15.68 -20.48 9.05
CA SER A 111 15.80 -21.10 7.73
C SER A 111 15.11 -22.45 7.71
N GLY A 112 15.52 -23.34 8.62
CA GLY A 112 14.93 -24.66 8.69
C GLY A 112 14.18 -24.89 9.98
N PRO A 113 13.45 -26.02 10.05
CA PRO A 113 12.66 -26.38 11.24
C PRO A 113 13.55 -26.76 12.42
N SER A 114 14.78 -27.17 12.12
CA SER A 114 15.73 -27.57 13.16
C SER A 114 17.12 -27.78 12.57
N SER A 115 18.11 -27.12 13.17
CA SER A 115 19.49 -27.24 12.71
C SER A 115 20.07 -28.61 13.05
N GLY A 116 19.55 -29.65 12.39
CA GLY A 116 20.03 -30.99 12.63
C GLY A 116 19.32 -32.02 11.76
N GLY A 1 -15.91 10.47 -12.60
CA GLY A 1 -15.63 10.40 -14.01
C GLY A 1 -16.38 9.27 -14.70
N SER A 2 -15.98 8.04 -14.43
CA SER A 2 -16.63 6.88 -15.02
C SER A 2 -16.38 5.63 -14.18
N SER A 3 -16.69 5.72 -12.89
CA SER A 3 -16.51 4.60 -11.98
C SER A 3 -17.83 4.26 -11.27
N GLY A 4 -17.82 3.14 -10.57
CA GLY A 4 -19.02 2.71 -9.85
C GLY A 4 -18.89 1.30 -9.31
N SER A 5 -19.15 1.14 -8.02
CA SER A 5 -19.07 -0.17 -7.38
C SER A 5 -20.36 -0.95 -7.56
N SER A 6 -20.55 -1.99 -6.75
CA SER A 6 -21.74 -2.83 -6.82
C SER A 6 -21.77 -3.60 -8.14
N GLY A 7 -22.50 -4.71 -8.15
CA GLY A 7 -22.60 -5.53 -9.33
C GLY A 7 -21.48 -6.54 -9.44
N GLU A 8 -20.61 -6.58 -8.44
CA GLU A 8 -19.49 -7.51 -8.43
C GLU A 8 -19.48 -8.33 -7.14
N PRO A 9 -18.63 -9.38 -7.12
CA PRO A 9 -18.50 -10.26 -5.96
C PRO A 9 -17.84 -9.57 -4.77
N ALA A 10 -18.41 -9.75 -3.59
CA ALA A 10 -17.87 -9.15 -2.38
C ALA A 10 -16.34 -9.14 -2.40
N GLU A 11 -15.76 -10.14 -3.07
CA GLU A 11 -14.32 -10.25 -3.16
C GLU A 11 -13.72 -9.05 -3.88
N ILE A 12 -14.24 -8.76 -5.07
CA ILE A 12 -13.77 -7.63 -5.86
C ILE A 12 -13.97 -6.31 -5.12
N LYS A 13 -15.22 -5.93 -4.94
CA LYS A 13 -15.56 -4.69 -4.23
C LYS A 13 -14.60 -4.45 -3.08
N ILE A 14 -14.32 -5.51 -2.32
CA ILE A 14 -13.42 -5.40 -1.18
C ILE A 14 -12.01 -5.00 -1.62
N ILE A 15 -11.46 -5.76 -2.56
CA ILE A 15 -10.12 -5.48 -3.07
C ILE A 15 -10.00 -4.03 -3.54
N ARG A 16 -11.10 -3.48 -4.01
CA ARG A 16 -11.13 -2.10 -4.49
C ARG A 16 -10.90 -1.12 -3.33
N GLU A 17 -11.70 -1.26 -2.29
CA GLU A 17 -11.58 -0.39 -1.12
C GLU A 17 -10.19 -0.51 -0.49
N ALA A 18 -9.76 -1.74 -0.26
CA ALA A 18 -8.44 -1.99 0.33
C ALA A 18 -7.34 -1.41 -0.53
N TYR A 19 -7.41 -1.65 -1.84
CA TYR A 19 -6.41 -1.15 -2.77
C TYR A 19 -6.29 0.37 -2.68
N LYS A 20 -7.43 1.05 -2.68
CA LYS A 20 -7.45 2.50 -2.60
C LYS A 20 -6.82 2.99 -1.31
N LYS A 21 -7.45 2.68 -0.18
CA LYS A 21 -6.94 3.08 1.13
C LYS A 21 -5.48 2.66 1.29
N ALA A 22 -5.13 1.51 0.72
CA ALA A 22 -3.76 1.01 0.80
C ALA A 22 -2.80 1.92 0.04
N PHE A 23 -3.24 2.42 -1.10
CA PHE A 23 -2.43 3.30 -1.92
C PHE A 23 -2.62 4.77 -1.51
N LEU A 24 -3.66 5.03 -0.75
CA LEU A 24 -3.96 6.38 -0.29
C LEU A 24 -3.00 6.80 0.81
N PHE A 25 -2.88 5.97 1.84
CA PHE A 25 -2.00 6.26 2.96
C PHE A 25 -0.54 6.29 2.51
N VAL A 26 -0.22 5.46 1.52
CA VAL A 26 1.14 5.40 0.99
C VAL A 26 1.57 6.74 0.40
N ASN A 27 0.73 7.30 -0.47
CA ASN A 27 1.02 8.58 -1.10
C ASN A 27 1.32 9.64 -0.06
N LYS A 28 0.79 9.46 1.14
CA LYS A 28 1.00 10.40 2.24
C LYS A 28 2.39 10.22 2.85
N GLY A 29 2.72 8.97 3.18
CA GLY A 29 4.03 8.69 3.76
C GLY A 29 5.17 9.32 2.98
N LEU A 30 5.07 9.29 1.66
CA LEU A 30 6.10 9.86 0.81
C LEU A 30 6.19 11.36 1.00
N ASN A 31 5.03 12.01 1.15
CA ASN A 31 4.98 13.45 1.33
C ASN A 31 5.60 13.85 2.67
N THR A 32 4.94 13.45 3.77
CA THR A 32 5.43 13.76 5.11
C THR A 32 6.94 13.64 5.18
N ASP A 33 7.46 12.49 4.77
CA ASP A 33 8.90 12.25 4.79
C ASP A 33 9.67 13.46 4.27
N GLU A 34 9.23 13.98 3.13
CA GLU A 34 9.87 15.15 2.54
C GLU A 34 9.71 16.39 3.42
N LEU A 35 8.54 16.51 4.03
CA LEU A 35 8.25 17.64 4.91
C LEU A 35 9.12 17.59 6.16
N GLY A 36 9.55 16.39 6.52
CA GLY A 36 10.38 16.23 7.70
C GLY A 36 9.62 15.61 8.86
N GLN A 37 8.48 14.99 8.56
CA GLN A 37 7.67 14.37 9.59
C GLN A 37 7.99 12.88 9.71
N LYS A 38 8.97 12.55 10.54
CA LYS A 38 9.38 11.16 10.74
C LYS A 38 8.26 10.37 11.44
N GLU A 39 7.76 10.92 12.54
CA GLU A 39 6.70 10.26 13.30
C GLU A 39 5.50 9.96 12.40
N GLU A 40 4.89 11.01 11.86
CA GLU A 40 3.74 10.85 10.98
C GLU A 40 4.04 9.91 9.83
N ALA A 41 5.18 10.15 9.18
CA ALA A 41 5.60 9.33 8.04
C ALA A 41 5.60 7.85 8.42
N LYS A 42 6.43 7.49 9.40
CA LYS A 42 6.53 6.11 9.85
C LYS A 42 5.14 5.50 10.03
N ASN A 43 4.25 6.23 10.68
CA ASN A 43 2.90 5.77 10.93
C ASN A 43 2.20 5.44 9.61
N TYR A 44 2.11 6.43 8.73
CA TYR A 44 1.47 6.24 7.44
C TYR A 44 1.83 4.88 6.83
N TYR A 45 3.12 4.68 6.61
CA TYR A 45 3.60 3.43 6.02
C TYR A 45 3.12 2.22 6.85
N LYS A 46 3.24 2.34 8.16
CA LYS A 46 2.82 1.26 9.06
C LYS A 46 1.31 1.04 8.96
N GLN A 47 0.62 1.98 8.33
CA GLN A 47 -0.83 1.88 8.17
C GLN A 47 -1.19 1.22 6.84
N GLY A 48 -0.73 1.82 5.75
CA GLY A 48 -1.01 1.27 4.43
C GLY A 48 -0.60 -0.17 4.30
N ILE A 49 0.41 -0.58 5.06
CA ILE A 49 0.89 -1.96 5.03
C ILE A 49 -0.23 -2.93 5.34
N GLY A 50 -1.15 -2.53 6.22
CA GLY A 50 -2.26 -3.38 6.59
C GLY A 50 -3.31 -3.48 5.49
N HIS A 51 -3.77 -2.32 5.02
CA HIS A 51 -4.77 -2.28 3.96
C HIS A 51 -4.29 -3.02 2.72
N LEU A 52 -3.00 -3.31 2.67
CA LEU A 52 -2.41 -4.02 1.54
C LEU A 52 -2.69 -5.52 1.63
N LEU A 53 -2.34 -6.12 2.77
CA LEU A 53 -2.56 -7.54 2.99
C LEU A 53 -4.04 -7.90 2.82
N ARG A 54 -4.91 -7.05 3.36
CA ARG A 54 -6.34 -7.27 3.28
C ARG A 54 -6.78 -7.49 1.83
N GLY A 55 -6.06 -6.86 0.90
CA GLY A 55 -6.38 -7.00 -0.51
C GLY A 55 -5.73 -8.21 -1.14
N ILE A 56 -4.50 -8.51 -0.71
CA ILE A 56 -3.77 -9.65 -1.24
C ILE A 56 -4.20 -10.94 -0.56
N SER A 57 -4.93 -10.81 0.54
CA SER A 57 -5.41 -11.97 1.28
C SER A 57 -6.85 -12.31 0.91
N ILE A 58 -7.26 -11.88 -0.28
CA ILE A 58 -8.61 -12.14 -0.75
C ILE A 58 -8.66 -13.39 -1.63
N SER A 59 -7.49 -13.96 -1.89
CA SER A 59 -7.40 -15.17 -2.72
C SER A 59 -8.01 -14.93 -4.09
N SER A 60 -7.18 -14.52 -5.04
CA SER A 60 -7.65 -14.26 -6.40
C SER A 60 -7.69 -15.55 -7.22
N LYS A 61 -8.23 -16.60 -6.61
CA LYS A 61 -8.33 -17.89 -7.29
C LYS A 61 -9.75 -18.11 -7.81
N GLU A 62 -10.66 -18.49 -6.91
CA GLU A 62 -12.05 -18.73 -7.30
C GLU A 62 -12.13 -19.37 -8.68
N SER A 63 -12.08 -20.70 -8.72
CA SER A 63 -12.15 -21.42 -9.98
C SER A 63 -13.59 -21.58 -10.45
N GLU A 64 -14.09 -20.57 -11.14
CA GLU A 64 -15.45 -20.59 -11.64
C GLU A 64 -15.72 -19.40 -12.56
N HIS A 65 -15.74 -18.20 -11.99
CA HIS A 65 -15.99 -16.99 -12.76
C HIS A 65 -15.12 -16.96 -14.01
N THR A 66 -15.75 -16.76 -15.17
CA THR A 66 -15.05 -16.72 -16.43
C THR A 66 -15.02 -15.30 -17.00
N GLY A 67 -15.91 -14.45 -16.50
CA GLY A 67 -15.97 -13.08 -16.97
C GLY A 67 -14.72 -12.30 -16.64
N PRO A 68 -14.47 -11.22 -17.40
CA PRO A 68 -13.30 -10.36 -17.20
C PRO A 68 -13.39 -9.55 -15.91
N GLY A 69 -14.49 -9.72 -15.18
CA GLY A 69 -14.67 -9.01 -13.93
C GLY A 69 -13.48 -9.14 -13.00
N TRP A 70 -12.80 -10.28 -13.09
CA TRP A 70 -11.64 -10.55 -12.25
C TRP A 70 -10.37 -9.95 -12.85
N GLU A 71 -10.44 -9.63 -14.14
CA GLU A 71 -9.31 -9.05 -14.84
C GLU A 71 -8.84 -7.77 -14.16
N SER A 72 -9.70 -6.77 -14.16
CA SER A 72 -9.38 -5.48 -13.53
C SER A 72 -8.98 -5.66 -12.08
N ALA A 73 -9.77 -6.44 -11.35
CA ALA A 73 -9.49 -6.71 -9.94
C ALA A 73 -8.12 -7.33 -9.75
N ARG A 74 -7.69 -8.10 -10.75
CA ARG A 74 -6.39 -8.78 -10.69
C ARG A 74 -5.26 -7.79 -11.00
N GLN A 75 -5.61 -6.67 -11.64
CA GLN A 75 -4.64 -5.66 -11.99
C GLN A 75 -4.24 -4.82 -10.77
N MET A 76 -5.24 -4.45 -9.98
CA MET A 76 -4.99 -3.66 -8.78
C MET A 76 -4.27 -4.48 -7.72
N GLN A 77 -4.49 -5.79 -7.73
CA GLN A 77 -3.86 -6.68 -6.78
C GLN A 77 -2.36 -6.83 -7.08
N GLN A 78 -2.03 -6.96 -8.36
CA GLN A 78 -0.63 -7.10 -8.76
C GLN A 78 0.16 -5.85 -8.43
N LYS A 79 -0.48 -4.69 -8.55
CA LYS A 79 0.18 -3.42 -8.26
C LYS A 79 0.52 -3.32 -6.77
N MET A 80 -0.36 -3.83 -5.92
CA MET A 80 -0.15 -3.79 -4.48
C MET A 80 1.09 -4.59 -4.10
N LYS A 81 1.03 -5.90 -4.29
CA LYS A 81 2.15 -6.78 -3.97
C LYS A 81 3.47 -6.10 -4.27
N GLU A 82 3.72 -5.82 -5.55
CA GLU A 82 4.96 -5.17 -5.95
C GLU A 82 5.22 -3.92 -5.12
N THR A 83 4.15 -3.24 -4.73
CA THR A 83 4.26 -2.01 -3.94
C THR A 83 4.63 -2.34 -2.49
N LEU A 84 4.19 -3.51 -2.02
CA LEU A 84 4.47 -3.94 -0.66
C LEU A 84 5.98 -4.04 -0.42
N GLN A 85 6.60 -5.02 -1.06
CA GLN A 85 8.04 -5.22 -0.92
C GLN A 85 8.78 -3.89 -0.94
N ASN A 86 8.29 -2.95 -1.74
CA ASN A 86 8.91 -1.64 -1.85
C ASN A 86 8.61 -0.79 -0.62
N VAL A 87 7.40 -0.94 -0.09
CA VAL A 87 6.98 -0.19 1.09
C VAL A 87 7.74 -0.67 2.33
N ARG A 88 7.72 -1.97 2.57
CA ARG A 88 8.40 -2.54 3.73
C ARG A 88 9.75 -1.86 3.96
N THR A 89 10.67 -2.04 3.01
CA THR A 89 11.99 -1.44 3.12
C THR A 89 11.90 0.07 3.23
N ARG A 90 11.10 0.69 2.38
CA ARG A 90 10.93 2.13 2.40
C ARG A 90 10.53 2.62 3.78
N LEU A 91 9.85 1.76 4.53
CA LEU A 91 9.41 2.09 5.88
C LEU A 91 10.53 1.88 6.89
N GLU A 92 11.43 0.96 6.59
CA GLU A 92 12.55 0.67 7.47
C GLU A 92 13.53 1.84 7.52
N ILE A 93 14.04 2.22 6.34
CA ILE A 93 14.99 3.31 6.26
C ILE A 93 14.65 4.42 7.25
N LEU A 94 13.37 4.78 7.31
CA LEU A 94 12.92 5.83 8.22
C LEU A 94 13.31 5.50 9.66
N GLU A 95 13.12 4.24 10.04
CA GLU A 95 13.45 3.80 11.39
C GLU A 95 14.96 3.88 11.64
N LYS A 96 15.72 3.08 10.91
CA LYS A 96 17.17 3.07 11.05
C LYS A 96 17.76 4.43 10.69
N GLY A 97 16.95 5.28 10.06
CA GLY A 97 17.41 6.60 9.68
C GLY A 97 17.32 7.60 10.81
N LEU A 98 16.49 7.30 11.80
CA LEU A 98 16.32 8.19 12.95
C LEU A 98 17.63 8.34 13.72
N ALA A 99 18.28 7.23 14.01
CA ALA A 99 19.54 7.24 14.73
C ALA A 99 20.46 8.35 14.22
N THR A 100 21.29 8.01 13.24
CA THR A 100 22.22 8.97 12.66
C THR A 100 21.59 9.70 11.48
N SER A 101 22.23 10.79 11.04
CA SER A 101 21.72 11.57 9.92
C SER A 101 21.41 10.67 8.73
N LEU A 102 20.45 11.09 7.91
CA LEU A 102 20.07 10.33 6.74
C LEU A 102 20.72 10.89 5.47
N GLN A 103 21.08 10.00 4.55
CA GLN A 103 21.72 10.41 3.31
C GLN A 103 20.70 10.54 2.19
N ASN A 104 20.40 9.43 1.52
CA ASN A 104 19.43 9.44 0.42
C ASN A 104 19.66 10.63 -0.50
N ASP A 105 20.69 10.54 -1.34
CA ASP A 105 21.01 11.60 -2.28
C ASP A 105 19.85 11.85 -3.24
N LEU A 106 19.84 11.14 -4.35
CA LEU A 106 18.78 11.28 -5.35
C LEU A 106 17.41 11.02 -4.73
N GLN A 107 16.44 11.85 -5.09
CA GLN A 107 15.09 11.70 -4.56
C GLN A 107 14.52 10.32 -4.90
N GLU A 108 13.28 10.08 -4.48
CA GLU A 108 12.64 8.80 -4.73
C GLU A 108 11.13 8.97 -4.85
N VAL A 109 10.70 10.12 -5.35
CA VAL A 109 9.28 10.41 -5.51
C VAL A 109 8.94 10.61 -6.98
N PRO A 110 7.64 10.48 -7.31
CA PRO A 110 7.15 10.64 -8.68
C PRO A 110 7.21 12.09 -9.15
N SER A 111 6.89 12.30 -10.41
CA SER A 111 6.90 13.65 -10.99
C SER A 111 5.84 14.54 -10.34
N GLY A 112 4.58 14.24 -10.63
CA GLY A 112 3.49 15.01 -10.07
C GLY A 112 2.13 14.56 -10.58
N PRO A 113 1.06 15.06 -9.95
CA PRO A 113 -0.31 14.72 -10.33
C PRO A 113 -0.71 15.32 -11.68
N SER A 114 -0.87 14.47 -12.68
CA SER A 114 -1.24 14.91 -14.02
C SER A 114 -2.51 15.76 -13.97
N SER A 115 -3.42 15.40 -13.08
CA SER A 115 -4.69 16.13 -12.93
C SER A 115 -5.40 16.24 -14.28
N GLY A 116 -5.94 15.13 -14.74
CA GLY A 116 -6.65 15.12 -16.02
C GLY A 116 -7.92 14.30 -15.97
N GLY A 1 -29.83 -8.62 -10.03
CA GLY A 1 -28.68 -9.49 -9.86
C GLY A 1 -28.32 -10.24 -11.13
N SER A 2 -28.84 -9.76 -12.26
CA SER A 2 -28.58 -10.40 -13.54
C SER A 2 -27.73 -9.51 -14.43
N SER A 3 -26.97 -8.61 -13.80
CA SER A 3 -26.11 -7.69 -14.53
C SER A 3 -24.88 -7.32 -13.71
N GLY A 4 -24.08 -6.40 -14.23
CA GLY A 4 -22.87 -5.98 -13.55
C GLY A 4 -23.02 -4.61 -12.90
N SER A 5 -22.09 -3.72 -13.19
CA SER A 5 -22.12 -2.37 -12.64
C SER A 5 -22.06 -2.42 -11.11
N SER A 6 -23.19 -2.73 -10.49
CA SER A 6 -23.27 -2.80 -9.04
C SER A 6 -22.98 -4.22 -8.54
N GLY A 7 -23.68 -5.19 -9.14
CA GLY A 7 -23.50 -6.57 -8.75
C GLY A 7 -22.05 -7.00 -8.80
N GLU A 8 -21.46 -7.27 -7.64
CA GLU A 8 -20.07 -7.69 -7.57
C GLU A 8 -19.84 -8.60 -6.36
N PRO A 9 -18.89 -9.54 -6.50
CA PRO A 9 -18.56 -10.49 -5.44
C PRO A 9 -17.86 -9.82 -4.26
N ALA A 10 -18.29 -10.16 -3.04
CA ALA A 10 -17.71 -9.59 -1.84
C ALA A 10 -16.18 -9.53 -1.95
N GLU A 11 -15.61 -10.49 -2.65
CA GLU A 11 -14.16 -10.54 -2.82
C GLU A 11 -13.65 -9.29 -3.53
N ILE A 12 -14.18 -9.03 -4.71
CA ILE A 12 -13.78 -7.87 -5.50
C ILE A 12 -14.10 -6.58 -4.76
N LYS A 13 -15.31 -6.50 -4.21
CA LYS A 13 -15.74 -5.31 -3.48
C LYS A 13 -14.69 -4.90 -2.46
N ILE A 14 -14.10 -5.88 -1.77
CA ILE A 14 -13.08 -5.62 -0.78
C ILE A 14 -11.81 -5.07 -1.42
N ILE A 15 -11.30 -5.78 -2.41
CA ILE A 15 -10.09 -5.37 -3.12
C ILE A 15 -10.21 -3.93 -3.61
N ARG A 16 -11.41 -3.54 -4.02
CA ARG A 16 -11.65 -2.19 -4.51
C ARG A 16 -11.29 -1.16 -3.46
N GLU A 17 -11.81 -1.36 -2.24
CA GLU A 17 -11.55 -0.44 -1.14
C GLU A 17 -10.08 -0.48 -0.75
N ALA A 18 -9.59 -1.67 -0.41
CA ALA A 18 -8.20 -1.84 -0.01
C ALA A 18 -7.25 -1.28 -1.06
N TYR A 19 -7.60 -1.46 -2.32
CA TYR A 19 -6.78 -0.96 -3.42
C TYR A 19 -6.57 0.54 -3.31
N LYS A 20 -7.55 1.23 -2.75
CA LYS A 20 -7.48 2.68 -2.58
C LYS A 20 -6.77 3.04 -1.28
N LYS A 21 -7.42 2.73 -0.16
CA LYS A 21 -6.84 3.04 1.15
C LYS A 21 -5.36 2.67 1.20
N ALA A 22 -5.04 1.47 0.73
CA ALA A 22 -3.66 1.01 0.71
C ALA A 22 -2.77 1.97 -0.06
N PHE A 23 -3.18 2.30 -1.28
CA PHE A 23 -2.42 3.22 -2.12
C PHE A 23 -2.59 4.65 -1.65
N LEU A 24 -3.56 4.88 -0.79
CA LEU A 24 -3.84 6.22 -0.27
C LEU A 24 -2.89 6.55 0.88
N PHE A 25 -2.92 5.72 1.92
CA PHE A 25 -2.07 5.92 3.10
C PHE A 25 -0.61 5.94 2.69
N VAL A 26 -0.30 5.31 1.56
CA VAL A 26 1.08 5.25 1.07
C VAL A 26 1.58 6.64 0.68
N ASN A 27 0.92 7.23 -0.32
CA ASN A 27 1.30 8.56 -0.79
C ASN A 27 1.63 9.48 0.38
N LYS A 28 0.80 9.42 1.42
CA LYS A 28 1.00 10.25 2.60
C LYS A 28 2.35 9.99 3.24
N GLY A 29 2.70 8.71 3.37
CA GLY A 29 3.97 8.34 3.96
C GLY A 29 5.15 8.87 3.18
N LEU A 30 4.98 9.00 1.87
CA LEU A 30 6.04 9.51 1.00
C LEU A 30 6.20 11.02 1.17
N ASN A 31 5.09 11.73 1.24
CA ASN A 31 5.11 13.17 1.40
C ASN A 31 5.85 13.57 2.67
N THR A 32 5.36 13.09 3.81
CA THR A 32 5.98 13.39 5.10
C THR A 32 7.49 13.19 5.04
N ASP A 33 7.91 12.04 4.53
CA ASP A 33 9.33 11.73 4.43
C ASP A 33 10.08 12.83 3.67
N GLU A 34 9.41 13.40 2.67
CA GLU A 34 10.02 14.47 1.87
C GLU A 34 10.09 15.76 2.67
N LEU A 35 9.03 16.05 3.42
CA LEU A 35 8.96 17.27 4.22
C LEU A 35 9.94 17.19 5.39
N GLY A 36 10.17 15.98 5.90
CA GLY A 36 11.08 15.79 7.01
C GLY A 36 10.45 15.04 8.16
N GLN A 37 9.13 14.85 8.08
CA GLN A 37 8.40 14.15 9.13
C GLN A 37 8.81 12.68 9.19
N LYS A 38 9.56 12.32 10.22
CA LYS A 38 10.02 10.95 10.40
C LYS A 38 9.00 10.13 11.18
N GLU A 39 8.21 10.81 12.01
CA GLU A 39 7.20 10.15 12.81
C GLU A 39 5.93 9.88 12.00
N GLU A 40 5.22 10.95 11.67
CA GLU A 40 3.98 10.83 10.89
C GLU A 40 4.17 9.86 9.72
N ALA A 41 5.40 9.77 9.23
CA ALA A 41 5.72 8.88 8.12
C ALA A 41 5.62 7.42 8.54
N LYS A 42 6.40 7.05 9.54
CA LYS A 42 6.40 5.67 10.04
C LYS A 42 4.98 5.18 10.30
N ASN A 43 4.12 6.10 10.75
CA ASN A 43 2.73 5.76 11.04
C ASN A 43 1.93 5.58 9.75
N TYR A 44 1.88 6.64 8.94
CA TYR A 44 1.15 6.60 7.68
C TYR A 44 1.42 5.29 6.94
N TYR A 45 2.62 4.75 7.12
CA TYR A 45 3.00 3.50 6.47
C TYR A 45 2.43 2.29 7.21
N LYS A 46 2.50 2.34 8.54
CA LYS A 46 1.99 1.25 9.37
C LYS A 46 0.54 0.95 9.02
N GLN A 47 -0.10 1.86 8.30
CA GLN A 47 -1.50 1.68 7.91
C GLN A 47 -1.59 1.07 6.52
N GLY A 48 -0.99 1.74 5.54
CA GLY A 48 -1.01 1.25 4.18
C GLY A 48 -0.61 -0.22 4.08
N ILE A 49 0.32 -0.63 4.93
CA ILE A 49 0.80 -2.01 4.94
C ILE A 49 -0.36 -2.98 5.16
N GLY A 50 -1.00 -2.86 6.32
CA GLY A 50 -2.11 -3.73 6.64
C GLY A 50 -3.12 -3.82 5.53
N HIS A 51 -3.58 -2.67 5.04
CA HIS A 51 -4.55 -2.62 3.96
C HIS A 51 -4.10 -3.47 2.79
N LEU A 52 -2.88 -3.25 2.32
CA LEU A 52 -2.33 -3.99 1.20
C LEU A 52 -2.65 -5.48 1.33
N LEU A 53 -2.39 -6.03 2.51
CA LEU A 53 -2.65 -7.45 2.77
C LEU A 53 -4.14 -7.74 2.74
N ARG A 54 -4.94 -6.75 3.12
CA ARG A 54 -6.40 -6.90 3.14
C ARG A 54 -6.92 -7.19 1.73
N GLY A 55 -6.29 -6.58 0.73
CA GLY A 55 -6.71 -6.78 -0.64
C GLY A 55 -5.91 -7.88 -1.34
N ILE A 56 -4.78 -8.24 -0.76
CA ILE A 56 -3.94 -9.29 -1.33
C ILE A 56 -4.19 -10.63 -0.67
N SER A 57 -4.88 -10.61 0.46
CA SER A 57 -5.19 -11.83 1.21
C SER A 57 -6.64 -12.24 0.98
N ILE A 58 -7.08 -12.20 -0.27
CA ILE A 58 -8.45 -12.57 -0.63
C ILE A 58 -8.51 -14.01 -1.15
N SER A 59 -9.70 -14.58 -1.12
CA SER A 59 -9.90 -15.95 -1.59
C SER A 59 -9.66 -16.05 -3.09
N SER A 60 -10.51 -15.39 -3.86
CA SER A 60 -10.40 -15.40 -5.31
C SER A 60 -10.07 -16.81 -5.82
N LYS A 61 -11.10 -17.64 -5.96
CA LYS A 61 -10.92 -19.00 -6.44
C LYS A 61 -12.27 -19.65 -6.72
N GLU A 62 -13.21 -19.47 -5.80
CA GLU A 62 -14.55 -20.04 -5.95
C GLU A 62 -15.20 -19.57 -7.24
N SER A 63 -15.54 -18.29 -7.30
CA SER A 63 -16.18 -17.71 -8.47
C SER A 63 -15.32 -17.92 -9.71
N GLU A 64 -15.99 -18.12 -10.85
CA GLU A 64 -15.28 -18.33 -12.12
C GLU A 64 -14.58 -17.06 -12.57
N HIS A 65 -13.78 -17.17 -13.63
CA HIS A 65 -13.05 -16.03 -14.16
C HIS A 65 -13.29 -15.89 -15.66
N THR A 66 -14.53 -15.58 -16.03
CA THR A 66 -14.89 -15.42 -17.43
C THR A 66 -15.38 -14.00 -17.71
N GLY A 67 -14.81 -13.38 -18.75
CA GLY A 67 -15.20 -12.03 -19.09
C GLY A 67 -14.43 -10.98 -18.33
N PRO A 68 -14.54 -9.71 -18.77
CA PRO A 68 -13.85 -8.59 -18.12
C PRO A 68 -14.44 -8.26 -16.75
N GLY A 69 -14.27 -9.18 -15.81
CA GLY A 69 -14.79 -8.98 -14.46
C GLY A 69 -13.71 -9.06 -13.41
N TRP A 70 -12.95 -10.16 -13.41
CA TRP A 70 -11.88 -10.35 -12.45
C TRP A 70 -10.55 -9.84 -12.99
N GLU A 71 -10.45 -9.78 -14.32
CA GLU A 71 -9.24 -9.31 -14.97
C GLU A 71 -8.69 -8.07 -14.26
N SER A 72 -9.50 -7.02 -14.21
CA SER A 72 -9.10 -5.78 -13.57
C SER A 72 -8.78 -5.99 -12.09
N ALA A 73 -9.64 -6.72 -11.41
CA ALA A 73 -9.45 -7.02 -10.00
C ALA A 73 -8.13 -7.72 -9.74
N ARG A 74 -7.71 -8.52 -10.72
CA ARG A 74 -6.44 -9.26 -10.61
C ARG A 74 -5.26 -8.36 -10.96
N GLN A 75 -5.55 -7.24 -11.61
CA GLN A 75 -4.51 -6.29 -12.00
C GLN A 75 -4.17 -5.34 -10.86
N MET A 76 -5.20 -4.81 -10.22
CA MET A 76 -5.02 -3.88 -9.11
C MET A 76 -4.26 -4.55 -7.96
N GLN A 77 -4.51 -5.85 -7.78
CA GLN A 77 -3.86 -6.60 -6.71
C GLN A 77 -2.35 -6.62 -6.91
N GLN A 78 -1.91 -7.01 -8.11
CA GLN A 78 -0.49 -7.06 -8.43
C GLN A 78 0.21 -5.77 -8.02
N LYS A 79 -0.27 -4.66 -8.57
CA LYS A 79 0.32 -3.35 -8.26
C LYS A 79 0.56 -3.20 -6.76
N MET A 80 -0.49 -3.43 -5.97
CA MET A 80 -0.39 -3.32 -4.53
C MET A 80 0.83 -4.08 -4.00
N LYS A 81 0.94 -5.34 -4.38
CA LYS A 81 2.06 -6.18 -3.95
C LYS A 81 3.39 -5.49 -4.24
N GLU A 82 3.55 -5.03 -5.48
CA GLU A 82 4.78 -4.35 -5.88
C GLU A 82 5.02 -3.11 -5.02
N THR A 83 3.95 -2.50 -4.56
CA THR A 83 4.03 -1.31 -3.74
C THR A 83 4.41 -1.65 -2.30
N LEU A 84 4.02 -2.85 -1.87
CA LEU A 84 4.32 -3.31 -0.51
C LEU A 84 5.82 -3.49 -0.32
N GLN A 85 6.43 -4.31 -1.17
CA GLN A 85 7.86 -4.57 -1.08
C GLN A 85 8.66 -3.27 -1.17
N ASN A 86 8.11 -2.29 -1.87
CA ASN A 86 8.76 -1.00 -2.03
C ASN A 86 8.56 -0.13 -0.78
N VAL A 87 7.38 -0.24 -0.18
CA VAL A 87 7.07 0.53 1.01
C VAL A 87 7.87 0.04 2.22
N ARG A 88 7.79 -1.26 2.47
CA ARG A 88 8.52 -1.86 3.59
C ARG A 88 9.94 -1.32 3.67
N THR A 89 10.55 -1.07 2.52
CA THR A 89 11.91 -0.55 2.47
C THR A 89 11.97 0.88 3.02
N ARG A 90 11.00 1.70 2.63
CA ARG A 90 10.95 3.08 3.08
C ARG A 90 10.72 3.16 4.59
N LEU A 91 9.86 2.27 5.09
CA LEU A 91 9.56 2.23 6.51
C LEU A 91 10.76 1.74 7.32
N GLU A 92 11.62 0.97 6.67
CA GLU A 92 12.81 0.44 7.32
C GLU A 92 13.90 1.50 7.43
N ILE A 93 13.98 2.35 6.41
CA ILE A 93 14.98 3.41 6.39
C ILE A 93 14.59 4.55 7.34
N LEU A 94 13.31 4.61 7.68
CA LEU A 94 12.81 5.65 8.57
C LEU A 94 13.18 5.33 10.02
N GLU A 95 12.98 4.08 10.43
CA GLU A 95 13.30 3.67 11.78
C GLU A 95 14.80 3.68 12.03
N LYS A 96 15.53 2.94 11.20
CA LYS A 96 16.98 2.86 11.32
C LYS A 96 17.60 4.27 11.40
N GLY A 97 17.04 5.20 10.64
CA GLY A 97 17.54 6.55 10.63
C GLY A 97 17.31 7.26 11.96
N LEU A 98 16.24 6.87 12.65
CA LEU A 98 15.90 7.47 13.94
C LEU A 98 17.12 7.49 14.86
N ALA A 99 17.50 6.31 15.35
CA ALA A 99 18.64 6.19 16.24
C ALA A 99 18.78 7.42 17.14
N THR A 100 20.01 7.74 17.52
CA THR A 100 20.26 8.90 18.38
C THR A 100 19.57 8.74 19.72
N SER A 101 19.42 7.50 20.17
CA SER A 101 18.77 7.20 21.44
C SER A 101 19.59 6.21 22.25
N LEU A 102 19.25 6.08 23.53
CA LEU A 102 19.95 5.16 24.42
C LEU A 102 20.06 3.76 23.79
N GLN A 103 18.98 3.34 23.13
CA GLN A 103 18.95 2.03 22.48
C GLN A 103 19.29 2.16 20.99
N ASN A 104 19.79 1.08 20.41
CA ASN A 104 20.14 1.07 18.99
C ASN A 104 19.99 -0.34 18.41
N ASP A 105 19.21 -0.44 17.35
CA ASP A 105 18.99 -1.72 16.68
C ASP A 105 19.79 -1.82 15.40
N LEU A 106 19.69 -2.96 14.72
CA LEU A 106 20.40 -3.18 13.48
C LEU A 106 19.57 -4.02 12.50
N GLN A 107 20.04 -4.11 11.27
CA GLN A 107 19.33 -4.89 10.24
C GLN A 107 20.29 -5.81 9.51
N GLU A 108 19.77 -6.54 8.53
CA GLU A 108 20.57 -7.48 7.75
C GLU A 108 20.18 -7.44 6.27
N VAL A 109 20.83 -8.28 5.48
CA VAL A 109 20.56 -8.35 4.05
C VAL A 109 20.56 -9.78 3.55
N PRO A 110 19.88 -10.02 2.41
CA PRO A 110 19.80 -11.35 1.80
C PRO A 110 21.13 -11.81 1.23
N SER A 111 21.32 -13.13 1.14
CA SER A 111 22.55 -13.69 0.61
C SER A 111 22.31 -14.28 -0.78
N GLY A 112 23.40 -14.60 -1.47
CA GLY A 112 23.30 -15.17 -2.79
C GLY A 112 24.64 -15.19 -3.52
N PRO A 113 25.56 -16.03 -3.03
CA PRO A 113 26.90 -16.17 -3.61
C PRO A 113 26.87 -16.85 -4.98
N SER A 114 28.03 -16.95 -5.61
CA SER A 114 28.13 -17.59 -6.93
C SER A 114 29.55 -18.09 -7.18
N SER A 115 29.70 -18.91 -8.22
CA SER A 115 31.00 -19.47 -8.56
C SER A 115 31.46 -18.98 -9.93
N GLY A 116 31.91 -17.72 -9.97
CA GLY A 116 32.37 -17.14 -11.22
C GLY A 116 31.36 -16.19 -11.83
N GLY A 1 -24.58 11.11 -6.94
CA GLY A 1 -25.58 10.11 -7.22
C GLY A 1 -25.43 8.87 -6.35
N SER A 2 -26.56 8.29 -5.95
CA SER A 2 -26.54 7.10 -5.11
C SER A 2 -26.17 5.87 -5.92
N SER A 3 -24.99 5.32 -5.65
CA SER A 3 -24.52 4.14 -6.37
C SER A 3 -23.91 3.13 -5.40
N GLY A 4 -24.47 1.93 -5.37
CA GLY A 4 -23.99 0.89 -4.49
C GLY A 4 -23.38 -0.28 -5.24
N SER A 5 -23.14 -1.38 -4.53
CA SER A 5 -22.57 -2.57 -5.14
C SER A 5 -23.64 -3.57 -5.51
N SER A 6 -23.39 -4.36 -6.55
CA SER A 6 -24.34 -5.36 -7.01
C SER A 6 -23.63 -6.52 -7.70
N GLY A 7 -23.59 -7.67 -7.02
CA GLY A 7 -22.94 -8.84 -7.58
C GLY A 7 -21.45 -8.86 -7.30
N GLU A 8 -20.71 -9.59 -8.11
CA GLU A 8 -19.27 -9.69 -7.95
C GLU A 8 -18.91 -10.46 -6.69
N PRO A 9 -17.81 -11.23 -6.75
CA PRO A 9 -17.34 -12.04 -5.62
C PRO A 9 -16.81 -11.17 -4.47
N ALA A 10 -17.39 -11.33 -3.30
CA ALA A 10 -16.96 -10.57 -2.12
C ALA A 10 -15.44 -10.43 -2.09
N GLU A 11 -14.74 -11.40 -2.66
CA GLU A 11 -13.29 -11.38 -2.69
C GLU A 11 -12.78 -10.15 -3.44
N ILE A 12 -13.33 -9.91 -4.63
CA ILE A 12 -12.93 -8.76 -5.43
C ILE A 12 -13.32 -7.45 -4.77
N LYS A 13 -14.55 -7.38 -4.28
CA LYS A 13 -15.05 -6.18 -3.62
C LYS A 13 -14.06 -5.70 -2.56
N ILE A 14 -13.57 -6.63 -1.76
CA ILE A 14 -12.62 -6.31 -0.70
C ILE A 14 -11.37 -5.64 -1.28
N ILE A 15 -10.99 -6.05 -2.49
CA ILE A 15 -9.82 -5.50 -3.16
C ILE A 15 -10.07 -4.07 -3.60
N ARG A 16 -11.32 -3.77 -3.97
CA ARG A 16 -11.69 -2.45 -4.42
C ARG A 16 -11.46 -1.41 -3.32
N GLU A 17 -11.84 -1.76 -2.09
CA GLU A 17 -11.68 -0.87 -0.96
C GLU A 17 -10.22 -0.85 -0.49
N ALA A 18 -9.70 -2.01 -0.15
CA ALA A 18 -8.32 -2.12 0.32
C ALA A 18 -7.36 -1.43 -0.62
N TYR A 19 -7.61 -1.57 -1.93
CA TYR A 19 -6.76 -0.94 -2.94
C TYR A 19 -6.63 0.55 -2.69
N LYS A 20 -7.72 1.27 -2.88
CA LYS A 20 -7.73 2.73 -2.69
C LYS A 20 -7.14 3.08 -1.33
N LYS A 21 -7.86 2.77 -0.26
CA LYS A 21 -7.41 3.05 1.09
C LYS A 21 -5.90 2.83 1.22
N ALA A 22 -5.46 1.62 0.90
CA ALA A 22 -4.05 1.27 0.98
C ALA A 22 -3.20 2.29 0.23
N PHE A 23 -3.61 2.61 -0.99
CA PHE A 23 -2.88 3.59 -1.81
C PHE A 23 -3.16 5.01 -1.34
N LEU A 24 -4.18 5.16 -0.51
CA LEU A 24 -4.55 6.48 0.01
C LEU A 24 -3.64 6.89 1.14
N PHE A 25 -3.48 6.01 2.13
CA PHE A 25 -2.63 6.28 3.28
C PHE A 25 -1.15 6.27 2.89
N VAL A 26 -0.85 5.62 1.77
CA VAL A 26 0.51 5.53 1.27
C VAL A 26 1.00 6.89 0.77
N ASN A 27 0.39 7.38 -0.29
CA ASN A 27 0.77 8.67 -0.87
C ASN A 27 1.12 9.67 0.23
N LYS A 28 0.46 9.53 1.37
CA LYS A 28 0.70 10.41 2.51
C LYS A 28 2.08 10.18 3.11
N GLY A 29 2.40 8.91 3.36
CA GLY A 29 3.68 8.58 3.94
C GLY A 29 4.85 9.07 3.09
N LEU A 30 4.59 9.25 1.80
CA LEU A 30 5.62 9.71 0.88
C LEU A 30 5.77 11.23 0.95
N ASN A 31 4.64 11.93 0.79
CA ASN A 31 4.64 13.39 0.83
C ASN A 31 5.39 13.90 2.06
N THR A 32 5.05 13.36 3.23
CA THR A 32 5.69 13.75 4.48
C THR A 32 7.20 13.58 4.40
N ASP A 33 7.64 12.38 4.04
CA ASP A 33 9.07 12.09 3.92
C ASP A 33 9.77 13.15 3.07
N GLU A 34 8.99 13.83 2.24
CA GLU A 34 9.55 14.88 1.38
C GLU A 34 9.57 16.22 2.08
N LEU A 35 8.59 16.43 2.97
CA LEU A 35 8.50 17.68 3.72
C LEU A 35 9.55 17.75 4.81
N GLY A 36 9.98 16.59 5.28
CA GLY A 36 10.99 16.54 6.33
C GLY A 36 10.50 15.81 7.56
N GLN A 37 9.28 15.30 7.51
CA GLN A 37 8.70 14.57 8.63
C GLN A 37 9.06 13.09 8.58
N LYS A 38 9.99 12.68 9.44
CA LYS A 38 10.41 11.29 9.49
C LYS A 38 9.50 10.46 10.39
N GLU A 39 8.80 11.14 11.30
CA GLU A 39 7.88 10.47 12.21
C GLU A 39 6.58 10.09 11.51
N GLU A 40 5.83 11.11 11.08
CA GLU A 40 4.56 10.89 10.39
C GLU A 40 4.73 9.87 9.27
N ALA A 41 5.80 10.04 8.49
CA ALA A 41 6.07 9.14 7.37
C ALA A 41 5.98 7.68 7.81
N LYS A 42 6.47 7.39 9.00
CA LYS A 42 6.44 6.03 9.53
C LYS A 42 5.00 5.59 9.81
N ASN A 43 4.29 6.39 10.60
CA ASN A 43 2.90 6.08 10.95
C ASN A 43 2.06 5.87 9.70
N TYR A 44 2.13 6.82 8.77
CA TYR A 44 1.38 6.74 7.53
C TYR A 44 1.48 5.36 6.92
N TYR A 45 2.70 4.82 6.88
CA TYR A 45 2.94 3.50 6.32
C TYR A 45 2.20 2.42 7.11
N LYS A 46 2.37 2.45 8.43
CA LYS A 46 1.71 1.48 9.31
C LYS A 46 0.24 1.33 8.93
N GLN A 47 -0.33 2.36 8.32
CA GLN A 47 -1.73 2.33 7.91
C GLN A 47 -1.89 1.66 6.55
N GLY A 48 -1.05 2.05 5.60
CA GLY A 48 -1.11 1.48 4.27
C GLY A 48 -0.73 0.02 4.25
N ILE A 49 0.11 -0.38 5.20
CA ILE A 49 0.55 -1.76 5.28
C ILE A 49 -0.60 -2.69 5.66
N GLY A 50 -1.48 -2.22 6.54
CA GLY A 50 -2.61 -3.02 6.96
C GLY A 50 -3.63 -3.21 5.85
N HIS A 51 -3.82 -2.17 5.04
CA HIS A 51 -4.76 -2.23 3.94
C HIS A 51 -4.18 -3.00 2.76
N LEU A 52 -2.87 -2.89 2.58
CA LEU A 52 -2.19 -3.57 1.48
C LEU A 52 -2.41 -5.07 1.56
N LEU A 53 -2.03 -5.67 2.68
CA LEU A 53 -2.18 -7.10 2.88
C LEU A 53 -3.65 -7.51 2.76
N ARG A 54 -4.54 -6.69 3.31
CA ARG A 54 -5.97 -6.97 3.26
C ARG A 54 -6.41 -7.31 1.84
N GLY A 55 -5.72 -6.73 0.86
CA GLY A 55 -6.06 -6.98 -0.53
C GLY A 55 -5.23 -8.09 -1.12
N ILE A 56 -3.96 -8.16 -0.75
CA ILE A 56 -3.06 -9.18 -1.26
C ILE A 56 -3.42 -10.55 -0.70
N SER A 57 -4.14 -10.57 0.42
CA SER A 57 -4.55 -11.81 1.05
C SER A 57 -5.99 -12.17 0.67
N ILE A 58 -6.22 -12.38 -0.62
CA ILE A 58 -7.53 -12.73 -1.12
C ILE A 58 -7.50 -14.03 -1.92
N SER A 59 -8.62 -14.75 -1.90
CA SER A 59 -8.72 -16.01 -2.62
C SER A 59 -9.13 -15.79 -4.07
N SER A 60 -8.26 -16.15 -5.00
CA SER A 60 -8.53 -15.98 -6.42
C SER A 60 -8.22 -17.26 -7.19
N LYS A 61 -9.12 -18.22 -7.13
CA LYS A 61 -8.94 -19.50 -7.82
C LYS A 61 -9.76 -19.53 -9.11
N GLU A 62 -9.07 -19.43 -10.25
CA GLU A 62 -9.73 -19.45 -11.54
C GLU A 62 -10.30 -20.84 -11.84
N SER A 63 -11.41 -21.17 -11.18
CA SER A 63 -12.06 -22.46 -11.37
C SER A 63 -13.33 -22.31 -12.20
N GLU A 64 -13.93 -21.12 -12.14
CA GLU A 64 -15.16 -20.85 -12.89
C GLU A 64 -15.41 -19.36 -12.99
N HIS A 65 -14.54 -18.66 -13.70
CA HIS A 65 -14.67 -17.21 -13.87
C HIS A 65 -13.88 -16.74 -15.10
N THR A 66 -14.61 -16.33 -16.14
CA THR A 66 -13.98 -15.86 -17.37
C THR A 66 -14.56 -14.52 -17.80
N GLY A 67 -13.83 -13.44 -17.53
CA GLY A 67 -14.28 -12.12 -17.90
C GLY A 67 -13.39 -11.02 -17.36
N PRO A 68 -13.73 -9.77 -17.67
CA PRO A 68 -12.96 -8.60 -17.22
C PRO A 68 -13.10 -8.35 -15.72
N GLY A 69 -14.06 -9.03 -15.10
CA GLY A 69 -14.29 -8.89 -13.68
C GLY A 69 -13.02 -9.07 -12.87
N TRP A 70 -12.39 -10.23 -13.04
CA TRP A 70 -11.16 -10.54 -12.32
C TRP A 70 -9.98 -9.80 -12.92
N GLU A 71 -10.06 -9.51 -14.21
CA GLU A 71 -8.99 -8.80 -14.90
C GLU A 71 -8.65 -7.50 -14.19
N SER A 72 -9.63 -6.60 -14.12
CA SER A 72 -9.43 -5.30 -13.46
C SER A 72 -9.09 -5.49 -11.99
N ALA A 73 -9.89 -6.30 -11.30
CA ALA A 73 -9.67 -6.56 -9.88
C ALA A 73 -8.25 -7.04 -9.62
N ARG A 74 -7.64 -7.63 -10.64
CA ARG A 74 -6.27 -8.14 -10.52
C ARG A 74 -5.26 -7.05 -10.88
N GLN A 75 -5.60 -6.24 -11.86
CA GLN A 75 -4.71 -5.16 -12.31
C GLN A 75 -4.40 -4.21 -11.16
N MET A 76 -5.27 -4.20 -10.15
CA MET A 76 -5.08 -3.34 -8.99
C MET A 76 -4.24 -4.04 -7.92
N GLN A 77 -4.32 -5.36 -7.89
CA GLN A 77 -3.56 -6.15 -6.92
C GLN A 77 -2.08 -6.18 -7.28
N GLN A 78 -1.79 -6.41 -8.55
CA GLN A 78 -0.41 -6.47 -9.03
C GLN A 78 0.37 -5.24 -8.57
N LYS A 79 -0.22 -4.06 -8.77
CA LYS A 79 0.42 -2.81 -8.38
C LYS A 79 0.79 -2.83 -6.90
N MET A 80 -0.21 -2.98 -6.04
CA MET A 80 0.01 -3.01 -4.60
C MET A 80 1.17 -3.95 -4.26
N LYS A 81 1.00 -5.23 -4.57
CA LYS A 81 2.03 -6.23 -4.28
C LYS A 81 3.42 -5.68 -4.57
N GLU A 82 3.54 -4.92 -5.66
CA GLU A 82 4.82 -4.32 -6.04
C GLU A 82 5.18 -3.17 -5.10
N THR A 83 4.24 -2.25 -4.91
CA THR A 83 4.46 -1.10 -4.05
C THR A 83 4.59 -1.53 -2.59
N LEU A 84 4.20 -2.77 -2.31
CA LEU A 84 4.27 -3.30 -0.95
C LEU A 84 5.72 -3.55 -0.54
N GLN A 85 6.36 -4.50 -1.21
CA GLN A 85 7.76 -4.84 -0.92
C GLN A 85 8.63 -3.60 -0.95
N ASN A 86 8.24 -2.62 -1.76
CA ASN A 86 9.00 -1.37 -1.88
C ASN A 86 8.79 -0.49 -0.65
N VAL A 87 7.61 -0.59 -0.05
CA VAL A 87 7.28 0.20 1.13
C VAL A 87 7.77 -0.48 2.40
N ARG A 88 7.33 -1.72 2.61
CA ARG A 88 7.72 -2.48 3.79
C ARG A 88 9.18 -2.21 4.14
N THR A 89 10.06 -2.41 3.17
CA THR A 89 11.50 -2.19 3.38
C THR A 89 11.78 -0.75 3.78
N ARG A 90 11.07 0.18 3.15
CA ARG A 90 11.26 1.60 3.44
C ARG A 90 10.94 1.90 4.90
N LEU A 91 9.81 1.40 5.38
CA LEU A 91 9.40 1.61 6.76
C LEU A 91 10.47 1.12 7.73
N GLU A 92 11.16 0.05 7.35
CA GLU A 92 12.21 -0.52 8.18
C GLU A 92 13.41 0.43 8.28
N ILE A 93 13.78 1.02 7.15
CA ILE A 93 14.90 1.95 7.11
C ILE A 93 14.67 3.14 8.04
N LEU A 94 13.48 3.74 7.94
CA LEU A 94 13.13 4.88 8.77
C LEU A 94 13.36 4.56 10.25
N GLU A 95 13.13 3.32 10.63
CA GLU A 95 13.30 2.89 12.01
C GLU A 95 14.73 2.40 12.24
N LYS A 96 15.37 1.90 11.19
CA LYS A 96 16.73 1.41 11.27
C LYS A 96 17.69 2.52 11.67
N GLY A 97 17.19 3.75 11.70
CA GLY A 97 18.02 4.88 12.07
C GLY A 97 17.26 6.19 12.03
N LEU A 98 16.25 6.27 11.16
CA LEU A 98 15.45 7.48 11.03
C LEU A 98 16.32 8.68 10.66
N ALA A 99 15.71 9.67 10.03
CA ALA A 99 16.43 10.88 9.63
C ALA A 99 17.58 10.54 8.69
N THR A 100 17.25 10.16 7.46
CA THR A 100 18.25 9.81 6.47
C THR A 100 18.46 10.94 5.48
N SER A 101 19.68 11.46 5.42
CA SER A 101 20.00 12.56 4.50
C SER A 101 19.43 12.30 3.12
N LEU A 102 18.41 13.07 2.75
CA LEU A 102 17.77 12.93 1.45
C LEU A 102 18.75 13.20 0.32
N GLN A 103 18.67 12.40 -0.74
CA GLN A 103 19.56 12.56 -1.88
C GLN A 103 18.75 12.74 -3.17
N ASN A 104 17.59 13.38 -3.05
CA ASN A 104 16.73 13.63 -4.20
C ASN A 104 16.23 12.31 -4.79
N ASP A 105 14.94 12.04 -4.60
CA ASP A 105 14.34 10.81 -5.12
C ASP A 105 13.92 10.99 -6.57
N LEU A 106 14.54 10.22 -7.46
CA LEU A 106 14.22 10.30 -8.88
C LEU A 106 13.45 9.06 -9.33
N GLN A 107 12.13 9.09 -9.11
CA GLN A 107 11.27 7.98 -9.50
C GLN A 107 10.24 8.42 -10.53
N GLU A 108 9.97 9.71 -10.57
CA GLU A 108 9.00 10.26 -11.52
C GLU A 108 7.62 9.64 -11.30
N VAL A 109 6.64 10.48 -11.01
CA VAL A 109 5.28 10.02 -10.77
C VAL A 109 4.85 9.00 -11.84
N PRO A 110 4.03 8.03 -11.44
CA PRO A 110 3.54 6.99 -12.35
C PRO A 110 2.54 7.54 -13.37
N SER A 111 2.70 7.12 -14.63
CA SER A 111 1.82 7.57 -15.70
C SER A 111 1.28 6.39 -16.49
N GLY A 112 0.09 6.55 -17.06
CA GLY A 112 -0.51 5.49 -17.84
C GLY A 112 -1.95 5.80 -18.23
N PRO A 113 -2.36 5.32 -19.41
CA PRO A 113 -3.71 5.54 -19.93
C PRO A 113 -4.77 4.77 -19.14
N SER A 114 -4.34 3.69 -18.49
CA SER A 114 -5.25 2.87 -17.70
C SER A 114 -6.31 2.23 -18.58
N SER A 115 -6.51 0.92 -18.43
CA SER A 115 -7.50 0.20 -19.21
C SER A 115 -8.32 -0.73 -18.32
N GLY A 116 -9.63 -0.48 -18.27
CA GLY A 116 -10.52 -1.29 -17.46
C GLY A 116 -11.93 -0.76 -17.41
N GLY A 1 -36.69 -1.81 -14.46
CA GLY A 1 -35.34 -1.71 -13.93
C GLY A 1 -35.03 -2.77 -12.88
N SER A 2 -33.88 -2.66 -12.26
CA SER A 2 -33.47 -3.61 -11.24
C SER A 2 -33.69 -5.05 -11.70
N SER A 3 -32.96 -5.45 -12.73
CA SER A 3 -33.08 -6.80 -13.28
C SER A 3 -31.71 -7.42 -13.49
N GLY A 4 -30.75 -6.61 -13.93
CA GLY A 4 -29.41 -7.10 -14.18
C GLY A 4 -28.55 -7.06 -12.94
N SER A 5 -28.30 -8.23 -12.35
CA SER A 5 -27.48 -8.32 -11.14
C SER A 5 -26.11 -7.69 -11.36
N SER A 6 -25.97 -6.44 -10.94
CA SER A 6 -24.70 -5.72 -11.09
C SER A 6 -23.94 -5.69 -9.77
N GLY A 7 -24.34 -6.54 -8.84
CA GLY A 7 -23.68 -6.59 -7.55
C GLY A 7 -22.35 -7.33 -7.60
N GLU A 8 -21.28 -6.59 -7.85
CA GLU A 8 -19.94 -7.18 -7.93
C GLU A 8 -19.73 -8.18 -6.79
N PRO A 9 -18.81 -9.13 -7.01
CA PRO A 9 -18.48 -10.16 -6.02
C PRO A 9 -17.75 -9.59 -4.81
N ALA A 10 -18.17 -10.00 -3.62
CA ALA A 10 -17.56 -9.54 -2.39
C ALA A 10 -16.06 -9.36 -2.55
N GLU A 11 -15.42 -10.31 -3.24
CA GLU A 11 -13.98 -10.25 -3.46
C GLU A 11 -13.58 -8.91 -4.04
N ILE A 12 -14.02 -8.62 -5.26
CA ILE A 12 -13.71 -7.36 -5.92
C ILE A 12 -14.11 -6.17 -5.06
N LYS A 13 -15.33 -6.19 -4.56
CA LYS A 13 -15.83 -5.10 -3.72
C LYS A 13 -14.85 -4.80 -2.59
N ILE A 14 -14.12 -5.81 -2.16
CA ILE A 14 -13.15 -5.65 -1.09
C ILE A 14 -11.85 -5.05 -1.63
N ILE A 15 -11.23 -5.74 -2.58
CA ILE A 15 -9.98 -5.27 -3.17
C ILE A 15 -10.07 -3.80 -3.54
N ARG A 16 -11.24 -3.38 -4.02
CA ARG A 16 -11.45 -2.00 -4.42
C ARG A 16 -11.12 -1.05 -3.27
N GLU A 17 -11.86 -1.18 -2.17
CA GLU A 17 -11.65 -0.33 -1.00
C GLU A 17 -10.24 -0.53 -0.44
N ALA A 18 -9.88 -1.78 -0.19
CA ALA A 18 -8.57 -2.11 0.36
C ALA A 18 -7.46 -1.56 -0.54
N TYR A 19 -7.73 -1.49 -1.83
CA TYR A 19 -6.76 -0.99 -2.80
C TYR A 19 -6.60 0.51 -2.68
N LYS A 20 -7.70 1.19 -2.34
CA LYS A 20 -7.69 2.65 -2.21
C LYS A 20 -7.08 3.06 -0.87
N LYS A 21 -7.75 2.70 0.21
CA LYS A 21 -7.28 3.04 1.56
C LYS A 21 -5.79 2.76 1.68
N ALA A 22 -5.36 1.62 1.16
CA ALA A 22 -3.95 1.24 1.23
C ALA A 22 -3.08 2.26 0.51
N PHE A 23 -3.44 2.60 -0.72
CA PHE A 23 -2.69 3.56 -1.50
C PHE A 23 -2.94 4.98 -1.00
N LEU A 24 -3.98 5.15 -0.19
CA LEU A 24 -4.33 6.45 0.35
C LEU A 24 -3.32 6.89 1.41
N PHE A 25 -3.10 6.04 2.40
CA PHE A 25 -2.15 6.33 3.48
C PHE A 25 -0.72 6.37 2.94
N VAL A 26 -0.48 5.64 1.85
CA VAL A 26 0.83 5.59 1.24
C VAL A 26 1.28 6.95 0.77
N ASN A 27 0.63 7.45 -0.29
CA ASN A 27 0.97 8.75 -0.85
C ASN A 27 1.29 9.75 0.26
N LYS A 28 0.51 9.72 1.33
CA LYS A 28 0.71 10.61 2.46
C LYS A 28 2.11 10.43 3.06
N GLY A 29 2.42 9.20 3.45
CA GLY A 29 3.71 8.90 4.02
C GLY A 29 4.84 9.62 3.30
N LEU A 30 4.99 9.33 2.02
CA LEU A 30 6.04 9.96 1.21
C LEU A 30 5.97 11.48 1.29
N ASN A 31 4.78 12.02 1.04
CA ASN A 31 4.57 13.46 1.09
C ASN A 31 5.23 14.06 2.33
N THR A 32 4.98 13.45 3.48
CA THR A 32 5.54 13.92 4.73
C THR A 32 7.05 13.73 4.78
N ASP A 33 7.48 12.48 4.63
CA ASP A 33 8.91 12.16 4.65
C ASP A 33 9.69 13.14 3.79
N GLU A 34 9.11 13.51 2.64
CA GLU A 34 9.76 14.45 1.74
C GLU A 34 9.73 15.88 2.29
N LEU A 35 8.73 16.15 3.11
CA LEU A 35 8.57 17.47 3.72
C LEU A 35 9.41 17.59 4.98
N GLY A 36 9.72 16.46 5.60
CA GLY A 36 10.53 16.46 6.80
C GLY A 36 9.89 15.66 7.93
N GLN A 37 8.56 15.72 8.02
CA GLN A 37 7.83 14.99 9.04
C GLN A 37 8.03 13.49 8.91
N LYS A 38 8.86 12.92 9.77
CA LYS A 38 9.13 11.49 9.75
C LYS A 38 8.12 10.72 10.60
N GLU A 39 7.83 11.25 11.77
CA GLU A 39 6.89 10.63 12.68
C GLU A 39 5.64 10.17 11.94
N GLU A 40 4.86 11.13 11.45
CA GLU A 40 3.64 10.83 10.72
C GLU A 40 3.91 9.84 9.59
N ALA A 41 5.06 10.00 8.94
CA ALA A 41 5.44 9.12 7.83
C ALA A 41 5.47 7.67 8.28
N LYS A 42 6.45 7.34 9.13
CA LYS A 42 6.60 5.98 9.64
C LYS A 42 5.24 5.35 9.92
N ASN A 43 4.34 6.14 10.51
CA ASN A 43 3.00 5.67 10.83
C ASN A 43 2.18 5.41 9.56
N TYR A 44 2.08 6.43 8.72
CA TYR A 44 1.34 6.32 7.48
C TYR A 44 1.52 4.93 6.85
N TYR A 45 2.78 4.53 6.70
CA TYR A 45 3.09 3.23 6.11
C TYR A 45 2.45 2.10 6.92
N LYS A 46 2.74 2.06 8.21
CA LYS A 46 2.19 1.03 9.09
C LYS A 46 0.70 0.85 8.84
N GLN A 47 0.04 1.92 8.39
CA GLN A 47 -1.39 1.87 8.12
C GLN A 47 -1.66 1.31 6.73
N GLY A 48 -0.79 1.65 5.78
CA GLY A 48 -0.95 1.17 4.41
C GLY A 48 -0.49 -0.27 4.25
N ILE A 49 0.26 -0.77 5.24
CA ILE A 49 0.75 -2.14 5.19
C ILE A 49 -0.35 -3.14 5.50
N GLY A 50 -1.13 -2.83 6.53
CA GLY A 50 -2.22 -3.72 6.92
C GLY A 50 -3.32 -3.78 5.88
N HIS A 51 -3.60 -2.64 5.25
CA HIS A 51 -4.63 -2.57 4.22
C HIS A 51 -4.19 -3.30 2.96
N LEU A 52 -2.88 -3.41 2.77
CA LEU A 52 -2.34 -4.08 1.59
C LEU A 52 -2.64 -5.57 1.63
N LEU A 53 -2.27 -6.23 2.71
CA LEU A 53 -2.51 -7.65 2.88
C LEU A 53 -4.00 -7.97 2.87
N ARG A 54 -4.79 -7.05 3.44
CA ARG A 54 -6.24 -7.22 3.49
C ARG A 54 -6.81 -7.51 2.10
N GLY A 55 -6.16 -6.97 1.08
CA GLY A 55 -6.61 -7.18 -0.29
C GLY A 55 -5.89 -8.32 -0.97
N ILE A 56 -4.61 -8.48 -0.67
CA ILE A 56 -3.80 -9.53 -1.25
C ILE A 56 -4.25 -10.91 -0.77
N SER A 57 -4.81 -10.94 0.44
CA SER A 57 -5.28 -12.20 1.03
C SER A 57 -6.69 -12.52 0.55
N ILE A 58 -6.90 -12.38 -0.76
CA ILE A 58 -8.21 -12.67 -1.36
C ILE A 58 -8.10 -13.74 -2.44
N SER A 59 -9.02 -14.69 -2.41
CA SER A 59 -9.03 -15.77 -3.39
C SER A 59 -9.45 -15.26 -4.76
N SER A 60 -8.49 -14.70 -5.49
CA SER A 60 -8.76 -14.16 -6.82
C SER A 60 -8.57 -15.24 -7.89
N LYS A 61 -8.56 -16.50 -7.46
CA LYS A 61 -8.39 -17.62 -8.37
C LYS A 61 -9.40 -18.72 -8.08
N GLU A 62 -10.18 -19.09 -9.08
CA GLU A 62 -11.19 -20.13 -8.93
C GLU A 62 -11.74 -20.56 -10.29
N SER A 63 -12.68 -21.50 -10.28
CA SER A 63 -13.28 -22.00 -11.50
C SER A 63 -13.98 -20.88 -12.26
N GLU A 64 -14.54 -19.93 -11.52
CA GLU A 64 -15.24 -18.80 -12.13
C GLU A 64 -14.25 -17.74 -12.59
N HIS A 65 -13.41 -18.11 -13.55
CA HIS A 65 -12.42 -17.18 -14.08
C HIS A 65 -12.41 -17.20 -15.61
N THR A 66 -12.69 -16.06 -16.22
CA THR A 66 -12.72 -15.95 -17.68
C THR A 66 -13.22 -14.58 -18.11
N GLY A 67 -12.79 -14.14 -19.29
CA GLY A 67 -13.21 -12.85 -19.81
C GLY A 67 -12.83 -11.71 -18.89
N PRO A 68 -13.33 -10.51 -19.20
CA PRO A 68 -13.05 -9.31 -18.40
C PRO A 68 -13.72 -9.35 -17.03
N GLY A 69 -13.68 -8.21 -16.33
CA GLY A 69 -14.28 -8.14 -15.01
C GLY A 69 -13.30 -8.44 -13.90
N TRP A 70 -12.63 -9.59 -14.00
CA TRP A 70 -11.65 -9.98 -12.99
C TRP A 70 -10.27 -9.48 -13.35
N GLU A 71 -10.03 -9.27 -14.64
CA GLU A 71 -8.73 -8.78 -15.11
C GLU A 71 -8.30 -7.53 -14.34
N SER A 72 -9.25 -6.61 -14.16
CA SER A 72 -8.97 -5.37 -13.45
C SER A 72 -8.66 -5.64 -11.98
N ALA A 73 -9.56 -6.36 -11.31
CA ALA A 73 -9.38 -6.70 -9.91
C ALA A 73 -8.07 -7.44 -9.68
N ARG A 74 -7.68 -8.25 -10.65
CA ARG A 74 -6.45 -9.02 -10.55
C ARG A 74 -5.23 -8.12 -10.78
N GLN A 75 -5.42 -7.08 -11.57
CA GLN A 75 -4.33 -6.14 -11.85
C GLN A 75 -3.96 -5.33 -10.62
N MET A 76 -4.94 -4.62 -10.08
CA MET A 76 -4.72 -3.80 -8.89
C MET A 76 -3.92 -4.57 -7.84
N GLN A 77 -4.29 -5.82 -7.61
CA GLN A 77 -3.60 -6.65 -6.64
C GLN A 77 -2.11 -6.72 -6.94
N GLN A 78 -1.77 -7.12 -8.16
CA GLN A 78 -0.38 -7.24 -8.57
C GLN A 78 0.41 -5.99 -8.19
N LYS A 79 -0.20 -4.83 -8.40
CA LYS A 79 0.44 -3.56 -8.07
C LYS A 79 0.74 -3.47 -6.58
N MET A 80 -0.27 -3.73 -5.77
CA MET A 80 -0.11 -3.67 -4.32
C MET A 80 1.07 -4.53 -3.87
N LYS A 81 1.03 -5.81 -4.24
CA LYS A 81 2.09 -6.74 -3.88
C LYS A 81 3.46 -6.17 -4.25
N GLU A 82 3.56 -5.61 -5.44
CA GLU A 82 4.81 -5.02 -5.91
C GLU A 82 5.18 -3.80 -5.09
N THR A 83 4.18 -3.03 -4.68
CA THR A 83 4.40 -1.83 -3.89
C THR A 83 4.69 -2.17 -2.43
N LEU A 84 4.24 -3.36 -2.01
CA LEU A 84 4.47 -3.81 -0.65
C LEU A 84 5.95 -4.02 -0.37
N GLN A 85 6.57 -4.90 -1.14
CA GLN A 85 7.99 -5.19 -0.97
C GLN A 85 8.82 -3.92 -1.06
N ASN A 86 8.32 -2.94 -1.82
CA ASN A 86 9.01 -1.67 -1.99
C ASN A 86 8.76 -0.75 -0.80
N VAL A 87 7.57 -0.87 -0.20
CA VAL A 87 7.21 -0.05 0.94
C VAL A 87 7.92 -0.51 2.20
N ARG A 88 7.84 -1.80 2.50
CA ARG A 88 8.48 -2.36 3.68
C ARG A 88 9.92 -1.88 3.80
N THR A 89 10.61 -1.82 2.65
CA THR A 89 11.99 -1.37 2.64
C THR A 89 12.13 0.07 3.13
N ARG A 90 11.13 0.89 2.82
CA ARG A 90 11.14 2.28 3.25
C ARG A 90 10.88 2.40 4.74
N LEU A 91 9.81 1.77 5.21
CA LEU A 91 9.46 1.80 6.62
C LEU A 91 10.64 1.39 7.49
N GLU A 92 11.56 0.64 6.90
CA GLU A 92 12.75 0.18 7.62
C GLU A 92 13.87 1.21 7.54
N ILE A 93 14.08 1.75 6.34
CA ILE A 93 15.12 2.76 6.12
C ILE A 93 14.86 4.00 6.97
N LEU A 94 13.60 4.26 7.27
CA LEU A 94 13.22 5.41 8.07
C LEU A 94 13.73 5.27 9.50
N GLU A 95 13.44 4.13 10.11
CA GLU A 95 13.86 3.86 11.48
C GLU A 95 15.39 3.92 11.59
N LYS A 96 16.07 3.19 10.72
CA LYS A 96 17.53 3.16 10.72
C LYS A 96 18.10 4.47 10.20
N GLY A 97 17.22 5.41 9.88
CA GLY A 97 17.66 6.70 9.37
C GLY A 97 17.53 7.80 10.40
N LEU A 98 16.38 7.86 11.06
CA LEU A 98 16.14 8.87 12.08
C LEU A 98 16.99 8.63 13.31
N ALA A 99 17.45 7.39 13.47
CA ALA A 99 18.28 7.02 14.61
C ALA A 99 19.44 8.00 14.78
N THR A 100 20.28 7.76 15.78
CA THR A 100 21.42 8.62 16.06
C THR A 100 22.04 9.13 14.76
N SER A 101 21.77 10.39 14.44
CA SER A 101 22.31 11.00 13.23
C SER A 101 22.35 12.52 13.35
N LEU A 102 22.92 13.17 12.35
CA LEU A 102 23.03 14.63 12.35
C LEU A 102 22.03 15.25 11.38
N GLN A 103 21.82 16.55 11.51
CA GLN A 103 20.89 17.27 10.65
C GLN A 103 21.24 18.75 10.55
N ASN A 104 21.92 19.13 9.47
CA ASN A 104 22.32 20.51 9.27
C ASN A 104 21.62 21.11 8.06
N ASP A 105 21.01 20.26 7.26
CA ASP A 105 20.30 20.70 6.06
C ASP A 105 18.79 20.57 6.24
N LEU A 106 18.37 19.47 6.84
CA LEU A 106 16.95 19.22 7.06
C LEU A 106 16.57 19.55 8.51
N GLN A 107 15.32 19.27 8.87
CA GLN A 107 14.83 19.53 10.22
C GLN A 107 14.43 21.00 10.36
N GLU A 108 13.26 21.34 9.84
CA GLU A 108 12.76 22.71 9.92
C GLU A 108 11.30 22.79 9.49
N VAL A 109 10.44 23.24 10.40
CA VAL A 109 9.02 23.36 10.11
C VAL A 109 8.56 24.81 10.23
N PRO A 110 7.57 25.18 9.39
CA PRO A 110 7.02 26.53 9.38
C PRO A 110 6.20 26.84 10.63
N SER A 111 6.87 26.87 11.78
CA SER A 111 6.20 27.14 13.05
C SER A 111 7.20 27.63 14.09
N GLY A 112 7.90 28.71 13.77
CA GLY A 112 8.87 29.27 14.69
C GLY A 112 9.57 30.49 14.13
N PRO A 113 10.44 30.29 13.14
CA PRO A 113 11.19 31.38 12.50
C PRO A 113 10.29 32.28 11.65
N SER A 114 9.34 31.67 10.96
CA SER A 114 8.42 32.42 10.11
C SER A 114 9.18 33.39 9.21
N SER A 115 10.45 33.07 8.95
CA SER A 115 11.28 33.91 8.09
C SER A 115 11.78 33.14 6.88
N GLY A 116 12.12 33.85 5.82
CA GLY A 116 12.61 33.21 4.61
C GLY A 116 13.67 34.04 3.90
N GLY A 1 -25.02 -1.67 1.34
CA GLY A 1 -23.90 -1.32 0.48
C GLY A 1 -24.31 -1.15 -0.97
N SER A 2 -23.79 -2.02 -1.83
CA SER A 2 -24.09 -1.96 -3.26
C SER A 2 -25.55 -2.36 -3.51
N SER A 3 -26.01 -2.13 -4.74
CA SER A 3 -27.37 -2.46 -5.12
C SER A 3 -27.68 -3.93 -4.81
N GLY A 4 -26.63 -4.74 -4.68
CA GLY A 4 -26.81 -6.15 -4.39
C GLY A 4 -26.76 -7.00 -5.63
N SER A 5 -27.85 -6.99 -6.39
CA SER A 5 -27.94 -7.78 -7.62
C SER A 5 -26.99 -7.24 -8.69
N SER A 6 -26.27 -8.14 -9.35
CA SER A 6 -25.32 -7.74 -10.39
C SER A 6 -24.36 -6.70 -9.87
N GLY A 7 -24.29 -6.56 -8.54
CA GLY A 7 -23.40 -5.59 -7.94
C GLY A 7 -21.94 -6.00 -8.05
N GLU A 8 -21.53 -6.96 -7.23
CA GLU A 8 -20.16 -7.43 -7.24
C GLU A 8 -19.90 -8.40 -6.08
N PRO A 9 -18.97 -9.34 -6.29
CA PRO A 9 -18.61 -10.33 -5.27
C PRO A 9 -17.88 -9.72 -4.09
N ALA A 10 -18.36 -10.02 -2.88
CA ALA A 10 -17.75 -9.49 -1.66
C ALA A 10 -16.23 -9.47 -1.78
N GLU A 11 -15.67 -10.54 -2.35
CA GLU A 11 -14.22 -10.64 -2.51
C GLU A 11 -13.67 -9.40 -3.19
N ILE A 12 -13.97 -9.25 -4.48
CA ILE A 12 -13.50 -8.10 -5.25
C ILE A 12 -13.80 -6.79 -4.52
N LYS A 13 -14.88 -6.80 -3.74
CA LYS A 13 -15.28 -5.61 -2.99
C LYS A 13 -14.18 -5.19 -2.02
N ILE A 14 -13.58 -6.17 -1.35
CA ILE A 14 -12.51 -5.89 -0.40
C ILE A 14 -11.26 -5.36 -1.09
N ILE A 15 -10.93 -5.95 -2.23
CA ILE A 15 -9.77 -5.53 -3.00
C ILE A 15 -9.84 -4.06 -3.35
N ARG A 16 -10.88 -3.67 -4.08
CA ARG A 16 -11.07 -2.28 -4.48
C ARG A 16 -10.60 -1.33 -3.39
N GLU A 17 -11.34 -1.30 -2.28
CA GLU A 17 -11.00 -0.43 -1.15
C GLU A 17 -9.54 -0.62 -0.75
N ALA A 18 -9.15 -1.87 -0.57
CA ALA A 18 -7.78 -2.19 -0.17
C ALA A 18 -6.78 -1.55 -1.11
N TYR A 19 -7.15 -1.44 -2.39
CA TYR A 19 -6.27 -0.83 -3.39
C TYR A 19 -6.15 0.66 -3.17
N LYS A 20 -7.28 1.35 -3.14
CA LYS A 20 -7.30 2.79 -2.94
C LYS A 20 -6.66 3.16 -1.60
N LYS A 21 -7.35 2.83 -0.52
CA LYS A 21 -6.86 3.12 0.82
C LYS A 21 -5.36 2.91 0.91
N ALA A 22 -4.91 1.71 0.55
CA ALA A 22 -3.49 1.39 0.59
C ALA A 22 -2.67 2.41 -0.19
N PHE A 23 -3.11 2.72 -1.41
CA PHE A 23 -2.42 3.68 -2.25
C PHE A 23 -2.70 5.11 -1.79
N LEU A 24 -3.70 5.26 -0.93
CA LEU A 24 -4.07 6.57 -0.41
C LEU A 24 -3.15 6.98 0.74
N PHE A 25 -2.97 6.08 1.70
CA PHE A 25 -2.12 6.35 2.85
C PHE A 25 -0.65 6.36 2.44
N VAL A 26 -0.33 5.66 1.36
CA VAL A 26 1.04 5.59 0.87
C VAL A 26 1.52 6.95 0.39
N ASN A 27 0.84 7.49 -0.63
CA ASN A 27 1.20 8.79 -1.18
C ASN A 27 1.47 9.80 -0.06
N LYS A 28 0.87 9.57 1.10
CA LYS A 28 1.05 10.45 2.24
C LYS A 28 2.40 10.22 2.91
N GLY A 29 2.69 8.96 3.24
CA GLY A 29 3.95 8.63 3.87
C GLY A 29 5.13 9.29 3.19
N LEU A 30 5.16 9.25 1.86
CA LEU A 30 6.24 9.85 1.10
C LEU A 30 6.32 11.36 1.35
N ASN A 31 5.18 12.02 1.26
CA ASN A 31 5.11 13.47 1.48
C ASN A 31 5.71 13.83 2.84
N THR A 32 5.17 13.22 3.90
CA THR A 32 5.66 13.48 5.24
C THR A 32 7.18 13.38 5.33
N ASP A 33 7.74 12.44 4.57
CA ASP A 33 9.19 12.24 4.55
C ASP A 33 9.89 13.44 3.91
N GLU A 34 9.25 14.05 2.92
CA GLU A 34 9.82 15.20 2.24
C GLU A 34 9.69 16.46 3.09
N LEU A 35 8.55 16.59 3.77
CA LEU A 35 8.30 17.74 4.63
C LEU A 35 9.23 17.74 5.84
N GLY A 36 9.63 16.55 6.27
CA GLY A 36 10.51 16.43 7.41
C GLY A 36 9.89 15.64 8.55
N GLN A 37 8.64 15.21 8.35
CA GLN A 37 7.94 14.45 9.38
C GLN A 37 8.48 13.02 9.47
N LYS A 38 9.18 12.72 10.56
CA LYS A 38 9.75 11.41 10.77
C LYS A 38 8.75 10.48 11.46
N GLU A 39 7.86 11.08 12.25
CA GLU A 39 6.85 10.31 12.98
C GLU A 39 5.74 9.84 12.04
N GLU A 40 4.93 10.78 11.57
CA GLU A 40 3.84 10.47 10.67
C GLU A 40 4.31 9.55 9.53
N ALA A 41 5.32 10.01 8.80
CA ALA A 41 5.87 9.23 7.69
C ALA A 41 5.82 7.74 7.99
N LYS A 42 6.25 7.36 9.20
CA LYS A 42 6.25 5.97 9.60
C LYS A 42 4.83 5.47 9.87
N ASN A 43 4.03 6.32 10.51
CA ASN A 43 2.64 5.97 10.82
C ASN A 43 1.86 5.65 9.55
N TYR A 44 1.96 6.54 8.57
CA TYR A 44 1.26 6.37 7.30
C TYR A 44 1.54 4.99 6.71
N TYR A 45 2.82 4.68 6.54
CA TYR A 45 3.24 3.40 5.98
C TYR A 45 2.68 2.25 6.80
N LYS A 46 2.68 2.41 8.13
CA LYS A 46 2.17 1.38 9.03
C LYS A 46 0.71 1.08 8.74
N GLN A 47 0.00 2.07 8.21
CA GLN A 47 -1.42 1.90 7.88
C GLN A 47 -1.59 1.27 6.50
N GLY A 48 -0.78 1.72 5.55
CA GLY A 48 -0.86 1.19 4.20
C GLY A 48 -0.45 -0.27 4.12
N ILE A 49 0.48 -0.66 5.00
CA ILE A 49 0.96 -2.04 5.02
C ILE A 49 -0.18 -3.01 5.31
N GLY A 50 -0.99 -2.70 6.31
CA GLY A 50 -2.10 -3.56 6.66
C GLY A 50 -3.22 -3.51 5.63
N HIS A 51 -3.27 -2.42 4.87
CA HIS A 51 -4.30 -2.25 3.85
C HIS A 51 -3.91 -3.00 2.57
N LEU A 52 -2.62 -3.14 2.34
CA LEU A 52 -2.11 -3.83 1.16
C LEU A 52 -2.39 -5.33 1.24
N LEU A 53 -1.80 -5.98 2.24
CA LEU A 53 -1.98 -7.41 2.44
C LEU A 53 -3.46 -7.78 2.43
N ARG A 54 -4.27 -6.95 3.08
CA ARG A 54 -5.71 -7.19 3.15
C ARG A 54 -6.29 -7.41 1.76
N GLY A 55 -5.68 -6.79 0.76
CA GLY A 55 -6.14 -6.93 -0.61
C GLY A 55 -5.39 -8.00 -1.37
N ILE A 56 -4.25 -8.42 -0.84
CA ILE A 56 -3.43 -9.44 -1.48
C ILE A 56 -3.77 -10.83 -0.93
N SER A 57 -4.40 -10.87 0.23
CA SER A 57 -4.78 -12.12 0.86
C SER A 57 -6.24 -12.45 0.59
N ILE A 58 -6.72 -12.08 -0.59
CA ILE A 58 -8.10 -12.33 -0.98
C ILE A 58 -8.20 -13.60 -1.81
N SER A 59 -7.06 -14.17 -2.18
CA SER A 59 -7.03 -15.38 -2.99
C SER A 59 -7.82 -15.20 -4.27
N SER A 60 -7.12 -14.81 -5.34
CA SER A 60 -7.77 -14.60 -6.63
C SER A 60 -7.66 -15.85 -7.50
N LYS A 61 -8.67 -16.71 -7.39
CA LYS A 61 -8.70 -17.94 -8.17
C LYS A 61 -8.64 -17.66 -9.67
N GLU A 62 -8.16 -18.62 -10.44
CA GLU A 62 -8.05 -18.47 -11.89
C GLU A 62 -8.96 -19.47 -12.61
N SER A 63 -10.14 -19.68 -12.06
CA SER A 63 -11.10 -20.61 -12.65
C SER A 63 -12.51 -20.05 -12.63
N GLU A 64 -13.09 -19.96 -11.43
CA GLU A 64 -14.43 -19.43 -11.26
C GLU A 64 -14.41 -17.91 -11.19
N HIS A 65 -13.85 -17.28 -12.22
CA HIS A 65 -13.77 -15.83 -12.27
C HIS A 65 -14.44 -15.29 -13.54
N THR A 66 -15.70 -14.90 -13.41
CA THR A 66 -16.44 -14.37 -14.54
C THR A 66 -16.72 -12.88 -14.37
N GLY A 67 -16.81 -12.16 -15.49
CA GLY A 67 -17.07 -10.74 -15.45
C GLY A 67 -15.80 -9.91 -15.54
N PRO A 68 -15.94 -8.65 -15.98
CA PRO A 68 -14.80 -7.74 -16.12
C PRO A 68 -14.23 -7.30 -14.78
N GLY A 69 -15.02 -7.48 -13.72
CA GLY A 69 -14.58 -7.10 -12.39
C GLY A 69 -13.35 -7.87 -11.95
N TRP A 70 -13.38 -9.18 -12.14
CA TRP A 70 -12.26 -10.03 -11.76
C TRP A 70 -11.00 -9.67 -12.53
N GLU A 71 -11.19 -9.14 -13.74
CA GLU A 71 -10.06 -8.74 -14.58
C GLU A 71 -9.32 -7.55 -13.97
N SER A 72 -10.07 -6.48 -13.69
CA SER A 72 -9.49 -5.27 -13.11
C SER A 72 -8.94 -5.55 -11.72
N ALA A 73 -9.60 -6.44 -11.00
CA ALA A 73 -9.18 -6.79 -9.65
C ALA A 73 -7.84 -7.52 -9.67
N ARG A 74 -7.67 -8.43 -10.62
CA ARG A 74 -6.44 -9.19 -10.74
C ARG A 74 -5.26 -8.28 -11.04
N GLN A 75 -5.54 -7.18 -11.75
CA GLN A 75 -4.50 -6.22 -12.11
C GLN A 75 -4.09 -5.39 -10.90
N MET A 76 -5.04 -4.65 -10.35
CA MET A 76 -4.78 -3.81 -9.19
C MET A 76 -4.05 -4.59 -8.11
N GLN A 77 -4.50 -5.81 -7.86
CA GLN A 77 -3.88 -6.66 -6.84
C GLN A 77 -2.39 -6.80 -7.08
N GLN A 78 -2.03 -7.29 -8.28
CA GLN A 78 -0.62 -7.46 -8.63
C GLN A 78 0.19 -6.22 -8.33
N LYS A 79 -0.43 -5.06 -8.53
CA LYS A 79 0.24 -3.79 -8.27
C LYS A 79 0.70 -3.70 -6.82
N MET A 80 -0.19 -4.02 -5.90
CA MET A 80 0.12 -3.99 -4.48
C MET A 80 1.29 -4.92 -4.16
N LYS A 81 1.28 -6.10 -4.76
CA LYS A 81 2.34 -7.08 -4.54
C LYS A 81 3.70 -6.52 -4.96
N GLU A 82 3.68 -5.64 -5.95
CA GLU A 82 4.92 -5.03 -6.44
C GLU A 82 5.28 -3.80 -5.61
N THR A 83 4.27 -3.00 -5.25
CA THR A 83 4.49 -1.80 -4.46
C THR A 83 4.71 -2.14 -2.99
N LEU A 84 4.28 -3.33 -2.59
CA LEU A 84 4.44 -3.78 -1.21
C LEU A 84 5.90 -3.91 -0.84
N GLN A 85 6.60 -4.82 -1.52
CA GLN A 85 8.02 -5.04 -1.26
C GLN A 85 8.75 -3.72 -1.05
N ASN A 86 8.46 -2.75 -1.92
CA ASN A 86 9.09 -1.43 -1.83
C ASN A 86 8.66 -0.70 -0.57
N VAL A 87 7.34 -0.63 -0.36
CA VAL A 87 6.79 0.04 0.80
C VAL A 87 7.40 -0.50 2.09
N ARG A 88 7.37 -1.82 2.24
CA ARG A 88 7.92 -2.48 3.42
C ARG A 88 9.16 -1.74 3.92
N THR A 89 10.16 -1.64 3.05
CA THR A 89 11.41 -0.96 3.40
C THR A 89 11.18 0.52 3.65
N ARG A 90 10.53 1.18 2.70
CA ARG A 90 10.24 2.61 2.83
C ARG A 90 9.95 2.98 4.28
N LEU A 91 9.38 2.04 5.03
CA LEU A 91 9.04 2.26 6.42
C LEU A 91 10.21 1.90 7.33
N GLU A 92 10.81 0.74 7.07
CA GLU A 92 11.95 0.28 7.86
C GLU A 92 13.08 1.31 7.83
N ILE A 93 13.37 1.83 6.64
CA ILE A 93 14.43 2.81 6.48
C ILE A 93 14.28 3.96 7.47
N LEU A 94 13.03 4.33 7.76
CA LEU A 94 12.75 5.41 8.70
C LEU A 94 12.94 4.95 10.14
N GLU A 95 12.26 3.87 10.51
CA GLU A 95 12.37 3.32 11.86
C GLU A 95 13.82 3.22 12.29
N LYS A 96 14.64 2.55 11.48
CA LYS A 96 16.05 2.38 11.77
C LYS A 96 16.80 3.69 11.62
N GLY A 97 16.32 4.56 10.73
CA GLY A 97 16.95 5.84 10.51
C GLY A 97 17.03 6.68 11.77
N LEU A 98 15.88 6.84 12.43
CA LEU A 98 15.82 7.62 13.66
C LEU A 98 16.92 7.21 14.63
N ALA A 99 16.96 7.88 15.78
CA ALA A 99 17.96 7.57 16.80
C ALA A 99 18.30 6.08 16.82
N THR A 100 19.59 5.77 16.82
CA THR A 100 20.04 4.39 16.84
C THR A 100 21.38 4.26 17.54
N SER A 101 21.42 3.41 18.58
CA SER A 101 22.64 3.20 19.34
C SER A 101 23.79 2.80 18.42
N LEU A 102 24.98 2.64 19.00
CA LEU A 102 26.16 2.26 18.24
C LEU A 102 26.26 0.74 18.09
N GLN A 103 25.10 0.09 18.09
CA GLN A 103 25.05 -1.36 17.96
C GLN A 103 25.02 -1.77 16.49
N ASN A 104 23.85 -1.62 15.87
CA ASN A 104 23.69 -1.98 14.46
C ASN A 104 24.20 -0.87 13.56
N ASP A 105 25.02 -1.23 12.58
CA ASP A 105 25.58 -0.27 11.65
C ASP A 105 25.78 -0.90 10.27
N LEU A 106 24.97 -0.48 9.31
CA LEU A 106 25.06 -1.00 7.95
C LEU A 106 26.51 -1.24 7.55
N GLN A 107 26.73 -2.23 6.68
CA GLN A 107 28.07 -2.56 6.22
C GLN A 107 28.15 -2.51 4.70
N GLU A 108 29.37 -2.34 4.19
CA GLU A 108 29.58 -2.28 2.74
C GLU A 108 29.18 -3.59 2.08
N VAL A 109 27.92 -3.69 1.68
CA VAL A 109 27.41 -4.90 1.03
C VAL A 109 28.16 -5.17 -0.27
N PRO A 110 28.28 -6.46 -0.61
CA PRO A 110 28.97 -6.89 -1.84
C PRO A 110 28.20 -6.52 -3.10
N SER A 111 28.73 -6.93 -4.24
CA SER A 111 28.08 -6.64 -5.52
C SER A 111 28.06 -7.88 -6.42
N GLY A 112 27.59 -7.71 -7.65
CA GLY A 112 27.53 -8.81 -8.57
C GLY A 112 26.96 -10.07 -7.94
N PRO A 113 25.76 -9.95 -7.35
CA PRO A 113 25.09 -11.07 -6.69
C PRO A 113 24.60 -12.11 -7.69
N SER A 114 24.39 -13.34 -7.21
CA SER A 114 23.93 -14.42 -8.06
C SER A 114 22.95 -15.32 -7.30
N SER A 115 21.86 -14.73 -6.84
CA SER A 115 20.85 -15.47 -6.09
C SER A 115 19.56 -14.66 -5.97
N GLY A 116 18.53 -15.09 -6.68
CA GLY A 116 17.25 -14.40 -6.63
C GLY A 116 16.85 -14.01 -5.23
N GLY A 1 -35.61 -10.40 -14.76
CA GLY A 1 -35.50 -11.75 -15.25
C GLY A 1 -34.16 -12.04 -15.89
N SER A 2 -33.96 -13.28 -16.33
CA SER A 2 -32.71 -13.67 -16.96
C SER A 2 -31.53 -13.48 -16.00
N SER A 3 -30.43 -14.18 -16.27
CA SER A 3 -29.24 -14.08 -15.44
C SER A 3 -28.36 -12.91 -15.87
N GLY A 4 -28.88 -11.69 -15.70
CA GLY A 4 -28.13 -10.52 -16.10
C GLY A 4 -26.78 -10.44 -15.42
N SER A 5 -26.78 -10.18 -14.11
CA SER A 5 -25.54 -10.09 -13.35
C SER A 5 -25.80 -10.35 -11.86
N SER A 6 -25.45 -11.55 -11.42
CA SER A 6 -25.65 -11.94 -10.02
C SER A 6 -24.70 -11.17 -9.12
N GLY A 7 -25.08 -11.03 -7.85
CA GLY A 7 -24.25 -10.32 -6.89
C GLY A 7 -22.78 -10.66 -7.02
N GLU A 8 -21.93 -9.65 -6.88
CA GLU A 8 -20.48 -9.86 -6.98
C GLU A 8 -19.94 -10.51 -5.73
N PRO A 9 -18.77 -11.16 -5.86
CA PRO A 9 -18.11 -11.84 -4.73
C PRO A 9 -17.57 -10.85 -3.70
N ALA A 10 -17.84 -11.13 -2.43
CA ALA A 10 -17.37 -10.26 -1.34
C ALA A 10 -15.86 -10.06 -1.41
N GLU A 11 -15.19 -10.91 -2.19
CA GLU A 11 -13.75 -10.83 -2.34
C GLU A 11 -13.35 -9.59 -3.15
N ILE A 12 -14.02 -9.40 -4.28
CA ILE A 12 -13.74 -8.26 -5.14
C ILE A 12 -14.04 -6.95 -4.43
N LYS A 13 -15.31 -6.72 -4.13
CA LYS A 13 -15.72 -5.49 -3.44
C LYS A 13 -14.71 -5.10 -2.37
N ILE A 14 -14.02 -6.09 -1.83
CA ILE A 14 -13.02 -5.85 -0.79
C ILE A 14 -11.72 -5.34 -1.40
N ILE A 15 -11.29 -5.98 -2.49
CA ILE A 15 -10.05 -5.59 -3.17
C ILE A 15 -10.11 -4.13 -3.61
N ARG A 16 -11.32 -3.66 -3.91
CA ARG A 16 -11.51 -2.28 -4.35
C ARG A 16 -11.12 -1.30 -3.24
N GLU A 17 -11.83 -1.34 -2.13
CA GLU A 17 -11.57 -0.46 -1.01
C GLU A 17 -10.11 -0.58 -0.56
N ALA A 18 -9.66 -1.83 -0.40
CA ALA A 18 -8.29 -2.09 0.02
C ALA A 18 -7.28 -1.57 -1.00
N TYR A 19 -7.66 -1.61 -2.27
CA TYR A 19 -6.79 -1.13 -3.34
C TYR A 19 -6.62 0.38 -3.28
N LYS A 20 -7.69 1.08 -2.91
CA LYS A 20 -7.66 2.54 -2.81
C LYS A 20 -7.04 2.97 -1.49
N LYS A 21 -7.73 2.68 -0.39
CA LYS A 21 -7.24 3.04 0.94
C LYS A 21 -5.75 2.74 1.07
N ALA A 22 -5.34 1.57 0.60
CA ALA A 22 -3.94 1.16 0.66
C ALA A 22 -3.04 2.17 -0.05
N PHE A 23 -3.36 2.43 -1.31
CA PHE A 23 -2.57 3.37 -2.11
C PHE A 23 -2.84 4.82 -1.66
N LEU A 24 -3.86 4.99 -0.83
CA LEU A 24 -4.21 6.31 -0.32
C LEU A 24 -3.25 6.75 0.78
N PHE A 25 -3.18 5.96 1.84
CA PHE A 25 -2.30 6.26 2.97
C PHE A 25 -0.86 6.37 2.51
N VAL A 26 -0.53 5.66 1.43
CA VAL A 26 0.83 5.68 0.90
C VAL A 26 1.21 7.06 0.40
N ASN A 27 0.40 7.60 -0.51
CA ASN A 27 0.66 8.93 -1.07
C ASN A 27 1.06 9.91 0.03
N LYS A 28 0.56 9.67 1.24
CA LYS A 28 0.86 10.53 2.37
C LYS A 28 2.29 10.32 2.85
N GLY A 29 2.57 9.11 3.34
CA GLY A 29 3.90 8.80 3.82
C GLY A 29 5.00 9.36 2.93
N LEU A 30 4.94 9.03 1.64
CA LEU A 30 5.93 9.51 0.68
C LEU A 30 6.16 11.01 0.84
N ASN A 31 5.07 11.77 0.98
CA ASN A 31 5.16 13.21 1.14
C ASN A 31 5.85 13.57 2.44
N THR A 32 5.21 13.26 3.57
CA THR A 32 5.76 13.56 4.88
C THR A 32 7.27 13.35 4.89
N ASP A 33 7.71 12.18 4.48
CA ASP A 33 9.14 11.86 4.43
C ASP A 33 9.93 12.97 3.74
N GLU A 34 9.37 13.47 2.64
CA GLU A 34 10.01 14.54 1.88
C GLU A 34 9.98 15.86 2.65
N LEU A 35 8.86 16.11 3.33
CA LEU A 35 8.71 17.34 4.11
C LEU A 35 9.67 17.36 5.29
N GLY A 36 10.03 16.18 5.78
CA GLY A 36 10.95 16.08 6.90
C GLY A 36 10.26 15.61 8.17
N GLN A 37 9.34 14.66 8.01
CA GLN A 37 8.60 14.12 9.15
C GLN A 37 8.82 12.62 9.28
N LYS A 38 9.90 12.23 9.95
CA LYS A 38 10.22 10.82 10.14
C LYS A 38 9.17 10.14 11.00
N GLU A 39 8.39 10.94 11.73
CA GLU A 39 7.34 10.41 12.59
C GLU A 39 6.07 10.12 11.80
N GLU A 40 5.41 11.19 11.36
CA GLU A 40 4.18 11.06 10.59
C GLU A 40 4.32 9.97 9.52
N ALA A 41 5.44 9.99 8.81
CA ALA A 41 5.70 9.00 7.77
C ALA A 41 5.45 7.58 8.27
N LYS A 42 6.31 7.12 9.17
CA LYS A 42 6.19 5.78 9.73
C LYS A 42 4.73 5.42 9.96
N ASN A 43 4.00 6.30 10.64
CA ASN A 43 2.59 6.07 10.93
C ASN A 43 1.84 5.70 9.65
N TYR A 44 1.82 6.61 8.68
CA TYR A 44 1.14 6.37 7.42
C TYR A 44 1.45 4.98 6.87
N TYR A 45 2.75 4.69 6.73
CA TYR A 45 3.19 3.40 6.22
C TYR A 45 2.61 2.27 7.05
N LYS A 46 2.54 2.48 8.36
CA LYS A 46 2.00 1.46 9.27
C LYS A 46 0.51 1.25 9.04
N GLN A 47 -0.11 2.21 8.36
CA GLN A 47 -1.54 2.12 8.07
C GLN A 47 -1.78 1.51 6.70
N GLY A 48 -1.17 2.11 5.67
CA GLY A 48 -1.33 1.60 4.32
C GLY A 48 -0.81 0.19 4.16
N ILE A 49 0.10 -0.21 5.04
CA ILE A 49 0.68 -1.55 5.00
C ILE A 49 -0.36 -2.61 5.34
N GLY A 50 -1.16 -2.32 6.36
CA GLY A 50 -2.19 -3.27 6.77
C GLY A 50 -3.27 -3.45 5.73
N HIS A 51 -3.59 -2.37 5.02
CA HIS A 51 -4.62 -2.40 3.99
C HIS A 51 -4.12 -3.17 2.75
N LEU A 52 -2.84 -3.02 2.45
CA LEU A 52 -2.25 -3.68 1.31
C LEU A 52 -2.46 -5.19 1.37
N LEU A 53 -2.00 -5.79 2.48
CA LEU A 53 -2.15 -7.23 2.67
C LEU A 53 -3.61 -7.64 2.59
N ARG A 54 -4.45 -6.96 3.36
CA ARG A 54 -5.89 -7.26 3.38
C ARG A 54 -6.41 -7.52 1.97
N GLY A 55 -5.77 -6.89 0.98
CA GLY A 55 -6.18 -7.06 -0.40
C GLY A 55 -5.35 -8.11 -1.12
N ILE A 56 -4.14 -8.35 -0.62
CA ILE A 56 -3.23 -9.33 -1.23
C ILE A 56 -3.37 -10.68 -0.55
N SER A 57 -4.29 -10.78 0.40
CA SER A 57 -4.51 -12.02 1.13
C SER A 57 -6.00 -12.37 1.17
N ILE A 58 -6.74 -11.89 0.19
CA ILE A 58 -8.18 -12.15 0.11
C ILE A 58 -8.45 -13.64 -0.07
N SER A 59 -8.64 -14.06 -1.32
CA SER A 59 -8.90 -15.46 -1.63
C SER A 59 -9.44 -15.61 -3.05
N SER A 60 -8.52 -15.84 -4.00
CA SER A 60 -8.90 -16.00 -5.39
C SER A 60 -8.48 -17.37 -5.91
N LYS A 61 -7.90 -18.18 -5.03
CA LYS A 61 -7.45 -19.52 -5.40
C LYS A 61 -8.63 -20.48 -5.47
N GLU A 62 -9.83 -19.98 -5.17
CA GLU A 62 -11.03 -20.79 -5.20
C GLU A 62 -12.26 -19.92 -5.46
N SER A 63 -12.56 -19.69 -6.72
CA SER A 63 -13.71 -18.86 -7.10
C SER A 63 -14.16 -19.18 -8.52
N GLU A 64 -15.10 -18.39 -9.03
CA GLU A 64 -15.62 -18.58 -10.38
C GLU A 64 -14.56 -18.20 -11.43
N HIS A 65 -13.91 -17.07 -11.22
CA HIS A 65 -12.88 -16.60 -12.14
C HIS A 65 -13.45 -16.40 -13.53
N THR A 66 -12.57 -16.21 -14.51
CA THR A 66 -12.99 -16.01 -15.89
C THR A 66 -13.87 -14.77 -16.02
N GLY A 67 -13.67 -14.01 -17.11
CA GLY A 67 -14.46 -12.82 -17.33
C GLY A 67 -13.67 -11.55 -17.04
N PRO A 68 -14.17 -10.42 -17.57
CA PRO A 68 -13.53 -9.11 -17.38
C PRO A 68 -13.63 -8.62 -15.94
N GLY A 69 -14.41 -9.31 -15.13
CA GLY A 69 -14.57 -8.93 -13.74
C GLY A 69 -13.29 -9.08 -12.95
N TRP A 70 -12.88 -10.32 -12.72
CA TRP A 70 -11.65 -10.59 -11.96
C TRP A 70 -10.44 -9.93 -12.62
N GLU A 71 -10.55 -9.68 -13.93
CA GLU A 71 -9.47 -9.06 -14.67
C GLU A 71 -8.97 -7.79 -13.97
N SER A 72 -9.86 -6.81 -13.84
CA SER A 72 -9.53 -5.56 -13.20
C SER A 72 -8.96 -5.80 -11.79
N ALA A 73 -9.63 -6.66 -11.04
CA ALA A 73 -9.19 -6.98 -9.68
C ALA A 73 -7.76 -7.53 -9.68
N ARG A 74 -7.41 -8.23 -10.75
CA ARG A 74 -6.08 -8.81 -10.88
C ARG A 74 -5.04 -7.74 -11.20
N GLN A 75 -5.50 -6.66 -11.83
CA GLN A 75 -4.61 -5.57 -12.21
C GLN A 75 -4.30 -4.69 -11.00
N MET A 76 -5.34 -4.34 -10.25
CA MET A 76 -5.18 -3.48 -9.07
C MET A 76 -4.37 -4.21 -7.99
N GLN A 77 -4.29 -5.53 -8.10
CA GLN A 77 -3.54 -6.34 -7.14
C GLN A 77 -2.05 -6.32 -7.47
N GLN A 78 -1.70 -6.84 -8.64
CA GLN A 78 -0.32 -6.90 -9.07
C GLN A 78 0.41 -5.58 -8.74
N LYS A 79 -0.34 -4.48 -8.75
CA LYS A 79 0.22 -3.18 -8.45
C LYS A 79 0.59 -3.06 -6.97
N MET A 80 -0.40 -3.28 -6.11
CA MET A 80 -0.18 -3.20 -4.68
C MET A 80 1.03 -4.03 -4.26
N LYS A 81 1.06 -5.28 -4.69
CA LYS A 81 2.18 -6.18 -4.38
C LYS A 81 3.51 -5.52 -4.69
N GLU A 82 3.65 -5.02 -5.92
CA GLU A 82 4.89 -4.37 -6.33
C GLU A 82 5.13 -3.09 -5.53
N THR A 83 4.07 -2.59 -4.90
CA THR A 83 4.17 -1.37 -4.10
C THR A 83 4.47 -1.70 -2.64
N LEU A 84 4.09 -2.90 -2.21
CA LEU A 84 4.32 -3.34 -0.84
C LEU A 84 5.81 -3.43 -0.54
N GLN A 85 6.52 -4.27 -1.31
CA GLN A 85 7.95 -4.45 -1.13
C GLN A 85 8.67 -3.10 -1.15
N ASN A 86 8.25 -2.21 -2.05
CA ASN A 86 8.86 -0.90 -2.16
C ASN A 86 8.60 -0.07 -0.91
N VAL A 87 7.60 -0.47 -0.13
CA VAL A 87 7.26 0.24 1.09
C VAL A 87 7.95 -0.38 2.30
N ARG A 88 7.71 -1.67 2.53
CA ARG A 88 8.31 -2.38 3.65
C ARG A 88 9.77 -1.94 3.85
N THR A 89 10.41 -1.54 2.76
CA THR A 89 11.79 -1.10 2.81
C THR A 89 11.90 0.31 3.41
N ARG A 90 10.98 1.18 3.03
CA ARG A 90 10.97 2.55 3.52
C ARG A 90 10.78 2.58 5.04
N LEU A 91 9.82 1.79 5.52
CA LEU A 91 9.52 1.74 6.95
C LEU A 91 10.74 1.24 7.73
N GLU A 92 11.57 0.43 7.07
CA GLU A 92 12.77 -0.11 7.72
C GLU A 92 13.85 0.97 7.83
N ILE A 93 14.04 1.72 6.75
CA ILE A 93 15.05 2.77 6.73
C ILE A 93 14.69 3.89 7.72
N LEU A 94 13.45 3.88 8.19
CA LEU A 94 12.99 4.89 9.14
C LEU A 94 13.27 4.46 10.58
N GLU A 95 12.80 3.26 10.93
CA GLU A 95 13.00 2.74 12.28
C GLU A 95 14.49 2.59 12.59
N LYS A 96 15.27 2.27 11.56
CA LYS A 96 16.71 2.10 11.73
C LYS A 96 17.37 3.42 12.10
N GLY A 97 16.74 4.53 11.70
CA GLY A 97 17.29 5.83 12.01
C GLY A 97 16.79 6.38 13.34
N LEU A 98 15.58 5.99 13.72
CA LEU A 98 15.00 6.44 14.97
C LEU A 98 14.59 5.25 15.84
N ALA A 99 15.47 4.86 16.74
CA ALA A 99 15.20 3.74 17.64
C ALA A 99 16.22 3.68 18.77
N THR A 100 17.46 3.33 18.43
CA THR A 100 18.53 3.23 19.41
C THR A 100 18.43 4.36 20.43
N SER A 101 18.86 5.56 20.04
CA SER A 101 18.82 6.71 20.93
C SER A 101 17.59 7.57 20.65
N LEU A 102 16.44 7.14 21.19
CA LEU A 102 15.19 7.87 21.00
C LEU A 102 15.38 9.36 21.29
N GLN A 103 15.57 10.14 20.23
CA GLN A 103 15.75 11.57 20.37
C GLN A 103 14.52 12.24 20.96
N ASN A 104 13.36 11.97 20.35
CA ASN A 104 12.11 12.53 20.81
C ASN A 104 12.23 14.04 21.03
N ASP A 105 11.81 14.82 20.03
CA ASP A 105 11.88 16.27 20.12
C ASP A 105 10.52 16.90 19.82
N LEU A 106 10.19 17.96 20.55
CA LEU A 106 8.92 18.64 20.38
C LEU A 106 8.67 18.96 18.91
N GLN A 107 7.51 19.51 18.61
CA GLN A 107 7.14 19.86 17.24
C GLN A 107 6.86 21.36 17.12
N GLU A 108 6.36 21.77 15.97
CA GLU A 108 6.04 23.17 15.73
C GLU A 108 4.59 23.48 16.08
N VAL A 109 4.29 24.76 16.31
CA VAL A 109 2.94 25.18 16.65
C VAL A 109 2.02 25.11 15.44
N PRO A 110 0.73 24.85 15.70
CA PRO A 110 -0.28 24.76 14.64
C PRO A 110 -0.58 26.11 14.01
N SER A 111 -0.80 26.11 12.69
CA SER A 111 -1.10 27.35 11.98
C SER A 111 -2.49 27.29 11.34
N GLY A 112 -3.44 26.75 12.08
CA GLY A 112 -4.80 26.64 11.57
C GLY A 112 -4.84 26.08 10.16
N PRO A 113 -4.10 24.99 9.93
CA PRO A 113 -4.04 24.34 8.61
C PRO A 113 -5.35 23.65 8.25
N SER A 114 -6.28 24.42 7.69
CA SER A 114 -7.58 23.87 7.30
C SER A 114 -7.88 24.17 5.84
N SER A 115 -8.97 23.61 5.33
CA SER A 115 -9.36 23.81 3.94
C SER A 115 -10.88 23.67 3.78
N GLY A 116 -11.56 24.78 3.58
CA GLY A 116 -13.00 24.75 3.40
C GLY A 116 -13.41 24.14 2.08
N GLY A 1 -26.76 -13.88 0.39
CA GLY A 1 -27.51 -14.95 -0.23
C GLY A 1 -27.53 -14.85 -1.74
N SER A 2 -26.47 -14.28 -2.31
CA SER A 2 -26.37 -14.12 -3.75
C SER A 2 -27.30 -13.02 -4.25
N SER A 3 -28.03 -12.42 -3.31
CA SER A 3 -28.97 -11.34 -3.65
C SER A 3 -29.98 -11.82 -4.68
N GLY A 4 -31.01 -11.01 -4.90
CA GLY A 4 -32.04 -11.36 -5.87
C GLY A 4 -31.48 -11.51 -7.27
N SER A 5 -30.86 -10.45 -7.79
CA SER A 5 -30.29 -10.47 -9.13
C SER A 5 -28.76 -10.51 -9.06
N SER A 6 -28.13 -10.12 -10.16
CA SER A 6 -26.67 -10.12 -10.23
C SER A 6 -26.08 -9.29 -9.10
N GLY A 7 -24.75 -9.10 -9.14
CA GLY A 7 -24.09 -8.34 -8.10
C GLY A 7 -22.59 -8.54 -8.12
N GLU A 8 -21.97 -8.44 -6.95
CA GLU A 8 -20.52 -8.62 -6.83
C GLU A 8 -20.19 -9.89 -6.06
N PRO A 9 -19.02 -10.47 -6.35
CA PRO A 9 -18.56 -11.70 -5.70
C PRO A 9 -18.19 -11.48 -4.24
N ALA A 10 -18.33 -10.25 -3.78
CA ALA A 10 -18.02 -9.90 -2.39
C ALA A 10 -16.53 -9.69 -2.20
N GLU A 11 -15.73 -10.57 -2.79
CA GLU A 11 -14.28 -10.49 -2.68
C GLU A 11 -13.75 -9.27 -3.43
N ILE A 12 -14.24 -9.07 -4.66
CA ILE A 12 -13.81 -7.95 -5.49
C ILE A 12 -14.10 -6.63 -4.79
N LYS A 13 -15.32 -6.46 -4.30
CA LYS A 13 -15.72 -5.25 -3.62
C LYS A 13 -14.70 -4.86 -2.55
N ILE A 14 -14.09 -5.86 -1.93
CA ILE A 14 -13.09 -5.63 -0.90
C ILE A 14 -11.78 -5.12 -1.50
N ILE A 15 -11.34 -5.78 -2.56
CA ILE A 15 -10.10 -5.40 -3.24
C ILE A 15 -10.15 -3.94 -3.68
N ARG A 16 -11.35 -3.47 -4.02
CA ARG A 16 -11.53 -2.10 -4.46
C ARG A 16 -11.27 -1.11 -3.31
N GLU A 17 -11.74 -1.47 -2.12
CA GLU A 17 -11.56 -0.61 -0.95
C GLU A 17 -10.11 -0.64 -0.48
N ALA A 18 -9.56 -1.84 -0.35
CA ALA A 18 -8.18 -2.01 0.09
C ALA A 18 -7.21 -1.44 -0.93
N TYR A 19 -7.53 -1.63 -2.21
CA TYR A 19 -6.67 -1.13 -3.29
C TYR A 19 -6.53 0.38 -3.22
N LYS A 20 -7.62 1.06 -2.84
CA LYS A 20 -7.61 2.52 -2.73
C LYS A 20 -6.92 2.96 -1.44
N LYS A 21 -7.56 2.71 -0.31
CA LYS A 21 -7.01 3.08 0.98
C LYS A 21 -5.51 2.78 1.04
N ALA A 22 -5.12 1.62 0.54
CA ALA A 22 -3.72 1.22 0.53
C ALA A 22 -2.87 2.21 -0.25
N PHE A 23 -3.26 2.47 -1.50
CA PHE A 23 -2.53 3.41 -2.35
C PHE A 23 -2.78 4.84 -1.92
N LEU A 24 -3.74 5.03 -1.01
CA LEU A 24 -4.08 6.36 -0.51
C LEU A 24 -3.07 6.80 0.55
N PHE A 25 -2.91 5.97 1.58
CA PHE A 25 -1.98 6.28 2.67
C PHE A 25 -0.53 6.27 2.18
N VAL A 26 -0.29 5.52 1.10
CA VAL A 26 1.04 5.42 0.52
C VAL A 26 1.50 6.77 -0.04
N ASN A 27 0.64 7.39 -0.84
CA ASN A 27 0.96 8.68 -1.44
C ASN A 27 1.26 9.72 -0.38
N LYS A 28 0.73 9.50 0.82
CA LYS A 28 0.95 10.42 1.93
C LYS A 28 2.25 10.12 2.66
N GLY A 29 2.44 8.85 3.02
CA GLY A 29 3.65 8.45 3.70
C GLY A 29 4.90 9.03 3.06
N LEU A 30 4.88 9.18 1.74
CA LEU A 30 6.02 9.73 1.01
C LEU A 30 6.15 11.22 1.26
N ASN A 31 5.02 11.94 1.20
CA ASN A 31 5.02 13.37 1.41
C ASN A 31 5.73 13.73 2.72
N THR A 32 5.20 13.22 3.83
CA THR A 32 5.78 13.48 5.14
C THR A 32 7.30 13.44 5.09
N ASP A 33 7.83 12.27 4.76
CA ASP A 33 9.28 12.08 4.67
C ASP A 33 9.95 13.30 4.04
N GLU A 34 9.28 13.89 3.05
CA GLU A 34 9.81 15.07 2.37
C GLU A 34 9.67 16.31 3.24
N LEU A 35 8.53 16.43 3.91
CA LEU A 35 8.27 17.57 4.78
C LEU A 35 9.22 17.58 5.97
N GLY A 36 9.65 16.38 6.39
CA GLY A 36 10.56 16.28 7.52
C GLY A 36 9.89 15.69 8.74
N GLN A 37 9.05 14.68 8.54
CA GLN A 37 8.34 14.04 9.65
C GLN A 37 8.59 12.54 9.64
N LYS A 38 9.73 12.12 10.16
CA LYS A 38 10.09 10.72 10.22
C LYS A 38 9.09 9.94 11.07
N GLU A 39 8.44 10.63 12.01
CA GLU A 39 7.45 10.00 12.88
C GLU A 39 6.12 9.83 12.15
N GLU A 40 5.60 10.92 11.62
CA GLU A 40 4.32 10.89 10.90
C GLU A 40 4.37 9.87 9.76
N ALA A 41 5.45 9.90 9.00
CA ALA A 41 5.62 8.97 7.87
C ALA A 41 5.49 7.53 8.34
N LYS A 42 6.42 7.09 9.18
CA LYS A 42 6.41 5.73 9.70
C LYS A 42 4.99 5.26 9.99
N ASN A 43 4.17 6.19 10.49
CA ASN A 43 2.79 5.87 10.81
C ASN A 43 1.96 5.67 9.54
N TYR A 44 2.03 6.64 8.65
CA TYR A 44 1.28 6.58 7.40
C TYR A 44 1.50 5.24 6.71
N TYR A 45 2.75 4.79 6.69
CA TYR A 45 3.10 3.52 6.05
C TYR A 45 2.52 2.35 6.83
N LYS A 46 2.74 2.34 8.14
CA LYS A 46 2.23 1.28 9.00
C LYS A 46 0.76 1.02 8.74
N GLN A 47 0.09 2.00 8.14
CA GLN A 47 -1.33 1.87 7.83
C GLN A 47 -1.54 1.25 6.45
N GLY A 48 -0.77 1.73 5.47
CA GLY A 48 -0.87 1.22 4.13
C GLY A 48 -0.43 -0.23 4.02
N ILE A 49 0.62 -0.58 4.75
CA ILE A 49 1.15 -1.93 4.73
C ILE A 49 0.04 -2.95 5.00
N GLY A 50 -0.82 -2.64 5.96
CA GLY A 50 -1.91 -3.55 6.29
C GLY A 50 -2.98 -3.58 5.22
N HIS A 51 -3.45 -2.40 4.82
CA HIS A 51 -4.48 -2.29 3.79
C HIS A 51 -4.09 -3.05 2.54
N LEU A 52 -2.79 -3.19 2.32
CA LEU A 52 -2.26 -3.90 1.16
C LEU A 52 -2.59 -5.39 1.24
N LEU A 53 -2.04 -6.05 2.25
CA LEU A 53 -2.28 -7.48 2.43
C LEU A 53 -3.77 -7.81 2.39
N ARG A 54 -4.56 -7.10 3.21
CA ARG A 54 -5.99 -7.31 3.25
C ARG A 54 -6.56 -7.50 1.85
N GLY A 55 -5.90 -6.90 0.87
CA GLY A 55 -6.35 -7.01 -0.51
C GLY A 55 -5.70 -8.16 -1.25
N ILE A 56 -4.40 -8.34 -1.03
CA ILE A 56 -3.66 -9.40 -1.68
C ILE A 56 -3.82 -10.72 -0.92
N SER A 57 -4.67 -10.72 0.10
CA SER A 57 -4.90 -11.90 0.90
C SER A 57 -6.40 -12.22 0.97
N ILE A 58 -7.10 -11.98 -0.13
CA ILE A 58 -8.53 -12.24 -0.19
C ILE A 58 -8.81 -13.71 -0.46
N SER A 59 -9.01 -14.04 -1.73
CA SER A 59 -9.29 -15.42 -2.12
C SER A 59 -8.75 -15.70 -3.53
N SER A 60 -9.59 -15.51 -4.53
CA SER A 60 -9.21 -15.74 -5.92
C SER A 60 -8.86 -17.21 -6.14
N LYS A 61 -9.19 -18.05 -5.16
CA LYS A 61 -8.91 -19.48 -5.24
C LYS A 61 -10.03 -20.20 -5.98
N GLU A 62 -11.00 -19.44 -6.47
CA GLU A 62 -12.14 -20.00 -7.19
C GLU A 62 -12.06 -19.67 -8.68
N SER A 63 -12.28 -20.67 -9.52
CA SER A 63 -12.23 -20.48 -10.97
C SER A 63 -13.62 -20.65 -11.59
N GLU A 64 -14.47 -19.65 -11.41
CA GLU A 64 -15.82 -19.69 -11.95
C GLU A 64 -16.39 -18.27 -12.10
N HIS A 65 -15.64 -17.40 -12.76
CA HIS A 65 -16.07 -16.03 -12.97
C HIS A 65 -15.82 -15.59 -14.41
N THR A 66 -16.79 -14.89 -14.99
CA THR A 66 -16.68 -14.42 -16.36
C THR A 66 -16.86 -12.91 -16.44
N GLY A 67 -16.71 -12.36 -17.63
CA GLY A 67 -16.86 -10.93 -17.83
C GLY A 67 -15.78 -10.15 -17.11
N PRO A 68 -15.74 -8.82 -17.36
CA PRO A 68 -14.76 -7.93 -16.74
C PRO A 68 -14.99 -7.74 -15.24
N GLY A 69 -14.65 -8.77 -14.46
CA GLY A 69 -14.84 -8.70 -13.02
C GLY A 69 -13.54 -8.87 -12.26
N TRP A 70 -13.04 -10.11 -12.22
CA TRP A 70 -11.80 -10.41 -11.51
C TRP A 70 -10.60 -9.92 -12.30
N GLU A 71 -10.80 -9.68 -13.60
CA GLU A 71 -9.73 -9.20 -14.46
C GLU A 71 -9.12 -7.90 -13.92
N SER A 72 -9.97 -6.90 -13.72
CA SER A 72 -9.53 -5.61 -13.22
C SER A 72 -8.95 -5.75 -11.81
N ALA A 73 -9.54 -6.64 -11.02
CA ALA A 73 -9.09 -6.87 -9.66
C ALA A 73 -7.67 -7.44 -9.65
N ARG A 74 -7.41 -8.40 -10.51
CA ARG A 74 -6.09 -9.02 -10.60
C ARG A 74 -5.04 -8.01 -11.01
N GLN A 75 -5.46 -6.99 -11.76
CA GLN A 75 -4.54 -5.95 -12.21
C GLN A 75 -4.24 -4.97 -11.09
N MET A 76 -5.11 -4.91 -10.10
CA MET A 76 -4.93 -4.01 -8.97
C MET A 76 -4.18 -4.70 -7.84
N GLN A 77 -4.24 -6.03 -7.82
CA GLN A 77 -3.55 -6.81 -6.79
C GLN A 77 -2.04 -6.83 -7.03
N GLN A 78 -1.65 -7.09 -8.28
CA GLN A 78 -0.24 -7.15 -8.64
C GLN A 78 0.45 -5.81 -8.36
N LYS A 79 -0.30 -4.72 -8.56
CA LYS A 79 0.24 -3.39 -8.32
C LYS A 79 0.53 -3.16 -6.85
N MET A 80 -0.43 -3.53 -6.00
CA MET A 80 -0.28 -3.37 -4.56
C MET A 80 0.95 -4.14 -4.05
N LYS A 81 1.11 -5.36 -4.55
CA LYS A 81 2.24 -6.20 -4.14
C LYS A 81 3.57 -5.53 -4.48
N GLU A 82 3.65 -4.94 -5.67
CA GLU A 82 4.86 -4.26 -6.10
C GLU A 82 5.13 -3.03 -5.25
N THR A 83 4.06 -2.40 -4.77
CA THR A 83 4.17 -1.21 -3.94
C THR A 83 4.44 -1.57 -2.49
N LEU A 84 4.06 -2.80 -2.11
CA LEU A 84 4.25 -3.26 -0.74
C LEU A 84 5.73 -3.41 -0.42
N GLN A 85 6.43 -4.24 -1.19
CA GLN A 85 7.86 -4.46 -0.99
C GLN A 85 8.61 -3.13 -0.95
N ASN A 86 8.23 -2.22 -1.84
CA ASN A 86 8.87 -0.91 -1.92
C ASN A 86 8.56 -0.09 -0.68
N VAL A 87 7.53 -0.49 0.06
CA VAL A 87 7.13 0.22 1.27
C VAL A 87 7.78 -0.40 2.50
N ARG A 88 7.70 -1.72 2.60
CA ARG A 88 8.28 -2.43 3.73
C ARG A 88 9.65 -1.85 4.10
N THR A 89 10.52 -1.73 3.10
CA THR A 89 11.86 -1.20 3.32
C THR A 89 11.80 0.29 3.67
N ARG A 90 10.91 1.02 3.02
CA ARG A 90 10.76 2.45 3.27
C ARG A 90 10.46 2.72 4.74
N LEU A 91 9.56 1.92 5.31
CA LEU A 91 9.18 2.07 6.71
C LEU A 91 10.32 1.66 7.63
N GLU A 92 11.19 0.78 7.14
CA GLU A 92 12.33 0.31 7.92
C GLU A 92 13.41 1.39 8.00
N ILE A 93 13.92 1.80 6.84
CA ILE A 93 14.95 2.83 6.80
C ILE A 93 14.56 4.07 7.59
N LEU A 94 13.26 4.17 7.88
CA LEU A 94 12.74 5.31 8.65
C LEU A 94 12.98 5.11 10.15
N GLU A 95 12.93 3.85 10.58
CA GLU A 95 13.14 3.53 11.99
C GLU A 95 14.61 3.20 12.25
N LYS A 96 15.30 2.70 11.23
CA LYS A 96 16.70 2.34 11.35
C LYS A 96 17.59 3.57 11.14
N GLY A 97 17.05 4.58 10.50
CA GLY A 97 17.81 5.80 10.24
C GLY A 97 17.20 7.01 10.91
N LEU A 98 15.88 7.11 10.87
CA LEU A 98 15.18 8.24 11.48
C LEU A 98 15.98 9.53 11.33
N ALA A 99 16.64 9.68 10.18
CA ALA A 99 17.44 10.87 9.92
C ALA A 99 17.94 10.88 8.47
N THR A 100 17.04 10.59 7.54
CA THR A 100 17.39 10.57 6.12
C THR A 100 16.52 11.52 5.33
N SER A 101 16.78 12.82 5.46
CA SER A 101 16.02 13.83 4.74
C SER A 101 16.38 13.84 3.26
N LEU A 102 15.36 13.94 2.41
CA LEU A 102 15.56 13.96 0.96
C LEU A 102 15.92 15.36 0.49
N GLN A 103 17.05 15.48 -0.20
CA GLN A 103 17.51 16.76 -0.71
C GLN A 103 17.67 16.72 -2.23
N ASN A 104 17.26 17.79 -2.90
CA ASN A 104 17.35 17.87 -4.35
C ASN A 104 17.61 19.30 -4.79
N ASP A 105 18.34 19.46 -5.90
CA ASP A 105 18.64 20.78 -6.44
C ASP A 105 19.55 20.66 -7.66
N LEU A 106 19.14 19.85 -8.63
CA LEU A 106 19.91 19.65 -9.85
C LEU A 106 21.28 19.05 -9.53
N GLN A 107 21.28 17.86 -8.96
CA GLN A 107 22.52 17.17 -8.62
C GLN A 107 22.67 15.88 -9.42
N GLU A 108 21.57 15.42 -10.00
CA GLU A 108 21.58 14.19 -10.78
C GLU A 108 21.73 14.51 -12.27
N VAL A 109 22.97 14.47 -12.75
CA VAL A 109 23.27 14.76 -14.16
C VAL A 109 23.04 13.51 -15.02
N PRO A 110 22.64 13.74 -16.27
CA PRO A 110 22.39 12.65 -17.23
C PRO A 110 23.68 11.95 -17.65
N SER A 111 23.59 11.15 -18.71
CA SER A 111 24.74 10.42 -19.23
C SER A 111 24.71 10.34 -20.75
N GLY A 112 25.88 10.46 -21.37
CA GLY A 112 25.96 10.40 -22.81
C GLY A 112 26.56 9.11 -23.31
N PRO A 113 26.72 8.99 -24.64
CA PRO A 113 27.29 7.79 -25.26
C PRO A 113 28.78 7.64 -24.98
N SER A 114 29.28 6.41 -25.10
CA SER A 114 30.69 6.14 -24.86
C SER A 114 30.97 4.65 -24.87
N SER A 115 32.17 4.26 -25.27
CA SER A 115 32.56 2.86 -25.34
C SER A 115 32.67 2.27 -23.95
N GLY A 116 32.68 0.94 -23.86
CA GLY A 116 32.77 0.26 -22.59
C GLY A 116 34.10 -0.44 -22.41
N GLY A 1 -33.86 -4.91 -5.81
CA GLY A 1 -34.17 -4.15 -4.62
C GLY A 1 -34.26 -5.02 -3.38
N SER A 2 -35.41 -4.95 -2.69
CA SER A 2 -35.62 -5.74 -1.49
C SER A 2 -34.35 -5.78 -0.63
N SER A 3 -34.16 -4.75 0.18
CA SER A 3 -32.99 -4.66 1.04
C SER A 3 -31.74 -4.35 0.23
N GLY A 4 -31.31 -5.30 -0.59
CA GLY A 4 -30.13 -5.11 -1.42
C GLY A 4 -29.65 -6.40 -2.05
N SER A 5 -29.04 -6.30 -3.22
CA SER A 5 -28.54 -7.46 -3.93
C SER A 5 -27.30 -7.10 -4.76
N SER A 6 -26.33 -8.01 -4.77
CA SER A 6 -25.10 -7.79 -5.52
C SER A 6 -24.63 -9.07 -6.21
N GLY A 7 -24.04 -8.92 -7.39
CA GLY A 7 -23.56 -10.08 -8.13
C GLY A 7 -22.05 -10.22 -8.08
N GLU A 8 -21.41 -9.43 -7.22
CA GLU A 8 -19.97 -9.46 -7.09
C GLU A 8 -19.51 -10.79 -6.48
N PRO A 9 -18.27 -11.20 -6.81
CA PRO A 9 -17.69 -12.45 -6.31
C PRO A 9 -17.38 -12.39 -4.82
N ALA A 10 -17.65 -11.24 -4.21
CA ALA A 10 -17.41 -11.05 -2.78
C ALA A 10 -15.94 -10.75 -2.52
N GLU A 11 -15.05 -11.50 -3.17
CA GLU A 11 -13.62 -11.30 -3.01
C GLU A 11 -13.17 -9.97 -3.59
N ILE A 12 -13.65 -9.66 -4.79
CA ILE A 12 -13.30 -8.42 -5.46
C ILE A 12 -13.64 -7.22 -4.58
N LYS A 13 -14.92 -7.07 -4.24
CA LYS A 13 -15.37 -5.97 -3.41
C LYS A 13 -14.34 -5.65 -2.33
N ILE A 14 -13.85 -6.67 -1.65
CA ILE A 14 -12.86 -6.50 -0.60
C ILE A 14 -11.57 -5.91 -1.16
N ILE A 15 -11.17 -6.38 -2.34
CA ILE A 15 -9.95 -5.89 -2.97
C ILE A 15 -10.04 -4.40 -3.26
N ARG A 16 -11.24 -3.93 -3.58
CA ARG A 16 -11.45 -2.53 -3.88
C ARG A 16 -11.06 -1.65 -2.69
N GLU A 17 -11.79 -1.78 -1.59
CA GLU A 17 -11.51 -1.00 -0.39
C GLU A 17 -10.04 -1.14 0.02
N ALA A 18 -9.54 -2.37 0.01
CA ALA A 18 -8.16 -2.64 0.38
C ALA A 18 -7.19 -2.00 -0.62
N TYR A 19 -7.65 -1.83 -1.85
CA TYR A 19 -6.83 -1.23 -2.91
C TYR A 19 -6.73 0.28 -2.73
N LYS A 20 -7.87 0.89 -2.40
CA LYS A 20 -7.91 2.34 -2.21
C LYS A 20 -7.23 2.73 -0.90
N LYS A 21 -7.86 2.38 0.22
CA LYS A 21 -7.33 2.69 1.54
C LYS A 21 -5.81 2.48 1.56
N ALA A 22 -5.35 1.40 0.94
CA ALA A 22 -3.93 1.09 0.89
C ALA A 22 -3.16 2.18 0.15
N PHE A 23 -3.64 2.54 -1.03
CA PHE A 23 -2.99 3.56 -1.83
C PHE A 23 -3.33 4.96 -1.32
N LEU A 24 -4.30 5.03 -0.42
CA LEU A 24 -4.73 6.30 0.16
C LEU A 24 -3.71 6.81 1.19
N PHE A 25 -3.40 5.96 2.17
CA PHE A 25 -2.46 6.32 3.20
C PHE A 25 -1.02 6.29 2.67
N VAL A 26 -0.82 5.53 1.60
CA VAL A 26 0.51 5.42 0.99
C VAL A 26 0.98 6.77 0.46
N ASN A 27 0.25 7.30 -0.51
CA ASN A 27 0.60 8.60 -1.11
C ASN A 27 1.04 9.59 -0.03
N LYS A 28 0.56 9.38 1.19
CA LYS A 28 0.91 10.25 2.31
C LYS A 28 2.34 9.99 2.79
N GLY A 29 2.62 8.73 3.11
CA GLY A 29 3.95 8.37 3.57
C GLY A 29 5.04 8.90 2.66
N LEU A 30 4.85 8.74 1.35
CA LEU A 30 5.82 9.20 0.37
C LEU A 30 6.04 10.71 0.49
N ASN A 31 4.94 11.46 0.47
CA ASN A 31 5.00 12.91 0.57
C ASN A 31 5.74 13.34 1.84
N THR A 32 5.12 13.11 2.98
CA THR A 32 5.71 13.47 4.27
C THR A 32 7.22 13.19 4.27
N ASP A 33 7.58 11.94 4.03
CA ASP A 33 8.99 11.54 4.01
C ASP A 33 9.82 12.55 3.23
N GLU A 34 9.24 13.09 2.15
CA GLU A 34 9.94 14.06 1.32
C GLU A 34 10.06 15.40 2.03
N LEU A 35 9.00 15.79 2.74
CA LEU A 35 8.98 17.05 3.47
C LEU A 35 9.99 17.03 4.61
N GLY A 36 10.20 15.84 5.19
CA GLY A 36 11.14 15.70 6.29
C GLY A 36 10.47 15.30 7.58
N GLN A 37 9.33 14.63 7.46
CA GLN A 37 8.58 14.19 8.63
C GLN A 37 8.64 12.66 8.78
N LYS A 38 9.83 12.16 9.09
CA LYS A 38 10.04 10.73 9.25
C LYS A 38 8.99 10.14 10.19
N GLU A 39 8.58 10.93 11.19
CA GLU A 39 7.59 10.48 12.15
C GLU A 39 6.26 10.17 11.47
N GLU A 40 5.65 11.20 10.89
CA GLU A 40 4.37 11.03 10.21
C GLU A 40 4.47 9.98 9.11
N ALA A 41 5.54 10.07 8.31
CA ALA A 41 5.76 9.12 7.22
C ALA A 41 5.62 7.69 7.71
N LYS A 42 6.27 7.38 8.83
CA LYS A 42 6.21 6.05 9.41
C LYS A 42 4.77 5.62 9.68
N ASN A 43 4.01 6.50 10.32
CA ASN A 43 2.62 6.23 10.64
C ASN A 43 1.82 5.91 9.38
N TYR A 44 1.73 6.89 8.48
CA TYR A 44 1.00 6.72 7.23
C TYR A 44 1.28 5.35 6.62
N TYR A 45 2.54 4.94 6.66
CA TYR A 45 2.93 3.64 6.11
C TYR A 45 2.37 2.50 6.94
N LYS A 46 2.68 2.51 8.22
CA LYS A 46 2.20 1.47 9.13
C LYS A 46 0.68 1.30 9.01
N GLN A 47 0.01 2.31 8.47
CA GLN A 47 -1.43 2.27 8.29
C GLN A 47 -1.80 1.73 6.92
N GLY A 48 -1.24 2.35 5.88
CA GLY A 48 -1.52 1.93 4.53
C GLY A 48 -0.97 0.54 4.22
N ILE A 49 -0.10 0.05 5.09
CA ILE A 49 0.51 -1.25 4.92
C ILE A 49 -0.45 -2.36 5.33
N GLY A 50 -1.13 -2.15 6.46
CA GLY A 50 -2.08 -3.15 6.94
C GLY A 50 -3.19 -3.43 5.95
N HIS A 51 -3.46 -2.46 5.08
CA HIS A 51 -4.51 -2.61 4.08
C HIS A 51 -3.99 -3.38 2.86
N LEU A 52 -2.73 -3.15 2.51
CA LEU A 52 -2.12 -3.82 1.38
C LEU A 52 -2.27 -5.33 1.49
N LEU A 53 -1.76 -5.89 2.58
CA LEU A 53 -1.84 -7.33 2.82
C LEU A 53 -3.28 -7.82 2.73
N ARG A 54 -4.17 -7.20 3.50
CA ARG A 54 -5.57 -7.57 3.50
C ARG A 54 -6.09 -7.74 2.08
N GLY A 55 -5.40 -7.13 1.11
CA GLY A 55 -5.80 -7.22 -0.27
C GLY A 55 -5.05 -8.30 -1.02
N ILE A 56 -3.80 -8.52 -0.64
CA ILE A 56 -2.97 -9.53 -1.29
C ILE A 56 -3.31 -10.93 -0.77
N SER A 57 -4.15 -10.99 0.25
CA SER A 57 -4.54 -12.26 0.84
C SER A 57 -5.96 -12.64 0.41
N ILE A 58 -6.41 -12.05 -0.70
CA ILE A 58 -7.74 -12.32 -1.21
C ILE A 58 -7.74 -13.55 -2.11
N SER A 59 -7.61 -13.32 -3.42
CA SER A 59 -7.59 -14.41 -4.39
C SER A 59 -7.41 -13.87 -5.80
N SER A 60 -6.57 -14.54 -6.59
CA SER A 60 -6.31 -14.13 -7.96
C SER A 60 -5.49 -15.19 -8.69
N LYS A 61 -6.04 -16.39 -8.81
CA LYS A 61 -5.36 -17.48 -9.49
C LYS A 61 -6.36 -18.52 -9.98
N GLU A 62 -7.27 -18.92 -9.10
CA GLU A 62 -8.28 -19.91 -9.45
C GLU A 62 -8.81 -19.68 -10.86
N SER A 63 -8.67 -20.69 -11.71
CA SER A 63 -9.14 -20.59 -13.10
C SER A 63 -10.65 -20.67 -13.17
N GLU A 64 -11.30 -19.51 -13.26
CA GLU A 64 -12.76 -19.45 -13.34
C GLU A 64 -13.22 -18.08 -13.83
N HIS A 65 -12.67 -17.03 -13.23
CA HIS A 65 -13.02 -15.66 -13.61
C HIS A 65 -12.64 -15.38 -15.06
N THR A 66 -13.62 -14.93 -15.85
CA THR A 66 -13.38 -14.64 -17.25
C THR A 66 -13.78 -13.19 -17.58
N GLY A 67 -14.95 -12.79 -17.09
CA GLY A 67 -15.42 -11.44 -17.35
C GLY A 67 -14.33 -10.40 -17.19
N PRO A 68 -14.51 -9.23 -17.83
CA PRO A 68 -13.54 -8.15 -17.77
C PRO A 68 -13.50 -7.49 -16.40
N GLY A 69 -14.41 -7.89 -15.52
CA GLY A 69 -14.45 -7.33 -14.19
C GLY A 69 -13.24 -7.70 -13.36
N TRP A 70 -12.96 -9.00 -13.29
CA TRP A 70 -11.82 -9.49 -12.52
C TRP A 70 -10.51 -8.98 -13.10
N GLU A 71 -10.53 -8.62 -14.38
CA GLU A 71 -9.35 -8.10 -15.04
C GLU A 71 -8.80 -6.89 -14.33
N SER A 72 -9.58 -5.82 -14.29
CA SER A 72 -9.17 -4.58 -13.64
C SER A 72 -8.88 -4.82 -12.16
N ALA A 73 -9.61 -5.76 -11.57
CA ALA A 73 -9.43 -6.09 -10.16
C ALA A 73 -8.05 -6.67 -9.90
N ARG A 74 -7.61 -7.55 -10.79
CA ARG A 74 -6.30 -8.18 -10.66
C ARG A 74 -5.18 -7.17 -10.89
N GLN A 75 -5.47 -6.16 -11.69
CA GLN A 75 -4.49 -5.13 -12.01
C GLN A 75 -4.17 -4.28 -10.78
N MET A 76 -5.13 -4.21 -9.86
CA MET A 76 -4.95 -3.44 -8.63
C MET A 76 -4.14 -4.23 -7.61
N GLN A 77 -4.22 -5.56 -7.68
CA GLN A 77 -3.50 -6.43 -6.77
C GLN A 77 -2.03 -6.51 -7.15
N GLN A 78 -1.76 -6.66 -8.45
CA GLN A 78 -0.40 -6.76 -8.93
C GLN A 78 0.43 -5.55 -8.50
N LYS A 79 -0.19 -4.39 -8.53
CA LYS A 79 0.48 -3.15 -8.13
C LYS A 79 0.80 -3.16 -6.64
N MET A 80 -0.24 -3.33 -5.82
CA MET A 80 -0.08 -3.36 -4.37
C MET A 80 1.09 -4.26 -3.98
N LYS A 81 1.19 -5.42 -4.61
CA LYS A 81 2.26 -6.37 -4.33
C LYS A 81 3.62 -5.71 -4.47
N GLU A 82 3.75 -4.83 -5.47
CA GLU A 82 5.00 -4.14 -5.72
C GLU A 82 5.19 -3.00 -4.72
N THR A 83 4.29 -2.02 -4.77
CA THR A 83 4.35 -0.87 -3.88
C THR A 83 4.53 -1.31 -2.43
N LEU A 84 3.92 -2.44 -2.08
CA LEU A 84 4.01 -2.97 -0.72
C LEU A 84 5.44 -3.38 -0.39
N GLN A 85 5.94 -4.39 -1.11
CA GLN A 85 7.30 -4.88 -0.89
C GLN A 85 8.31 -3.75 -1.03
N ASN A 86 7.94 -2.72 -1.78
CA ASN A 86 8.82 -1.57 -1.99
C ASN A 86 8.71 -0.58 -0.84
N VAL A 87 7.64 -0.70 -0.06
CA VAL A 87 7.43 0.18 1.09
C VAL A 87 8.08 -0.37 2.34
N ARG A 88 7.98 -1.68 2.53
CA ARG A 88 8.57 -2.33 3.70
C ARG A 88 10.02 -1.90 3.89
N THR A 89 10.75 -1.78 2.78
CA THR A 89 12.15 -1.37 2.83
C THR A 89 12.29 0.04 3.39
N ARG A 90 11.29 0.88 3.13
CA ARG A 90 11.30 2.26 3.60
C ARG A 90 11.01 2.32 5.09
N LEU A 91 9.96 1.62 5.51
CA LEU A 91 9.57 1.60 6.91
C LEU A 91 10.66 0.94 7.78
N GLU A 92 11.60 0.28 7.12
CA GLU A 92 12.69 -0.39 7.82
C GLU A 92 13.80 0.60 8.17
N ILE A 93 14.10 1.50 7.22
CA ILE A 93 15.14 2.49 7.43
C ILE A 93 14.62 3.68 8.24
N LEU A 94 13.37 4.06 7.98
CA LEU A 94 12.75 5.18 8.68
C LEU A 94 12.64 4.89 10.17
N GLU A 95 12.26 3.66 10.51
CA GLU A 95 12.13 3.26 11.91
C GLU A 95 13.48 3.27 12.61
N LYS A 96 14.44 2.55 12.05
CA LYS A 96 15.78 2.47 12.62
C LYS A 96 16.42 3.86 12.69
N GLY A 97 15.91 4.78 11.87
CA GLY A 97 16.45 6.13 11.85
C GLY A 97 16.00 6.95 13.04
N LEU A 98 14.69 6.96 13.29
CA LEU A 98 14.13 7.71 14.41
C LEU A 98 14.65 7.18 15.75
N ALA A 99 14.81 8.07 16.71
CA ALA A 99 15.29 7.68 18.03
C ALA A 99 14.15 7.62 19.04
N THR A 100 14.46 7.23 20.27
CA THR A 100 13.46 7.13 21.33
C THR A 100 12.17 6.50 20.81
N SER A 101 12.17 5.18 20.70
CA SER A 101 11.00 4.46 20.22
C SER A 101 11.19 2.95 20.36
N LEU A 102 10.09 2.24 20.59
CA LEU A 102 10.14 0.79 20.76
C LEU A 102 9.57 0.09 19.53
N GLN A 103 9.98 -1.16 19.33
CA GLN A 103 9.51 -1.94 18.19
C GLN A 103 9.07 -3.33 18.63
N ASN A 104 10.04 -4.13 19.09
CA ASN A 104 9.75 -5.49 19.54
C ASN A 104 9.02 -5.47 20.88
N ASP A 105 7.99 -6.30 21.00
CA ASP A 105 7.20 -6.39 22.23
C ASP A 105 6.89 -7.84 22.57
N LEU A 106 7.58 -8.77 21.90
CA LEU A 106 7.37 -10.19 22.13
C LEU A 106 8.60 -10.82 22.80
N GLN A 107 8.41 -11.98 23.41
CA GLN A 107 9.50 -12.68 24.08
C GLN A 107 9.95 -13.88 23.26
N GLU A 108 11.19 -13.82 22.78
CA GLU A 108 11.75 -14.91 21.97
C GLU A 108 12.99 -15.50 22.64
N VAL A 109 13.09 -16.83 22.62
CA VAL A 109 14.23 -17.51 23.21
C VAL A 109 14.80 -18.56 22.27
N PRO A 110 16.10 -18.85 22.42
CA PRO A 110 16.80 -19.83 21.58
C PRO A 110 16.35 -21.26 21.88
N SER A 111 15.63 -21.43 22.98
CA SER A 111 15.15 -22.75 23.38
C SER A 111 16.30 -23.72 23.58
N GLY A 112 16.04 -24.82 24.28
CA GLY A 112 17.07 -25.81 24.53
C GLY A 112 16.95 -27.02 23.63
N PRO A 113 17.54 -28.14 24.05
CA PRO A 113 17.52 -29.40 23.29
C PRO A 113 16.13 -30.02 23.27
N SER A 114 15.64 -30.36 22.08
CA SER A 114 14.33 -30.98 21.93
C SER A 114 14.45 -32.38 21.35
N SER A 115 15.67 -32.77 21.01
CA SER A 115 15.91 -34.10 20.44
C SER A 115 16.78 -34.93 21.38
N GLY A 116 16.62 -34.69 22.68
CA GLY A 116 17.40 -35.43 23.67
C GLY A 116 17.10 -36.91 23.63
N GLY A 1 -24.57 -23.66 -12.40
CA GLY A 1 -23.82 -23.01 -11.34
C GLY A 1 -24.34 -21.62 -11.03
N SER A 2 -24.35 -20.76 -12.03
CA SER A 2 -24.82 -19.38 -11.86
C SER A 2 -23.83 -18.56 -11.05
N SER A 3 -24.27 -17.42 -10.55
CA SER A 3 -23.41 -16.54 -9.76
C SER A 3 -23.44 -16.94 -8.28
N GLY A 4 -24.63 -17.02 -7.72
CA GLY A 4 -24.78 -17.39 -6.32
C GLY A 4 -24.74 -16.19 -5.39
N SER A 5 -24.72 -15.00 -5.98
CA SER A 5 -24.67 -13.76 -5.20
C SER A 5 -25.48 -12.67 -5.87
N SER A 6 -25.75 -11.60 -5.14
CA SER A 6 -26.53 -10.47 -5.65
C SER A 6 -25.67 -9.60 -6.58
N GLY A 7 -24.57 -9.09 -6.04
CA GLY A 7 -23.69 -8.25 -6.83
C GLY A 7 -22.31 -8.85 -7.00
N GLU A 8 -21.28 -8.01 -6.87
CA GLU A 8 -19.91 -8.48 -7.01
C GLU A 8 -19.52 -9.39 -5.86
N PRO A 9 -18.43 -10.16 -6.07
CA PRO A 9 -17.94 -11.10 -5.05
C PRO A 9 -17.33 -10.39 -3.85
N ALA A 10 -17.67 -10.86 -2.65
CA ALA A 10 -17.17 -10.27 -1.42
C ALA A 10 -15.67 -10.00 -1.51
N GLU A 11 -14.95 -10.89 -2.20
CA GLU A 11 -13.52 -10.75 -2.37
C GLU A 11 -13.17 -9.43 -3.03
N ILE A 12 -13.54 -9.29 -4.30
CA ILE A 12 -13.27 -8.06 -5.05
C ILE A 12 -13.65 -6.83 -4.24
N LYS A 13 -14.90 -6.78 -3.81
CA LYS A 13 -15.38 -5.65 -3.02
C LYS A 13 -14.35 -5.22 -1.99
N ILE A 14 -13.70 -6.19 -1.37
CA ILE A 14 -12.68 -5.91 -0.36
C ILE A 14 -11.42 -5.34 -1.00
N ILE A 15 -11.07 -5.87 -2.17
CA ILE A 15 -9.89 -5.40 -2.90
C ILE A 15 -10.01 -3.93 -3.27
N ARG A 16 -11.18 -3.55 -3.76
CA ARG A 16 -11.44 -2.17 -4.16
C ARG A 16 -11.01 -1.20 -3.06
N GLU A 17 -11.48 -1.44 -1.85
CA GLU A 17 -11.15 -0.59 -0.71
C GLU A 17 -9.68 -0.73 -0.33
N ALA A 18 -9.25 -1.98 -0.14
CA ALA A 18 -7.87 -2.26 0.24
C ALA A 18 -6.91 -1.85 -0.88
N TYR A 19 -7.46 -1.58 -2.05
CA TYR A 19 -6.66 -1.18 -3.20
C TYR A 19 -6.46 0.34 -3.22
N LYS A 20 -7.47 1.07 -2.77
CA LYS A 20 -7.40 2.53 -2.73
C LYS A 20 -6.75 3.01 -1.45
N LYS A 21 -7.44 2.78 -0.32
CA LYS A 21 -6.92 3.20 0.97
C LYS A 21 -5.44 2.85 1.12
N ALA A 22 -5.06 1.68 0.60
CA ALA A 22 -3.67 1.25 0.67
C ALA A 22 -2.75 2.21 -0.08
N PHE A 23 -3.13 2.56 -1.30
CA PHE A 23 -2.34 3.47 -2.11
C PHE A 23 -2.54 4.92 -1.66
N LEU A 24 -3.53 5.13 -0.80
CA LEU A 24 -3.83 6.46 -0.29
C LEU A 24 -2.87 6.85 0.84
N PHE A 25 -2.70 5.94 1.79
CA PHE A 25 -1.80 6.18 2.91
C PHE A 25 -0.35 6.26 2.45
N VAL A 26 -0.06 5.65 1.31
CA VAL A 26 1.29 5.64 0.75
C VAL A 26 1.69 7.05 0.33
N ASN A 27 0.98 7.60 -0.65
CA ASN A 27 1.27 8.94 -1.16
C ASN A 27 1.56 9.90 -0.01
N LYS A 28 0.82 9.75 1.08
CA LYS A 28 1.01 10.61 2.25
C LYS A 28 2.38 10.39 2.87
N GLY A 29 2.57 9.22 3.48
CA GLY A 29 3.83 8.91 4.11
C GLY A 29 5.02 9.43 3.33
N LEU A 30 4.95 9.31 2.01
CA LEU A 30 6.03 9.78 1.14
C LEU A 30 6.22 11.29 1.28
N ASN A 31 5.14 12.04 1.11
CA ASN A 31 5.19 13.50 1.23
C ASN A 31 5.91 13.92 2.51
N THR A 32 5.29 13.60 3.65
CA THR A 32 5.86 13.96 4.94
C THR A 32 7.39 13.85 4.92
N ASP A 33 7.88 12.64 4.63
CA ASP A 33 9.31 12.41 4.57
C ASP A 33 10.03 13.57 3.90
N GLU A 34 9.49 14.03 2.77
CA GLU A 34 10.08 15.13 2.04
C GLU A 34 10.10 16.40 2.88
N LEU A 35 9.02 16.64 3.60
CA LEU A 35 8.91 17.82 4.45
C LEU A 35 9.84 17.73 5.64
N GLY A 36 10.14 16.50 6.06
CA GLY A 36 11.04 16.29 7.19
C GLY A 36 10.35 15.59 8.35
N GLN A 37 9.06 15.30 8.19
CA GLN A 37 8.30 14.62 9.23
C GLN A 37 8.53 13.12 9.18
N LYS A 38 9.34 12.62 10.13
CA LYS A 38 9.65 11.20 10.20
C LYS A 38 8.51 10.43 10.86
N GLU A 39 8.26 10.73 12.13
CA GLU A 39 7.19 10.07 12.87
C GLU A 39 5.96 9.85 11.99
N GLU A 40 5.30 10.95 11.62
CA GLU A 40 4.12 10.89 10.77
C GLU A 40 4.33 9.91 9.62
N ALA A 41 5.49 10.00 8.97
CA ALA A 41 5.81 9.13 7.86
C ALA A 41 5.69 7.66 8.24
N LYS A 42 6.25 7.32 9.40
CA LYS A 42 6.21 5.95 9.90
C LYS A 42 4.76 5.48 10.05
N ASN A 43 3.88 6.38 10.47
CA ASN A 43 2.47 6.05 10.66
C ASN A 43 1.79 5.77 9.32
N TYR A 44 1.82 6.76 8.44
CA TYR A 44 1.20 6.63 7.12
C TYR A 44 1.58 5.29 6.49
N TYR A 45 2.83 4.89 6.67
CA TYR A 45 3.32 3.63 6.12
C TYR A 45 2.72 2.44 6.84
N LYS A 46 2.87 2.43 8.18
CA LYS A 46 2.35 1.35 8.99
C LYS A 46 0.87 1.12 8.70
N GLN A 47 0.23 2.09 8.08
CA GLN A 47 -1.19 1.99 7.75
C GLN A 47 -1.37 1.47 6.33
N GLY A 48 -0.85 2.20 5.35
CA GLY A 48 -0.97 1.81 3.97
C GLY A 48 -0.54 0.37 3.74
N ILE A 49 0.36 -0.12 4.58
CA ILE A 49 0.86 -1.48 4.47
C ILE A 49 -0.18 -2.48 4.96
N GLY A 50 -0.97 -2.08 5.95
CA GLY A 50 -1.99 -2.95 6.50
C GLY A 50 -3.11 -3.23 5.50
N HIS A 51 -3.45 -2.21 4.71
CA HIS A 51 -4.52 -2.34 3.72
C HIS A 51 -4.07 -3.22 2.56
N LEU A 52 -2.80 -3.07 2.16
CA LEU A 52 -2.26 -3.84 1.06
C LEU A 52 -2.53 -5.33 1.25
N LEU A 53 -1.98 -5.90 2.31
CA LEU A 53 -2.17 -7.32 2.61
C LEU A 53 -3.65 -7.69 2.56
N ARG A 54 -4.48 -6.90 3.24
CA ARG A 54 -5.92 -7.15 3.26
C ARG A 54 -6.44 -7.47 1.85
N GLY A 55 -5.78 -6.91 0.84
CA GLY A 55 -6.19 -7.14 -0.53
C GLY A 55 -5.43 -8.28 -1.18
N ILE A 56 -4.12 -8.35 -0.90
CA ILE A 56 -3.28 -9.40 -1.46
C ILE A 56 -3.44 -10.70 -0.69
N SER A 57 -4.37 -10.72 0.25
CA SER A 57 -4.62 -11.90 1.07
C SER A 57 -6.09 -12.29 1.02
N ILE A 58 -6.70 -12.16 -0.15
CA ILE A 58 -8.10 -12.51 -0.34
C ILE A 58 -8.25 -13.99 -0.67
N SER A 59 -8.34 -14.29 -1.97
CA SER A 59 -8.50 -15.67 -2.43
C SER A 59 -7.73 -15.91 -3.72
N SER A 60 -8.28 -15.42 -4.82
CA SER A 60 -7.65 -15.57 -6.13
C SER A 60 -7.10 -16.98 -6.29
N LYS A 61 -7.78 -17.96 -5.71
CA LYS A 61 -7.35 -19.34 -5.79
C LYS A 61 -8.47 -20.29 -5.35
N GLU A 62 -8.96 -20.09 -4.12
CA GLU A 62 -10.03 -20.91 -3.59
C GLU A 62 -11.25 -20.88 -4.50
N SER A 63 -11.77 -22.07 -4.82
CA SER A 63 -12.94 -22.18 -5.68
C SER A 63 -12.63 -21.65 -7.08
N GLU A 64 -13.56 -21.87 -8.01
CA GLU A 64 -13.38 -21.42 -9.39
C GLU A 64 -14.03 -20.06 -9.59
N HIS A 65 -13.25 -19.12 -10.13
CA HIS A 65 -13.73 -17.77 -10.38
C HIS A 65 -12.92 -17.08 -11.47
N THR A 66 -13.42 -17.18 -12.70
CA THR A 66 -12.73 -16.57 -13.84
C THR A 66 -13.70 -15.77 -14.71
N GLY A 67 -13.24 -14.63 -15.21
CA GLY A 67 -14.09 -13.79 -16.04
C GLY A 67 -13.61 -12.36 -16.09
N PRO A 68 -14.35 -11.51 -16.81
CA PRO A 68 -14.01 -10.09 -16.96
C PRO A 68 -14.21 -9.31 -15.66
N GLY A 69 -14.87 -9.94 -14.69
CA GLY A 69 -15.10 -9.29 -13.41
C GLY A 69 -13.90 -9.38 -12.49
N TRP A 70 -13.15 -10.46 -12.59
CA TRP A 70 -11.98 -10.66 -11.76
C TRP A 70 -10.74 -10.06 -12.41
N GLU A 71 -10.78 -9.91 -13.73
CA GLU A 71 -9.66 -9.36 -14.48
C GLU A 71 -9.14 -8.10 -13.80
N SER A 72 -9.98 -7.08 -13.70
CA SER A 72 -9.60 -5.83 -13.07
C SER A 72 -9.05 -6.05 -11.67
N ALA A 73 -9.67 -6.97 -10.95
CA ALA A 73 -9.24 -7.29 -9.59
C ALA A 73 -7.83 -7.85 -9.58
N ARG A 74 -7.48 -8.59 -10.63
CA ARG A 74 -6.16 -9.19 -10.75
C ARG A 74 -5.13 -8.16 -11.17
N GLN A 75 -5.60 -7.06 -11.75
CA GLN A 75 -4.71 -6.00 -12.21
C GLN A 75 -4.35 -5.06 -11.06
N MET A 76 -5.36 -4.67 -10.29
CA MET A 76 -5.16 -3.77 -9.15
C MET A 76 -4.26 -4.42 -8.11
N GLN A 77 -4.38 -5.73 -7.96
CA GLN A 77 -3.58 -6.47 -6.98
C GLN A 77 -2.10 -6.42 -7.36
N GLN A 78 -1.79 -6.75 -8.61
CA GLN A 78 -0.41 -6.73 -9.08
C GLN A 78 0.25 -5.39 -8.80
N LYS A 79 -0.52 -4.32 -8.93
CA LYS A 79 -0.01 -2.97 -8.68
C LYS A 79 0.35 -2.79 -7.22
N MET A 80 -0.39 -3.44 -6.33
CA MET A 80 -0.15 -3.35 -4.91
C MET A 80 1.06 -4.19 -4.51
N LYS A 81 1.15 -5.39 -5.07
CA LYS A 81 2.26 -6.29 -4.77
C LYS A 81 3.59 -5.65 -5.14
N GLU A 82 3.56 -4.76 -6.12
CA GLU A 82 4.77 -4.07 -6.57
C GLU A 82 5.08 -2.87 -5.67
N THR A 83 4.04 -2.18 -5.24
CA THR A 83 4.20 -1.02 -4.39
C THR A 83 4.44 -1.42 -2.94
N LEU A 84 4.08 -2.66 -2.62
CA LEU A 84 4.27 -3.17 -1.26
C LEU A 84 5.75 -3.34 -0.94
N GLN A 85 6.41 -4.25 -1.65
CA GLN A 85 7.83 -4.49 -1.44
C GLN A 85 8.63 -3.21 -1.51
N ASN A 86 8.03 -2.18 -2.13
CA ASN A 86 8.69 -0.89 -2.26
C ASN A 86 8.42 0.00 -1.05
N VAL A 87 7.27 -0.22 -0.41
CA VAL A 87 6.88 0.56 0.76
C VAL A 87 7.50 -0.03 2.03
N ARG A 88 7.20 -1.30 2.29
CA ARG A 88 7.71 -1.98 3.47
C ARG A 88 9.18 -1.61 3.71
N THR A 89 10.01 -1.86 2.70
CA THR A 89 11.43 -1.57 2.80
C THR A 89 11.67 -0.20 3.44
N ARG A 90 10.85 0.77 3.07
CA ARG A 90 10.97 2.12 3.61
C ARG A 90 10.66 2.13 5.11
N LEU A 91 9.47 1.66 5.46
CA LEU A 91 9.06 1.62 6.86
C LEU A 91 10.07 0.88 7.72
N GLU A 92 10.96 0.13 7.05
CA GLU A 92 11.99 -0.62 7.76
C GLU A 92 13.25 0.23 7.95
N ILE A 93 13.43 1.21 7.08
CA ILE A 93 14.59 2.09 7.14
C ILE A 93 14.32 3.27 8.07
N LEU A 94 13.05 3.60 8.26
CA LEU A 94 12.66 4.70 9.12
C LEU A 94 12.76 4.32 10.59
N GLU A 95 12.10 3.22 10.94
CA GLU A 95 12.10 2.72 12.32
C GLU A 95 13.53 2.53 12.82
N LYS A 96 14.38 1.96 11.97
CA LYS A 96 15.78 1.73 12.33
C LYS A 96 16.59 3.00 12.20
N GLY A 97 16.39 3.71 11.09
CA GLY A 97 17.12 4.95 10.86
C GLY A 97 17.00 5.92 12.02
N LEU A 98 15.77 6.28 12.36
CA LEU A 98 15.52 7.21 13.46
C LEU A 98 16.23 6.75 14.73
N ALA A 99 17.33 7.42 15.05
CA ALA A 99 18.10 7.09 16.25
C ALA A 99 18.87 8.30 16.76
N THR A 100 18.57 8.69 18.01
CA THR A 100 19.22 9.84 18.62
C THR A 100 18.71 11.14 18.03
N SER A 101 18.43 12.12 18.90
CA SER A 101 17.93 13.42 18.47
C SER A 101 18.90 14.08 17.49
N LEU A 102 18.75 13.73 16.21
CA LEU A 102 19.61 14.28 15.17
C LEU A 102 19.04 15.58 14.63
N GLN A 103 19.91 16.51 14.24
CA GLN A 103 19.49 17.79 13.71
C GLN A 103 20.04 18.00 12.31
N ASN A 104 19.34 17.47 11.31
CA ASN A 104 19.77 17.61 9.92
C ASN A 104 18.56 17.58 8.98
N ASP A 105 18.82 17.78 7.69
CA ASP A 105 17.77 17.77 6.69
C ASP A 105 18.36 17.77 5.28
N LEU A 106 19.32 16.89 5.04
CA LEU A 106 19.96 16.78 3.73
C LEU A 106 19.84 15.37 3.17
N GLN A 107 19.19 15.26 2.01
CA GLN A 107 18.99 13.97 1.37
C GLN A 107 18.41 14.14 -0.02
N GLU A 108 18.97 13.43 -0.99
CA GLU A 108 18.50 13.50 -2.37
C GLU A 108 17.12 12.85 -2.50
N VAL A 109 16.35 13.30 -3.50
CA VAL A 109 15.02 12.77 -3.74
C VAL A 109 15.00 11.89 -4.98
N PRO A 110 14.09 10.90 -4.99
CA PRO A 110 13.94 9.96 -6.11
C PRO A 110 13.36 10.63 -7.33
N SER A 111 14.19 10.87 -8.35
CA SER A 111 13.75 11.51 -9.58
C SER A 111 12.96 10.53 -10.43
N GLY A 112 11.67 10.82 -10.61
CA GLY A 112 10.82 9.96 -11.41
C GLY A 112 10.84 10.33 -12.88
N PRO A 113 10.17 9.52 -13.71
CA PRO A 113 10.10 9.74 -15.16
C PRO A 113 9.25 10.96 -15.52
N SER A 114 9.78 11.78 -16.41
CA SER A 114 9.07 13.00 -16.84
C SER A 114 7.69 12.64 -17.37
N SER A 115 7.61 11.61 -18.20
CA SER A 115 6.35 11.18 -18.78
C SER A 115 6.46 9.76 -19.32
N GLY A 116 5.39 8.98 -19.15
CA GLY A 116 5.38 7.61 -19.62
C GLY A 116 4.85 7.49 -21.03
N GLY A 1 -31.97 -1.46 -3.22
CA GLY A 1 -31.69 -1.82 -4.60
C GLY A 1 -31.14 -3.22 -4.73
N SER A 2 -31.76 -4.02 -5.60
CA SER A 2 -31.32 -5.40 -5.82
C SER A 2 -31.02 -5.64 -7.30
N SER A 3 -31.54 -4.78 -8.15
CA SER A 3 -31.34 -4.90 -9.59
C SER A 3 -31.00 -3.55 -10.21
N GLY A 4 -29.78 -3.43 -10.75
CA GLY A 4 -29.36 -2.19 -11.37
C GLY A 4 -28.29 -2.40 -12.42
N SER A 5 -27.34 -3.26 -12.12
CA SER A 5 -26.25 -3.55 -13.06
C SER A 5 -26.24 -5.03 -13.44
N SER A 6 -25.95 -5.88 -12.46
CA SER A 6 -25.90 -7.32 -12.70
C SER A 6 -25.46 -8.06 -11.45
N GLY A 7 -24.39 -7.57 -10.82
CA GLY A 7 -23.88 -8.20 -9.61
C GLY A 7 -22.37 -8.20 -9.55
N GLU A 8 -21.83 -8.38 -8.34
CA GLU A 8 -20.38 -8.39 -8.16
C GLU A 8 -19.99 -9.32 -7.00
N PRO A 9 -18.83 -9.96 -7.13
CA PRO A 9 -18.31 -10.88 -6.11
C PRO A 9 -17.90 -10.16 -4.83
N ALA A 10 -18.23 -10.75 -3.69
CA ALA A 10 -17.89 -10.16 -2.40
C ALA A 10 -16.38 -10.01 -2.26
N GLU A 11 -15.64 -10.68 -3.12
CA GLU A 11 -14.18 -10.62 -3.09
C GLU A 11 -13.68 -9.28 -3.61
N ILE A 12 -13.97 -8.99 -4.87
CA ILE A 12 -13.55 -7.74 -5.49
C ILE A 12 -13.83 -6.55 -4.58
N LYS A 13 -15.10 -6.37 -4.22
CA LYS A 13 -15.50 -5.28 -3.35
C LYS A 13 -14.44 -5.02 -2.28
N ILE A 14 -13.99 -6.08 -1.64
CA ILE A 14 -12.97 -5.97 -0.60
C ILE A 14 -11.63 -5.53 -1.19
N ILE A 15 -11.29 -6.08 -2.35
CA ILE A 15 -10.04 -5.75 -3.02
C ILE A 15 -9.99 -4.28 -3.39
N ARG A 16 -11.11 -3.75 -3.86
CA ARG A 16 -11.20 -2.35 -4.25
C ARG A 16 -10.76 -1.44 -3.11
N GLU A 17 -11.44 -1.53 -1.98
CA GLU A 17 -11.12 -0.71 -0.82
C GLU A 17 -9.69 -0.98 -0.34
N ALA A 18 -9.29 -2.24 -0.42
CA ALA A 18 -7.94 -2.63 -0.01
C ALA A 18 -6.89 -2.06 -0.94
N TYR A 19 -7.30 -1.74 -2.16
CA TYR A 19 -6.38 -1.18 -3.16
C TYR A 19 -6.34 0.34 -3.07
N LYS A 20 -7.51 0.93 -2.82
CA LYS A 20 -7.61 2.39 -2.71
C LYS A 20 -6.99 2.89 -1.42
N LYS A 21 -7.48 2.37 -0.29
CA LYS A 21 -6.97 2.76 1.01
C LYS A 21 -5.48 2.50 1.11
N ALA A 22 -5.03 1.36 0.59
CA ALA A 22 -3.62 1.00 0.62
C ALA A 22 -2.78 2.03 -0.14
N PHE A 23 -3.31 2.52 -1.25
CA PHE A 23 -2.60 3.50 -2.06
C PHE A 23 -2.91 4.93 -1.58
N LEU A 24 -3.94 5.06 -0.75
CA LEU A 24 -4.33 6.36 -0.22
C LEU A 24 -3.45 6.75 0.95
N PHE A 25 -3.30 5.84 1.91
CA PHE A 25 -2.48 6.10 3.09
C PHE A 25 -1.00 6.18 2.72
N VAL A 26 -0.67 5.70 1.52
CA VAL A 26 0.70 5.73 1.05
C VAL A 26 1.08 7.10 0.50
N ASN A 27 0.26 7.63 -0.40
CA ASN A 27 0.51 8.94 -0.99
C ASN A 27 0.73 9.99 0.10
N LYS A 28 0.33 9.66 1.32
CA LYS A 28 0.48 10.58 2.44
C LYS A 28 1.88 10.47 3.04
N GLY A 29 2.21 9.29 3.56
CA GLY A 29 3.52 9.08 4.15
C GLY A 29 4.64 9.66 3.31
N LEU A 30 4.61 9.38 2.01
CA LEU A 30 5.63 9.88 1.10
C LEU A 30 5.81 11.39 1.25
N ASN A 31 4.70 12.10 1.34
CA ASN A 31 4.72 13.56 1.50
C ASN A 31 5.51 13.95 2.75
N THR A 32 5.04 13.51 3.90
CA THR A 32 5.69 13.82 5.17
C THR A 32 7.18 13.48 5.12
N ASP A 33 7.51 12.41 4.40
CA ASP A 33 8.90 11.99 4.27
C ASP A 33 9.74 13.07 3.60
N GLU A 34 9.12 13.80 2.67
CA GLU A 34 9.81 14.86 1.95
C GLU A 34 9.97 16.10 2.83
N LEU A 35 8.94 16.40 3.62
CA LEU A 35 8.97 17.55 4.51
C LEU A 35 9.99 17.35 5.63
N GLY A 36 10.21 16.10 6.00
CA GLY A 36 11.16 15.80 7.05
C GLY A 36 10.49 15.22 8.29
N GLN A 37 9.22 14.86 8.17
CA GLN A 37 8.47 14.30 9.28
C GLN A 37 8.47 12.78 9.22
N LYS A 38 9.59 12.18 9.61
CA LYS A 38 9.72 10.73 9.59
C LYS A 38 8.67 10.09 10.50
N GLU A 39 8.37 10.75 11.61
CA GLU A 39 7.38 10.24 12.56
C GLU A 39 6.04 10.00 11.87
N GLU A 40 5.46 11.06 11.34
CA GLU A 40 4.17 10.96 10.65
C GLU A 40 4.24 9.95 9.50
N ALA A 41 5.34 10.02 8.74
CA ALA A 41 5.53 9.11 7.61
C ALA A 41 5.40 7.66 8.05
N LYS A 42 6.29 7.23 8.95
CA LYS A 42 6.27 5.87 9.45
C LYS A 42 4.85 5.40 9.73
N ASN A 43 4.08 6.24 10.40
CA ASN A 43 2.70 5.93 10.75
C ASN A 43 1.88 5.65 9.49
N TYR A 44 1.98 6.55 8.52
CA TYR A 44 1.24 6.41 7.27
C TYR A 44 1.51 5.05 6.64
N TYR A 45 2.79 4.68 6.57
CA TYR A 45 3.18 3.40 5.98
C TYR A 45 2.61 2.24 6.79
N LYS A 46 2.59 2.39 8.10
CA LYS A 46 2.07 1.35 8.99
C LYS A 46 0.55 1.21 8.84
N GLN A 47 -0.06 2.19 8.18
CA GLN A 47 -1.51 2.18 7.96
C GLN A 47 -1.84 1.55 6.61
N GLY A 48 -1.07 1.91 5.59
CA GLY A 48 -1.31 1.39 4.26
C GLY A 48 -0.87 -0.06 4.12
N ILE A 49 0.24 -0.40 4.75
CA ILE A 49 0.77 -1.76 4.71
C ILE A 49 -0.29 -2.77 5.13
N GLY A 50 -0.97 -2.48 6.24
CA GLY A 50 -2.00 -3.37 6.73
C GLY A 50 -3.14 -3.54 5.75
N HIS A 51 -3.32 -2.55 4.88
CA HIS A 51 -4.39 -2.58 3.88
C HIS A 51 -3.94 -3.33 2.63
N LEU A 52 -2.68 -3.14 2.25
CA LEU A 52 -2.12 -3.80 1.08
C LEU A 52 -2.35 -5.29 1.13
N LEU A 53 -2.15 -5.88 2.30
CA LEU A 53 -2.33 -7.32 2.48
C LEU A 53 -3.82 -7.68 2.50
N ARG A 54 -4.62 -6.84 3.14
CA ARG A 54 -6.05 -7.06 3.23
C ARG A 54 -6.65 -7.33 1.84
N GLY A 55 -6.04 -6.75 0.82
CA GLY A 55 -6.52 -6.94 -0.53
C GLY A 55 -5.86 -8.13 -1.22
N ILE A 56 -4.71 -8.54 -0.70
CA ILE A 56 -3.97 -9.66 -1.27
C ILE A 56 -4.27 -10.95 -0.51
N SER A 57 -5.01 -10.83 0.59
CA SER A 57 -5.36 -11.98 1.41
C SER A 57 -6.79 -12.43 1.13
N ILE A 58 -7.22 -12.29 -0.12
CA ILE A 58 -8.57 -12.67 -0.52
C ILE A 58 -8.62 -14.14 -0.93
N SER A 59 -8.51 -14.40 -2.22
CA SER A 59 -8.54 -15.76 -2.75
C SER A 59 -8.20 -15.78 -4.23
N SER A 60 -9.18 -15.41 -5.05
CA SER A 60 -8.99 -15.39 -6.50
C SER A 60 -8.13 -16.57 -6.95
N LYS A 61 -8.21 -17.67 -6.20
CA LYS A 61 -7.45 -18.87 -6.53
C LYS A 61 -7.96 -19.51 -7.81
N GLU A 62 -8.88 -20.46 -7.65
CA GLU A 62 -9.45 -21.16 -8.80
C GLU A 62 -10.98 -21.06 -8.79
N SER A 63 -11.55 -20.85 -9.97
CA SER A 63 -13.00 -20.74 -10.10
C SER A 63 -13.38 -20.14 -11.44
N GLU A 64 -14.51 -20.59 -12.00
CA GLU A 64 -14.98 -20.09 -13.29
C GLU A 64 -14.92 -18.57 -13.33
N HIS A 65 -15.81 -17.93 -12.60
CA HIS A 65 -15.86 -16.46 -12.57
C HIS A 65 -16.04 -15.89 -13.96
N THR A 66 -14.93 -15.57 -14.62
CA THR A 66 -14.97 -15.01 -15.96
C THR A 66 -15.79 -13.72 -16.00
N GLY A 67 -15.11 -12.60 -16.29
CA GLY A 67 -15.79 -11.33 -16.35
C GLY A 67 -14.84 -10.16 -16.42
N PRO A 68 -15.29 -9.04 -16.99
CA PRO A 68 -14.47 -7.83 -17.14
C PRO A 68 -14.22 -7.15 -15.80
N GLY A 69 -14.92 -7.59 -14.77
CA GLY A 69 -14.76 -7.02 -13.45
C GLY A 69 -13.51 -7.54 -12.74
N TRP A 70 -13.25 -8.83 -12.90
CA TRP A 70 -12.09 -9.46 -12.26
C TRP A 70 -10.80 -9.04 -12.97
N GLU A 71 -10.93 -8.55 -14.20
CA GLU A 71 -9.78 -8.12 -14.96
C GLU A 71 -8.95 -7.10 -14.19
N SER A 72 -9.54 -5.94 -13.90
CA SER A 72 -8.85 -4.89 -13.17
C SER A 72 -8.43 -5.38 -11.79
N ALA A 73 -9.37 -6.00 -11.08
CA ALA A 73 -9.11 -6.52 -9.74
C ALA A 73 -7.82 -7.35 -9.73
N ARG A 74 -7.61 -8.12 -10.79
CA ARG A 74 -6.43 -8.97 -10.88
C ARG A 74 -5.17 -8.12 -11.08
N GLN A 75 -5.29 -7.08 -11.89
CA GLN A 75 -4.16 -6.19 -12.16
C GLN A 75 -3.77 -5.41 -10.91
N MET A 76 -4.76 -5.12 -10.06
CA MET A 76 -4.51 -4.37 -8.83
C MET A 76 -3.79 -5.24 -7.81
N GLN A 77 -4.34 -6.41 -7.52
CA GLN A 77 -3.74 -7.34 -6.56
C GLN A 77 -2.24 -7.46 -6.80
N GLN A 78 -1.84 -7.44 -8.06
CA GLN A 78 -0.44 -7.55 -8.42
C GLN A 78 0.33 -6.27 -8.08
N LYS A 79 -0.32 -5.13 -8.32
CA LYS A 79 0.29 -3.84 -8.05
C LYS A 79 0.75 -3.75 -6.60
N MET A 80 -0.19 -3.94 -5.67
CA MET A 80 0.12 -3.89 -4.24
C MET A 80 1.31 -4.77 -3.91
N LYS A 81 1.23 -6.03 -4.32
CA LYS A 81 2.31 -6.98 -4.07
C LYS A 81 3.66 -6.39 -4.45
N GLU A 82 3.65 -5.46 -5.40
CA GLU A 82 4.88 -4.82 -5.85
C GLU A 82 5.17 -3.56 -5.02
N THR A 83 4.14 -2.75 -4.80
CA THR A 83 4.28 -1.53 -4.03
C THR A 83 4.58 -1.83 -2.57
N LEU A 84 4.32 -3.06 -2.16
CA LEU A 84 4.57 -3.48 -0.78
C LEU A 84 6.07 -3.61 -0.52
N GLN A 85 6.69 -4.59 -1.16
CA GLN A 85 8.12 -4.83 -1.00
C GLN A 85 8.91 -3.52 -1.12
N ASN A 86 8.37 -2.59 -1.89
CA ASN A 86 9.01 -1.30 -2.08
C ASN A 86 8.82 -0.40 -0.86
N VAL A 87 7.68 -0.53 -0.21
CA VAL A 87 7.37 0.27 0.97
C VAL A 87 7.99 -0.34 2.23
N ARG A 88 7.69 -1.62 2.47
CA ARG A 88 8.22 -2.32 3.64
C ARG A 88 9.67 -1.91 3.90
N THR A 89 10.45 -1.77 2.82
CA THR A 89 11.85 -1.40 2.94
C THR A 89 11.99 0.04 3.45
N ARG A 90 11.20 0.94 2.88
CA ARG A 90 11.24 2.34 3.28
C ARG A 90 10.95 2.49 4.78
N LEU A 91 9.80 1.97 5.20
CA LEU A 91 9.41 2.05 6.60
C LEU A 91 10.52 1.55 7.52
N GLU A 92 11.32 0.61 7.01
CA GLU A 92 12.42 0.05 7.79
C GLU A 92 13.54 1.07 7.94
N ILE A 93 14.22 1.38 6.83
CA ILE A 93 15.32 2.33 6.85
C ILE A 93 14.91 3.62 7.55
N LEU A 94 13.62 3.95 7.48
CA LEU A 94 13.09 5.16 8.10
C LEU A 94 13.30 5.12 9.61
N GLU A 95 12.67 4.15 10.27
CA GLU A 95 12.78 4.01 11.72
C GLU A 95 14.25 4.06 12.15
N LYS A 96 15.07 3.20 11.55
CA LYS A 96 16.49 3.14 11.87
C LYS A 96 17.26 4.22 11.11
N GLY A 97 16.53 5.04 10.36
CA GLY A 97 17.17 6.10 9.61
C GLY A 97 16.27 7.31 9.43
N LEU A 98 15.68 7.76 10.53
CA LEU A 98 14.79 8.92 10.49
C LEU A 98 15.56 10.21 10.73
N ALA A 99 16.54 10.15 11.63
CA ALA A 99 17.36 11.31 11.94
C ALA A 99 18.20 11.73 10.74
N THR A 100 19.12 10.88 10.33
CA THR A 100 20.00 11.16 9.20
C THR A 100 20.15 9.94 8.30
N SER A 101 19.98 10.15 7.00
CA SER A 101 20.08 9.06 6.04
C SER A 101 20.26 9.60 4.62
N LEU A 102 19.29 10.41 4.18
CA LEU A 102 19.33 10.99 2.85
C LEU A 102 19.97 12.38 2.89
N GLN A 103 21.21 12.44 3.38
CA GLN A 103 21.93 13.69 3.47
C GLN A 103 22.48 14.11 2.10
N ASN A 104 22.65 15.42 1.91
CA ASN A 104 23.16 15.93 0.64
C ASN A 104 22.25 15.54 -0.52
N ASP A 105 22.46 14.33 -1.03
CA ASP A 105 21.66 13.82 -2.14
C ASP A 105 21.74 14.77 -3.34
N LEU A 106 22.82 14.64 -4.11
CA LEU A 106 23.03 15.48 -5.29
C LEU A 106 21.83 15.37 -6.25
N GLN A 107 20.97 16.38 -6.21
CA GLN A 107 19.80 16.42 -7.08
C GLN A 107 19.71 17.74 -7.83
N GLU A 108 20.78 18.11 -8.50
CA GLU A 108 20.82 19.35 -9.26
C GLU A 108 21.87 19.29 -10.36
N VAL A 109 22.26 18.07 -10.74
CA VAL A 109 23.26 17.87 -11.77
C VAL A 109 22.94 16.64 -12.63
N PRO A 110 23.32 16.70 -13.91
CA PRO A 110 23.07 15.60 -14.85
C PRO A 110 23.93 14.38 -14.55
N SER A 111 23.53 13.23 -15.08
CA SER A 111 24.26 11.99 -14.87
C SER A 111 23.97 10.99 -15.98
N GLY A 112 24.49 9.77 -15.82
CA GLY A 112 24.28 8.74 -16.82
C GLY A 112 25.53 8.45 -17.63
N PRO A 113 25.37 7.75 -18.76
CA PRO A 113 26.48 7.39 -19.64
C PRO A 113 27.06 8.61 -20.37
N SER A 114 27.65 9.52 -19.60
CA SER A 114 28.24 10.73 -20.17
C SER A 114 29.64 10.95 -19.62
N SER A 115 30.33 9.87 -19.29
CA SER A 115 31.68 9.95 -18.76
C SER A 115 32.47 11.06 -19.43
N GLY A 116 32.82 12.08 -18.65
CA GLY A 116 33.58 13.20 -19.19
C GLY A 116 34.84 12.76 -19.91
N GLY A 1 -36.42 0.32 -15.68
CA GLY A 1 -37.04 0.84 -14.47
C GLY A 1 -36.10 0.85 -13.29
N SER A 2 -36.58 0.36 -12.14
CA SER A 2 -35.77 0.32 -10.93
C SER A 2 -35.30 -1.10 -10.64
N SER A 3 -36.25 -2.01 -10.47
CA SER A 3 -35.93 -3.41 -10.18
C SER A 3 -34.85 -3.91 -11.12
N GLY A 4 -33.82 -4.52 -10.54
CA GLY A 4 -32.73 -5.05 -11.35
C GLY A 4 -31.84 -6.00 -10.57
N SER A 5 -30.54 -5.68 -10.51
CA SER A 5 -29.59 -6.52 -9.79
C SER A 5 -28.17 -5.98 -9.96
N SER A 6 -27.36 -6.12 -8.92
CA SER A 6 -25.99 -5.65 -8.95
C SER A 6 -25.20 -6.15 -7.73
N GLY A 7 -24.95 -7.45 -7.69
CA GLY A 7 -24.23 -8.04 -6.58
C GLY A 7 -22.74 -8.11 -6.84
N GLU A 8 -21.98 -8.54 -5.83
CA GLU A 8 -20.54 -8.65 -5.95
C GLU A 8 -20.05 -10.02 -5.48
N PRO A 9 -18.89 -10.45 -5.99
CA PRO A 9 -18.30 -11.74 -5.63
C PRO A 9 -17.79 -11.76 -4.19
N ALA A 10 -17.91 -10.64 -3.51
CA ALA A 10 -17.47 -10.53 -2.12
C ALA A 10 -15.97 -10.26 -2.04
N GLU A 11 -15.21 -10.94 -2.90
CA GLU A 11 -13.76 -10.79 -2.93
C GLU A 11 -13.37 -9.42 -3.49
N ILE A 12 -13.98 -9.06 -4.63
CA ILE A 12 -13.70 -7.78 -5.26
C ILE A 12 -14.01 -6.62 -4.33
N LYS A 13 -15.26 -6.52 -3.92
CA LYS A 13 -15.69 -5.45 -3.03
C LYS A 13 -14.62 -5.14 -1.99
N ILE A 14 -13.88 -6.17 -1.58
CA ILE A 14 -12.82 -6.00 -0.60
C ILE A 14 -11.57 -5.39 -1.23
N ILE A 15 -11.15 -5.96 -2.35
CA ILE A 15 -9.97 -5.47 -3.06
C ILE A 15 -10.12 -3.99 -3.40
N ARG A 16 -11.23 -3.65 -4.04
CA ARG A 16 -11.49 -2.27 -4.43
C ARG A 16 -11.20 -1.31 -3.27
N GLU A 17 -11.53 -1.74 -2.06
CA GLU A 17 -11.31 -0.93 -0.87
C GLU A 17 -9.85 -1.00 -0.43
N ALA A 18 -9.40 -2.21 -0.09
CA ALA A 18 -8.02 -2.41 0.35
C ALA A 18 -7.03 -1.81 -0.64
N TYR A 19 -7.47 -1.65 -1.88
CA TYR A 19 -6.63 -1.09 -2.94
C TYR A 19 -6.56 0.43 -2.82
N LYS A 20 -7.67 1.03 -2.42
CA LYS A 20 -7.75 2.48 -2.28
C LYS A 20 -7.12 2.93 -0.95
N LYS A 21 -7.66 2.42 0.16
CA LYS A 21 -7.15 2.77 1.47
C LYS A 21 -5.66 2.48 1.57
N ALA A 22 -5.20 1.47 0.84
CA ALA A 22 -3.79 1.10 0.86
C ALA A 22 -2.94 2.16 0.17
N PHE A 23 -3.35 2.57 -1.02
CA PHE A 23 -2.63 3.59 -1.78
C PHE A 23 -2.94 4.98 -1.25
N LEU A 24 -3.96 5.08 -0.40
CA LEU A 24 -4.36 6.36 0.18
C LEU A 24 -3.32 6.85 1.18
N PHE A 25 -2.95 5.97 2.12
CA PHE A 25 -1.97 6.32 3.13
C PHE A 25 -0.55 6.32 2.55
N VAL A 26 -0.34 5.48 1.54
CA VAL A 26 0.97 5.39 0.89
C VAL A 26 1.37 6.72 0.27
N ASN A 27 0.42 7.36 -0.41
CA ASN A 27 0.67 8.64 -1.05
C ASN A 27 1.02 9.70 -0.03
N LYS A 28 0.47 9.57 1.17
CA LYS A 28 0.73 10.53 2.25
C LYS A 28 2.05 10.22 2.93
N GLY A 29 2.33 8.94 3.13
CA GLY A 29 3.56 8.54 3.78
C GLY A 29 4.79 8.89 2.97
N LEU A 30 4.61 9.07 1.66
CA LEU A 30 5.71 9.41 0.77
C LEU A 30 6.00 10.91 0.83
N ASN A 31 4.94 11.71 0.88
CA ASN A 31 5.08 13.16 0.94
C ASN A 31 5.82 13.58 2.20
N THR A 32 5.22 13.31 3.35
CA THR A 32 5.83 13.67 4.63
C THR A 32 7.34 13.39 4.62
N ASP A 33 7.69 12.16 4.29
CA ASP A 33 9.10 11.77 4.24
C ASP A 33 9.92 12.78 3.45
N GLU A 34 9.32 13.33 2.40
CA GLU A 34 9.99 14.31 1.56
C GLU A 34 10.10 15.66 2.26
N LEU A 35 9.03 16.05 2.95
CA LEU A 35 9.00 17.32 3.68
C LEU A 35 9.95 17.29 4.87
N GLY A 36 10.13 16.10 5.44
CA GLY A 36 11.02 15.95 6.57
C GLY A 36 10.31 15.40 7.80
N GLN A 37 9.03 15.08 7.64
CA GLN A 37 8.24 14.53 8.74
C GLN A 37 8.35 13.01 8.79
N LYS A 38 9.33 12.52 9.54
CA LYS A 38 9.56 11.08 9.67
C LYS A 38 8.44 10.44 10.50
N GLU A 39 8.20 10.98 11.69
CA GLU A 39 7.16 10.46 12.56
C GLU A 39 5.89 10.14 11.78
N GLU A 40 5.27 11.18 11.24
CA GLU A 40 4.04 11.02 10.46
C GLU A 40 4.23 9.97 9.37
N ALA A 41 5.33 10.07 8.65
CA ALA A 41 5.63 9.14 7.56
C ALA A 41 5.42 7.69 8.01
N LYS A 42 6.20 7.26 9.00
CA LYS A 42 6.09 5.91 9.52
C LYS A 42 4.63 5.53 9.73
N ASN A 43 3.89 6.37 10.46
CA ASN A 43 2.49 6.11 10.73
C ASN A 43 1.72 5.84 9.44
N TYR A 44 1.85 6.74 8.48
CA TYR A 44 1.17 6.59 7.20
C TYR A 44 1.40 5.20 6.61
N TYR A 45 2.67 4.85 6.41
CA TYR A 45 3.03 3.56 5.86
C TYR A 45 2.40 2.42 6.67
N LYS A 46 2.60 2.46 7.99
CA LYS A 46 2.06 1.44 8.87
C LYS A 46 0.56 1.26 8.64
N GLN A 47 -0.11 2.34 8.25
CA GLN A 47 -1.54 2.29 7.98
C GLN A 47 -1.82 1.70 6.61
N GLY A 48 -0.86 1.81 5.71
CA GLY A 48 -1.02 1.28 4.37
C GLY A 48 -0.74 -0.21 4.29
N ILE A 49 0.35 -0.63 4.95
CA ILE A 49 0.73 -2.04 4.96
C ILE A 49 -0.46 -2.93 5.32
N GLY A 50 -0.93 -2.81 6.56
CA GLY A 50 -2.05 -3.60 7.00
C GLY A 50 -3.11 -3.78 5.93
N HIS A 51 -3.43 -2.68 5.24
CA HIS A 51 -4.43 -2.73 4.18
C HIS A 51 -3.93 -3.53 2.99
N LEU A 52 -2.74 -3.21 2.51
CA LEU A 52 -2.15 -3.90 1.38
C LEU A 52 -2.42 -5.40 1.45
N LEU A 53 -1.90 -6.03 2.50
CA LEU A 53 -2.08 -7.47 2.70
C LEU A 53 -3.55 -7.84 2.57
N ARG A 54 -4.39 -7.22 3.39
CA ARG A 54 -5.82 -7.49 3.36
C ARG A 54 -6.34 -7.60 1.93
N GLY A 55 -5.75 -6.81 1.05
CA GLY A 55 -6.16 -6.83 -0.35
C GLY A 55 -5.48 -7.91 -1.15
N ILE A 56 -4.21 -8.18 -0.82
CA ILE A 56 -3.44 -9.21 -1.50
C ILE A 56 -3.61 -10.56 -0.84
N SER A 57 -4.39 -10.60 0.24
CA SER A 57 -4.64 -11.83 0.97
C SER A 57 -6.08 -12.30 0.77
N ILE A 58 -6.58 -12.15 -0.45
CA ILE A 58 -7.94 -12.56 -0.77
C ILE A 58 -8.00 -14.03 -1.16
N SER A 59 -7.95 -14.30 -2.45
CA SER A 59 -7.99 -15.67 -2.94
C SER A 59 -7.48 -15.75 -4.38
N SER A 60 -8.19 -15.09 -5.29
CA SER A 60 -7.81 -15.08 -6.70
C SER A 60 -7.32 -16.46 -7.13
N LYS A 61 -7.96 -17.50 -6.60
CA LYS A 61 -7.58 -18.87 -6.94
C LYS A 61 -8.60 -19.49 -7.88
N GLU A 62 -8.25 -20.64 -8.45
CA GLU A 62 -9.14 -21.34 -9.38
C GLU A 62 -10.59 -21.33 -8.86
N SER A 63 -11.43 -20.55 -9.52
CA SER A 63 -12.84 -20.44 -9.13
C SER A 63 -13.74 -20.62 -10.34
N GLU A 64 -15.04 -20.42 -10.13
CA GLU A 64 -16.02 -20.58 -11.20
C GLU A 64 -16.33 -19.22 -11.84
N HIS A 65 -15.79 -18.16 -11.26
CA HIS A 65 -16.00 -16.82 -11.78
C HIS A 65 -15.63 -16.74 -13.26
N THR A 66 -15.94 -15.60 -13.88
CA THR A 66 -15.65 -15.41 -15.30
C THR A 66 -16.12 -14.02 -15.76
N GLY A 67 -15.25 -13.33 -16.49
CA GLY A 67 -15.59 -12.01 -16.99
C GLY A 67 -14.45 -11.02 -16.85
N PRO A 68 -14.60 -9.84 -17.45
CA PRO A 68 -13.59 -8.78 -17.40
C PRO A 68 -13.46 -8.17 -16.01
N GLY A 69 -14.53 -8.25 -15.23
CA GLY A 69 -14.51 -7.70 -13.88
C GLY A 69 -13.36 -8.23 -13.06
N TRP A 70 -13.13 -9.54 -13.13
CA TRP A 70 -12.05 -10.16 -12.38
C TRP A 70 -10.68 -9.82 -12.98
N GLU A 71 -10.70 -9.39 -14.23
CA GLU A 71 -9.47 -9.02 -14.93
C GLU A 71 -8.84 -7.77 -14.31
N SER A 72 -9.64 -6.71 -14.21
CA SER A 72 -9.17 -5.45 -13.65
C SER A 72 -8.90 -5.60 -12.14
N ALA A 73 -9.78 -6.32 -11.47
CA ALA A 73 -9.64 -6.54 -10.03
C ALA A 73 -8.32 -7.22 -9.71
N ARG A 74 -7.86 -8.08 -10.61
CA ARG A 74 -6.62 -8.80 -10.42
C ARG A 74 -5.42 -7.89 -10.66
N GLN A 75 -5.59 -6.92 -11.55
CA GLN A 75 -4.52 -5.98 -11.88
C GLN A 75 -4.22 -5.08 -10.68
N MET A 76 -5.24 -4.38 -10.20
CA MET A 76 -5.07 -3.48 -9.06
C MET A 76 -4.30 -4.16 -7.94
N GLN A 77 -4.43 -5.48 -7.85
CA GLN A 77 -3.75 -6.25 -6.82
C GLN A 77 -2.23 -6.20 -7.02
N GLN A 78 -1.78 -6.59 -8.19
CA GLN A 78 -0.35 -6.59 -8.52
C GLN A 78 0.29 -5.29 -8.08
N LYS A 79 -0.20 -4.18 -8.60
CA LYS A 79 0.33 -2.86 -8.26
C LYS A 79 0.70 -2.79 -6.78
N MET A 80 -0.25 -3.14 -5.91
CA MET A 80 -0.02 -3.12 -4.48
C MET A 80 1.22 -3.93 -4.11
N LYS A 81 1.29 -5.15 -4.63
CA LYS A 81 2.42 -6.04 -4.37
C LYS A 81 3.74 -5.34 -4.67
N GLU A 82 3.91 -4.90 -5.91
CA GLU A 82 5.13 -4.22 -6.33
C GLU A 82 5.50 -3.11 -5.34
N THR A 83 4.53 -2.24 -5.05
CA THR A 83 4.76 -1.14 -4.12
C THR A 83 5.08 -1.66 -2.72
N LEU A 84 4.49 -2.79 -2.37
CA LEU A 84 4.71 -3.39 -1.06
C LEU A 84 6.20 -3.61 -0.81
N GLN A 85 6.79 -4.55 -1.53
CA GLN A 85 8.20 -4.86 -1.39
C GLN A 85 9.03 -3.58 -1.24
N ASN A 86 8.56 -2.51 -1.89
CA ASN A 86 9.25 -1.23 -1.82
C ASN A 86 8.93 -0.50 -0.53
N VAL A 87 7.70 -0.64 -0.07
CA VAL A 87 7.27 0.00 1.17
C VAL A 87 8.04 -0.54 2.37
N ARG A 88 7.87 -1.84 2.64
CA ARG A 88 8.54 -2.47 3.75
C ARG A 88 9.94 -1.89 3.96
N THR A 89 10.74 -1.90 2.91
CA THR A 89 12.10 -1.37 2.97
C THR A 89 12.10 0.08 3.44
N ARG A 90 11.20 0.88 2.88
CA ARG A 90 11.09 2.29 3.25
C ARG A 90 10.82 2.44 4.74
N LEU A 91 9.82 1.71 5.23
CA LEU A 91 9.45 1.77 6.64
C LEU A 91 10.56 1.17 7.52
N GLU A 92 11.41 0.37 6.90
CA GLU A 92 12.52 -0.26 7.63
C GLU A 92 13.67 0.72 7.82
N ILE A 93 13.65 1.80 7.05
CA ILE A 93 14.70 2.81 7.14
C ILE A 93 14.31 3.93 8.09
N LEU A 94 13.03 4.30 8.07
CA LEU A 94 12.53 5.37 8.93
C LEU A 94 12.66 4.99 10.40
N GLU A 95 12.38 3.72 10.71
CA GLU A 95 12.47 3.23 12.07
C GLU A 95 13.93 3.10 12.51
N LYS A 96 14.67 2.24 11.82
CA LYS A 96 16.08 2.04 12.13
C LYS A 96 16.82 3.36 12.24
N GLY A 97 16.25 4.41 11.63
CA GLY A 97 16.87 5.71 11.67
C GLY A 97 16.61 6.44 12.98
N LEU A 98 15.39 6.32 13.48
CA LEU A 98 15.02 6.98 14.73
C LEU A 98 15.88 6.47 15.88
N ALA A 99 16.31 7.39 16.74
CA ALA A 99 17.13 7.05 17.90
C ALA A 99 17.84 8.28 18.46
N THR A 100 19.01 8.58 17.92
CA THR A 100 19.78 9.73 18.38
C THR A 100 19.98 10.74 17.25
N SER A 101 20.17 12.00 17.62
CA SER A 101 20.38 13.06 16.63
C SER A 101 21.27 14.16 17.20
N LEU A 102 21.74 15.04 16.33
CA LEU A 102 22.60 16.14 16.73
C LEU A 102 21.87 17.48 16.61
N GLN A 103 20.55 17.42 16.66
CA GLN A 103 19.73 18.64 16.56
C GLN A 103 20.05 19.40 15.28
N ASN A 104 20.71 18.74 14.34
CA ASN A 104 21.08 19.36 13.08
C ASN A 104 19.84 19.58 12.20
N ASP A 105 19.31 20.80 12.23
CA ASP A 105 18.13 21.14 11.44
C ASP A 105 18.41 20.95 9.96
N LEU A 106 17.43 21.30 9.13
CA LEU A 106 17.56 21.17 7.68
C LEU A 106 18.70 22.02 7.16
N GLN A 107 19.23 21.65 6.00
CA GLN A 107 20.33 22.39 5.39
C GLN A 107 20.16 22.47 3.87
N GLU A 108 18.97 22.86 3.44
CA GLU A 108 18.68 22.98 2.00
C GLU A 108 19.55 24.05 1.36
N VAL A 109 20.22 23.67 0.28
CA VAL A 109 21.10 24.60 -0.44
C VAL A 109 20.98 24.39 -1.94
N PRO A 110 21.28 25.47 -2.70
CA PRO A 110 21.23 25.44 -4.16
C PRO A 110 22.33 24.58 -4.77
N SER A 111 22.04 23.95 -5.91
CA SER A 111 23.01 23.09 -6.58
C SER A 111 23.40 21.90 -5.70
N GLY A 112 22.40 21.11 -5.32
CA GLY A 112 22.65 19.95 -4.48
C GLY A 112 22.85 18.69 -5.29
N PRO A 113 23.01 17.55 -4.59
CA PRO A 113 23.22 16.25 -5.23
C PRO A 113 21.96 15.75 -5.93
N SER A 114 22.14 14.86 -6.90
CA SER A 114 21.03 14.31 -7.65
C SER A 114 21.25 12.83 -7.96
N SER A 115 22.25 12.55 -8.79
CA SER A 115 22.57 11.18 -9.17
C SER A 115 21.43 10.54 -9.95
N GLY A 116 21.67 9.35 -10.47
CA GLY A 116 20.64 8.65 -11.23
C GLY A 116 20.57 7.18 -10.89
N GLY A 1 -31.47 -24.71 -14.05
CA GLY A 1 -32.19 -24.38 -12.84
C GLY A 1 -31.47 -23.35 -11.99
N SER A 2 -31.68 -22.07 -12.31
CA SER A 2 -31.04 -20.98 -11.58
C SER A 2 -31.75 -19.67 -11.85
N SER A 3 -32.27 -19.05 -10.79
CA SER A 3 -32.97 -17.78 -10.91
C SER A 3 -32.12 -16.75 -11.65
N GLY A 4 -31.12 -16.22 -10.96
CA GLY A 4 -30.24 -15.22 -11.57
C GLY A 4 -29.94 -14.07 -10.64
N SER A 5 -29.17 -14.34 -9.59
CA SER A 5 -28.82 -13.32 -8.62
C SER A 5 -27.34 -13.41 -8.24
N SER A 6 -26.50 -12.78 -9.05
CA SER A 6 -25.05 -12.79 -8.81
C SER A 6 -24.42 -11.48 -9.27
N GLY A 7 -24.37 -10.51 -8.36
CA GLY A 7 -23.78 -9.22 -8.69
C GLY A 7 -22.27 -9.28 -8.79
N GLU A 8 -21.59 -9.08 -7.66
CA GLU A 8 -20.14 -9.10 -7.62
C GLU A 8 -19.63 -9.98 -6.49
N PRO A 9 -18.45 -10.58 -6.67
CA PRO A 9 -17.83 -11.46 -5.67
C PRO A 9 -17.35 -10.69 -4.45
N ALA A 10 -17.61 -11.23 -3.27
CA ALA A 10 -17.21 -10.60 -2.02
C ALA A 10 -15.69 -10.52 -1.92
N GLU A 11 -15.01 -11.17 -2.85
CA GLU A 11 -13.55 -11.18 -2.86
C GLU A 11 -13.01 -9.93 -3.55
N ILE A 12 -13.73 -9.45 -4.57
CA ILE A 12 -13.33 -8.27 -5.31
C ILE A 12 -13.63 -7.00 -4.52
N LYS A 13 -14.90 -6.81 -4.18
CA LYS A 13 -15.32 -5.63 -3.43
C LYS A 13 -14.29 -5.28 -2.35
N ILE A 14 -13.71 -6.30 -1.73
CA ILE A 14 -12.72 -6.10 -0.69
C ILE A 14 -11.43 -5.51 -1.27
N ILE A 15 -11.01 -6.03 -2.42
CA ILE A 15 -9.80 -5.56 -3.07
C ILE A 15 -9.90 -4.08 -3.40
N ARG A 16 -11.10 -3.64 -3.78
CA ARG A 16 -11.33 -2.23 -4.12
C ARG A 16 -11.02 -1.33 -2.93
N GLU A 17 -11.88 -1.39 -1.92
CA GLU A 17 -11.70 -0.57 -0.71
C GLU A 17 -10.25 -0.61 -0.24
N ALA A 18 -9.74 -1.82 -0.02
CA ALA A 18 -8.37 -2.01 0.44
C ALA A 18 -7.39 -1.37 -0.54
N TYR A 19 -7.61 -1.58 -1.83
CA TYR A 19 -6.74 -1.04 -2.86
C TYR A 19 -6.63 0.47 -2.73
N LYS A 20 -7.74 1.12 -2.37
CA LYS A 20 -7.76 2.56 -2.21
C LYS A 20 -7.10 2.98 -0.90
N LYS A 21 -7.69 2.58 0.21
CA LYS A 21 -7.15 2.91 1.53
C LYS A 21 -5.66 2.59 1.60
N ALA A 22 -5.26 1.54 0.90
CA ALA A 22 -3.85 1.13 0.88
C ALA A 22 -2.99 2.17 0.17
N PHE A 23 -3.40 2.54 -1.04
CA PHE A 23 -2.66 3.52 -1.83
C PHE A 23 -2.98 4.94 -1.37
N LEU A 24 -3.99 5.07 -0.53
CA LEU A 24 -4.40 6.37 -0.01
C LEU A 24 -3.42 6.87 1.04
N PHE A 25 -3.23 6.08 2.09
CA PHE A 25 -2.31 6.45 3.16
C PHE A 25 -0.87 6.42 2.68
N VAL A 26 -0.60 5.57 1.68
CA VAL A 26 0.74 5.44 1.13
C VAL A 26 1.16 6.72 0.41
N ASN A 27 0.26 7.26 -0.41
CA ASN A 27 0.55 8.47 -1.17
C ASN A 27 0.92 9.61 -0.22
N LYS A 28 0.41 9.55 1.00
CA LYS A 28 0.69 10.57 2.00
C LYS A 28 2.06 10.36 2.64
N GLY A 29 2.25 9.17 3.22
CA GLY A 29 3.52 8.86 3.85
C GLY A 29 4.72 9.23 2.99
N LEU A 30 4.64 8.91 1.71
CA LEU A 30 5.71 9.21 0.78
C LEU A 30 6.04 10.70 0.79
N ASN A 31 5.00 11.53 0.70
CA ASN A 31 5.18 12.97 0.71
C ASN A 31 5.89 13.43 1.98
N THR A 32 5.30 13.10 3.13
CA THR A 32 5.86 13.49 4.41
C THR A 32 7.35 13.13 4.49
N ASP A 33 7.67 11.89 4.12
CA ASP A 33 9.06 11.43 4.14
C ASP A 33 9.97 12.37 3.37
N GLU A 34 9.41 12.97 2.31
CA GLU A 34 10.17 13.90 1.48
C GLU A 34 10.23 15.29 2.12
N LEU A 35 9.25 15.58 2.95
CA LEU A 35 9.18 16.87 3.63
C LEU A 35 10.06 16.88 4.89
N GLY A 36 10.26 15.69 5.46
CA GLY A 36 11.09 15.58 6.65
C GLY A 36 10.29 15.13 7.87
N GLN A 37 9.01 14.87 7.66
CA GLN A 37 8.14 14.43 8.75
C GLN A 37 8.17 12.91 8.88
N LYS A 38 9.23 12.41 9.51
CA LYS A 38 9.39 10.97 9.72
C LYS A 38 8.26 10.41 10.58
N GLU A 39 8.02 11.06 11.71
CA GLU A 39 6.96 10.63 12.63
C GLU A 39 5.72 10.20 11.86
N GLU A 40 5.13 11.14 11.11
CA GLU A 40 3.94 10.86 10.33
C GLU A 40 4.22 9.79 9.27
N ALA A 41 5.24 10.05 8.44
CA ALA A 41 5.61 9.11 7.39
C ALA A 41 5.53 7.67 7.88
N LYS A 42 6.28 7.35 8.92
CA LYS A 42 6.29 6.01 9.48
C LYS A 42 4.87 5.50 9.70
N ASN A 43 4.09 6.24 10.48
CA ASN A 43 2.71 5.87 10.76
C ASN A 43 1.95 5.56 9.48
N TYR A 44 1.94 6.53 8.57
CA TYR A 44 1.25 6.37 7.30
C TYR A 44 1.51 4.99 6.70
N TYR A 45 2.78 4.62 6.62
CA TYR A 45 3.16 3.32 6.07
C TYR A 45 2.63 2.19 6.94
N LYS A 46 2.67 2.38 8.25
CA LYS A 46 2.19 1.37 9.19
C LYS A 46 0.72 1.06 8.95
N GLN A 47 -0.02 2.05 8.47
CA GLN A 47 -1.44 1.89 8.19
C GLN A 47 -1.66 1.32 6.79
N GLY A 48 -0.97 1.91 5.81
CA GLY A 48 -1.11 1.46 4.43
C GLY A 48 -0.70 0.01 4.26
N ILE A 49 0.22 -0.45 5.11
CA ILE A 49 0.71 -1.83 5.04
C ILE A 49 -0.44 -2.81 5.24
N GLY A 50 -1.24 -2.58 6.28
CA GLY A 50 -2.37 -3.46 6.57
C GLY A 50 -3.28 -3.64 5.37
N HIS A 51 -3.81 -2.54 4.86
CA HIS A 51 -4.71 -2.58 3.71
C HIS A 51 -4.05 -3.28 2.53
N LEU A 52 -2.80 -2.93 2.26
CA LEU A 52 -2.06 -3.53 1.16
C LEU A 52 -2.25 -5.05 1.14
N LEU A 53 -1.75 -5.71 2.16
CA LEU A 53 -1.86 -7.17 2.26
C LEU A 53 -3.32 -7.60 2.22
N ARG A 54 -4.17 -6.87 2.94
CA ARG A 54 -5.60 -7.18 2.98
C ARG A 54 -6.11 -7.56 1.58
N GLY A 55 -5.60 -6.87 0.57
CA GLY A 55 -6.01 -7.14 -0.79
C GLY A 55 -5.20 -8.24 -1.44
N ILE A 56 -3.99 -8.46 -0.93
CA ILE A 56 -3.11 -9.49 -1.47
C ILE A 56 -3.35 -10.83 -0.77
N SER A 57 -4.12 -10.80 0.31
CA SER A 57 -4.42 -12.02 1.05
C SER A 57 -5.87 -12.45 0.83
N ILE A 58 -6.45 -12.00 -0.28
CA ILE A 58 -7.82 -12.35 -0.61
C ILE A 58 -7.97 -13.84 -0.87
N SER A 59 -7.90 -14.23 -2.13
CA SER A 59 -8.02 -15.64 -2.51
C SER A 59 -7.73 -15.83 -4.00
N SER A 60 -8.61 -15.31 -4.84
CA SER A 60 -8.46 -15.43 -6.29
C SER A 60 -8.31 -16.89 -6.70
N LYS A 61 -9.32 -17.70 -6.37
CA LYS A 61 -9.31 -19.11 -6.71
C LYS A 61 -10.67 -19.74 -6.48
N GLU A 62 -11.71 -19.12 -7.01
CA GLU A 62 -13.08 -19.61 -6.86
C GLU A 62 -13.63 -20.12 -8.18
N SER A 63 -13.16 -19.51 -9.27
CA SER A 63 -13.61 -19.90 -10.61
C SER A 63 -12.50 -19.69 -11.64
N GLU A 64 -12.83 -19.94 -12.90
CA GLU A 64 -11.86 -19.77 -13.98
C GLU A 64 -11.51 -18.31 -14.18
N HIS A 65 -12.44 -17.43 -13.81
CA HIS A 65 -12.23 -15.98 -13.96
C HIS A 65 -12.02 -15.62 -15.42
N THR A 66 -13.11 -15.24 -16.09
CA THR A 66 -13.04 -14.87 -17.50
C THR A 66 -14.01 -13.72 -17.81
N GLY A 67 -13.51 -12.71 -18.50
CA GLY A 67 -14.34 -11.57 -18.86
C GLY A 67 -14.15 -10.40 -17.91
N PRO A 68 -15.08 -9.44 -17.96
CA PRO A 68 -15.04 -8.25 -17.10
C PRO A 68 -15.30 -8.57 -15.64
N GLY A 69 -14.32 -8.27 -14.79
CA GLY A 69 -14.47 -8.53 -13.37
C GLY A 69 -13.14 -8.74 -12.67
N TRP A 70 -12.69 -9.99 -12.62
CA TRP A 70 -11.42 -10.32 -11.97
C TRP A 70 -10.26 -9.66 -12.71
N GLU A 71 -10.51 -9.22 -13.93
CA GLU A 71 -9.48 -8.58 -14.74
C GLU A 71 -8.89 -7.37 -14.01
N SER A 72 -9.68 -6.31 -13.90
CA SER A 72 -9.24 -5.09 -13.23
C SER A 72 -8.81 -5.38 -11.80
N ALA A 73 -9.62 -6.15 -11.08
CA ALA A 73 -9.32 -6.51 -9.71
C ALA A 73 -7.92 -7.09 -9.58
N ARG A 74 -7.48 -7.80 -10.61
CA ARG A 74 -6.16 -8.41 -10.61
C ARG A 74 -5.08 -7.36 -10.87
N GLN A 75 -5.42 -6.35 -11.67
CA GLN A 75 -4.48 -5.29 -12.00
C GLN A 75 -4.19 -4.43 -10.78
N MET A 76 -5.25 -4.02 -10.09
CA MET A 76 -5.11 -3.19 -8.90
C MET A 76 -4.28 -3.90 -7.83
N GLN A 77 -4.29 -5.22 -7.88
CA GLN A 77 -3.54 -6.02 -6.91
C GLN A 77 -2.05 -5.99 -7.22
N GLN A 78 -1.71 -6.25 -8.49
CA GLN A 78 -0.32 -6.26 -8.92
C GLN A 78 0.42 -5.02 -8.41
N LYS A 79 -0.21 -3.87 -8.56
CA LYS A 79 0.38 -2.61 -8.12
C LYS A 79 0.73 -2.66 -6.63
N MET A 80 -0.23 -3.11 -5.83
CA MET A 80 -0.04 -3.21 -4.39
C MET A 80 1.11 -4.18 -4.06
N LYS A 81 1.01 -5.39 -4.60
CA LYS A 81 2.04 -6.40 -4.37
C LYS A 81 3.43 -5.85 -4.65
N GLU A 82 3.52 -4.97 -5.65
CA GLU A 82 4.79 -4.35 -6.02
C GLU A 82 5.20 -3.28 -5.01
N THR A 83 4.42 -2.20 -4.96
CA THR A 83 4.71 -1.11 -4.04
C THR A 83 4.94 -1.63 -2.63
N LEU A 84 3.99 -2.39 -2.12
CA LEU A 84 4.09 -2.95 -0.77
C LEU A 84 5.49 -3.49 -0.52
N GLN A 85 5.90 -4.47 -1.32
CA GLN A 85 7.22 -5.07 -1.18
C GLN A 85 8.30 -3.99 -1.06
N ASN A 86 8.03 -2.82 -1.64
CA ASN A 86 8.98 -1.72 -1.62
C ASN A 86 8.73 -0.82 -0.41
N VAL A 87 7.49 -0.84 0.09
CA VAL A 87 7.11 -0.03 1.24
C VAL A 87 7.74 -0.58 2.52
N ARG A 88 7.47 -1.84 2.82
CA ARG A 88 8.02 -2.48 4.01
C ARG A 88 9.49 -2.12 4.20
N THR A 89 10.23 -2.09 3.10
CA THR A 89 11.65 -1.77 3.14
C THR A 89 11.87 -0.30 3.50
N ARG A 90 11.07 0.57 2.90
CA ARG A 90 11.18 2.01 3.15
C ARG A 90 10.92 2.32 4.63
N LEU A 91 10.01 1.57 5.23
CA LEU A 91 9.67 1.77 6.63
C LEU A 91 10.78 1.25 7.54
N GLU A 92 11.56 0.29 7.04
CA GLU A 92 12.66 -0.28 7.80
C GLU A 92 13.76 0.76 8.03
N ILE A 93 14.01 1.58 7.03
CA ILE A 93 15.04 2.62 7.12
C ILE A 93 14.56 3.78 7.98
N LEU A 94 13.30 4.17 7.80
CA LEU A 94 12.73 5.27 8.56
C LEU A 94 12.89 5.03 10.06
N GLU A 95 12.40 3.89 10.54
CA GLU A 95 12.49 3.56 11.95
C GLU A 95 13.93 3.66 12.44
N LYS A 96 14.85 3.02 11.73
CA LYS A 96 16.26 3.04 12.09
C LYS A 96 16.92 4.33 11.62
N GLY A 97 16.13 5.19 10.98
CA GLY A 97 16.66 6.45 10.48
C GLY A 97 16.49 7.58 11.47
N LEU A 98 15.83 7.29 12.59
CA LEU A 98 15.59 8.29 13.62
C LEU A 98 16.35 7.94 14.90
N ALA A 99 16.21 8.80 15.92
CA ALA A 99 16.89 8.58 17.19
C ALA A 99 15.92 8.75 18.36
N THR A 100 16.16 8.00 19.43
CA THR A 100 15.31 8.08 20.61
C THR A 100 16.11 8.47 21.85
N SER A 101 15.69 9.55 22.49
CA SER A 101 16.37 10.03 23.69
C SER A 101 15.51 11.02 24.46
N LEU A 102 14.91 10.57 25.54
CA LEU A 102 14.05 11.42 26.36
C LEU A 102 12.85 11.90 25.56
N GLN A 103 11.73 12.12 26.25
CA GLN A 103 10.51 12.59 25.59
C GLN A 103 10.30 14.08 25.84
N ASN A 104 9.39 14.68 25.09
CA ASN A 104 9.09 16.10 25.23
C ASN A 104 7.59 16.35 25.27
N ASP A 105 7.20 17.58 25.58
CA ASP A 105 5.80 17.94 25.65
C ASP A 105 5.63 19.45 25.79
N LEU A 106 4.40 19.92 25.65
CA LEU A 106 4.11 21.35 25.77
C LEU A 106 3.28 21.64 27.01
N GLN A 107 3.51 22.79 27.63
CA GLN A 107 2.79 23.19 28.83
C GLN A 107 2.20 24.59 28.67
N GLU A 108 1.85 24.95 27.44
CA GLU A 108 1.29 26.26 27.16
C GLU A 108 -0.24 26.19 27.06
N VAL A 109 -0.91 27.15 27.68
CA VAL A 109 -2.37 27.19 27.66
C VAL A 109 -2.90 27.22 26.22
N PRO A 110 -4.06 26.57 26.01
CA PRO A 110 -4.70 26.51 24.69
C PRO A 110 -5.26 27.86 24.26
N SER A 111 -5.37 28.04 22.95
CA SER A 111 -5.87 29.29 22.40
C SER A 111 -7.27 29.09 21.81
N GLY A 112 -8.25 29.81 22.37
CA GLY A 112 -9.62 29.69 21.89
C GLY A 112 -10.46 28.78 22.75
N PRO A 113 -10.67 29.18 24.01
CA PRO A 113 -11.47 28.41 24.98
C PRO A 113 -12.95 28.40 24.62
N SER A 114 -13.68 27.44 25.20
CA SER A 114 -15.12 27.33 24.95
C SER A 114 -15.87 27.04 26.24
N SER A 115 -15.73 25.82 26.74
CA SER A 115 -16.40 25.42 27.97
C SER A 115 -17.91 25.33 27.76
N GLY A 116 -18.37 24.17 27.28
CA GLY A 116 -19.79 23.97 27.04
C GLY A 116 -20.13 22.54 26.72
N GLY A 1 -29.63 -2.57 5.38
CA GLY A 1 -30.36 -3.54 6.16
C GLY A 1 -29.58 -4.82 6.39
N SER A 2 -29.34 -5.56 5.31
CA SER A 2 -28.60 -6.82 5.40
C SER A 2 -27.83 -7.08 4.11
N SER A 3 -27.12 -8.20 4.07
CA SER A 3 -26.33 -8.57 2.90
C SER A 3 -27.15 -9.46 1.96
N GLY A 4 -27.05 -9.20 0.67
CA GLY A 4 -27.78 -9.99 -0.31
C GLY A 4 -27.49 -9.55 -1.73
N SER A 5 -27.44 -8.23 -1.95
CA SER A 5 -27.17 -7.69 -3.28
C SER A 5 -26.13 -8.53 -4.01
N SER A 6 -26.54 -9.12 -5.13
CA SER A 6 -25.64 -9.95 -5.92
C SER A 6 -25.02 -9.14 -7.06
N GLY A 7 -24.42 -8.01 -6.71
CA GLY A 7 -23.81 -7.16 -7.72
C GLY A 7 -22.30 -7.30 -7.74
N GLU A 8 -21.77 -8.13 -6.84
CA GLU A 8 -20.33 -8.35 -6.76
C GLU A 8 -20.02 -9.68 -6.09
N PRO A 9 -18.88 -10.28 -6.45
CA PRO A 9 -18.44 -11.56 -5.90
C PRO A 9 -18.02 -11.45 -4.43
N ALA A 10 -18.12 -10.24 -3.89
CA ALA A 10 -17.76 -10.00 -2.50
C ALA A 10 -16.24 -9.86 -2.34
N GLU A 11 -15.51 -10.73 -3.01
CA GLU A 11 -14.04 -10.71 -2.94
C GLU A 11 -13.49 -9.49 -3.68
N ILE A 12 -14.10 -9.17 -4.82
CA ILE A 12 -13.66 -8.03 -5.61
C ILE A 12 -13.97 -6.72 -4.91
N LYS A 13 -15.13 -6.65 -4.26
CA LYS A 13 -15.54 -5.44 -3.54
C LYS A 13 -14.50 -5.06 -2.49
N ILE A 14 -14.06 -6.04 -1.71
CA ILE A 14 -13.06 -5.80 -0.67
C ILE A 14 -11.73 -5.35 -1.28
N ILE A 15 -11.32 -6.03 -2.34
CA ILE A 15 -10.06 -5.69 -3.01
C ILE A 15 -10.06 -4.24 -3.48
N ARG A 16 -11.24 -3.73 -3.82
CA ARG A 16 -11.38 -2.36 -4.28
C ARG A 16 -11.07 -1.37 -3.16
N GLU A 17 -11.83 -1.46 -2.08
CA GLU A 17 -11.64 -0.57 -0.93
C GLU A 17 -10.20 -0.66 -0.41
N ALA A 18 -9.75 -1.88 -0.13
CA ALA A 18 -8.40 -2.10 0.37
C ALA A 18 -7.36 -1.51 -0.57
N TYR A 19 -7.52 -1.77 -1.86
CA TYR A 19 -6.58 -1.27 -2.86
C TYR A 19 -6.50 0.25 -2.80
N LYS A 20 -7.65 0.90 -2.60
CA LYS A 20 -7.70 2.36 -2.52
C LYS A 20 -6.98 2.86 -1.27
N LYS A 21 -7.56 2.60 -0.11
CA LYS A 21 -6.98 3.02 1.16
C LYS A 21 -5.49 2.67 1.21
N ALA A 22 -5.15 1.49 0.71
CA ALA A 22 -3.77 1.04 0.70
C ALA A 22 -2.89 1.96 -0.14
N PHE A 23 -3.35 2.27 -1.35
CA PHE A 23 -2.60 3.15 -2.25
C PHE A 23 -2.80 4.61 -1.87
N LEU A 24 -3.80 4.87 -1.03
CA LEU A 24 -4.09 6.22 -0.58
C LEU A 24 -3.08 6.69 0.45
N PHE A 25 -2.90 5.89 1.51
CA PHE A 25 -1.95 6.22 2.56
C PHE A 25 -0.53 6.21 2.04
N VAL A 26 -0.29 5.42 0.99
CA VAL A 26 1.04 5.33 0.39
C VAL A 26 1.50 6.68 -0.15
N ASN A 27 0.67 7.29 -0.99
CA ASN A 27 1.01 8.58 -1.57
C ASN A 27 1.46 9.57 -0.49
N LYS A 28 0.84 9.49 0.68
CA LYS A 28 1.18 10.37 1.79
C LYS A 28 2.53 9.98 2.38
N GLY A 29 2.67 8.73 2.76
CA GLY A 29 3.93 8.26 3.33
C GLY A 29 5.13 8.94 2.72
N LEU A 30 5.21 8.93 1.40
CA LEU A 30 6.33 9.55 0.69
C LEU A 30 6.38 11.06 0.97
N ASN A 31 5.23 11.70 0.91
CA ASN A 31 5.14 13.13 1.17
C ASN A 31 5.61 13.47 2.57
N THR A 32 5.20 12.65 3.53
CA THR A 32 5.58 12.86 4.93
C THR A 32 7.10 12.85 5.09
N ASP A 33 7.76 11.92 4.41
CA ASP A 33 9.21 11.80 4.49
C ASP A 33 9.88 13.08 3.97
N GLU A 34 9.51 13.48 2.76
CA GLU A 34 10.08 14.68 2.15
C GLU A 34 9.85 15.90 3.04
N LEU A 35 8.66 15.97 3.64
CA LEU A 35 8.32 17.08 4.52
C LEU A 35 9.26 17.15 5.71
N GLY A 36 9.74 16.00 6.15
CA GLY A 36 10.65 15.94 7.29
C GLY A 36 9.97 15.42 8.54
N GLN A 37 8.97 14.57 8.36
CA GLN A 37 8.24 14.00 9.50
C GLN A 37 8.66 12.55 9.74
N LYS A 38 9.21 12.29 10.92
CA LYS A 38 9.65 10.94 11.27
C LYS A 38 8.47 10.10 11.77
N GLU A 39 7.68 10.68 12.67
CA GLU A 39 6.53 9.97 13.23
C GLU A 39 5.44 9.81 12.17
N GLU A 40 4.96 10.93 11.64
CA GLU A 40 3.91 10.91 10.63
C GLU A 40 4.17 9.80 9.61
N ALA A 41 5.24 9.96 8.83
CA ALA A 41 5.59 8.99 7.81
C ALA A 41 5.50 7.56 8.36
N LYS A 42 6.22 7.30 9.44
CA LYS A 42 6.21 5.99 10.06
C LYS A 42 4.79 5.51 10.33
N ASN A 43 3.87 6.46 10.45
CA ASN A 43 2.47 6.15 10.70
C ASN A 43 1.71 5.93 9.39
N TYR A 44 2.05 6.74 8.39
CA TYR A 44 1.41 6.65 7.08
C TYR A 44 1.75 5.33 6.39
N TYR A 45 3.02 4.97 6.45
CA TYR A 45 3.50 3.74 5.83
C TYR A 45 2.91 2.51 6.53
N LYS A 46 2.78 2.60 7.84
CA LYS A 46 2.22 1.50 8.63
C LYS A 46 0.71 1.42 8.47
N GLN A 47 0.14 2.41 7.79
CA GLN A 47 -1.30 2.46 7.56
C GLN A 47 -1.65 1.78 6.24
N GLY A 48 -0.72 1.82 5.29
CA GLY A 48 -0.96 1.21 3.99
C GLY A 48 -0.47 -0.23 3.93
N ILE A 49 0.56 -0.53 4.71
CA ILE A 49 1.12 -1.88 4.73
C ILE A 49 0.09 -2.90 5.20
N GLY A 50 -0.74 -2.49 6.16
CA GLY A 50 -1.77 -3.38 6.67
C GLY A 50 -2.92 -3.56 5.69
N HIS A 51 -3.31 -2.48 5.04
CA HIS A 51 -4.40 -2.52 4.07
C HIS A 51 -4.01 -3.32 2.84
N LEU A 52 -2.71 -3.31 2.52
CA LEU A 52 -2.21 -4.03 1.37
C LEU A 52 -2.54 -5.51 1.46
N LEU A 53 -2.03 -6.18 2.49
CA LEU A 53 -2.27 -7.59 2.70
C LEU A 53 -3.77 -7.91 2.64
N ARG A 54 -4.55 -7.17 3.43
CA ARG A 54 -5.99 -7.36 3.47
C ARG A 54 -6.54 -7.67 2.07
N GLY A 55 -5.92 -7.08 1.05
CA GLY A 55 -6.36 -7.32 -0.31
C GLY A 55 -5.57 -8.42 -0.99
N ILE A 56 -4.27 -8.46 -0.73
CA ILE A 56 -3.40 -9.47 -1.33
C ILE A 56 -3.66 -10.85 -0.71
N SER A 57 -4.53 -10.89 0.29
CA SER A 57 -4.87 -12.13 0.96
C SER A 57 -6.29 -12.57 0.64
N ILE A 58 -6.79 -12.12 -0.51
CA ILE A 58 -8.15 -12.46 -0.94
C ILE A 58 -8.15 -13.71 -1.80
N SER A 59 -9.17 -14.55 -1.62
CA SER A 59 -9.29 -15.77 -2.39
C SER A 59 -9.79 -15.50 -3.80
N SER A 60 -8.86 -15.40 -4.74
CA SER A 60 -9.20 -15.11 -6.13
C SER A 60 -8.94 -16.34 -7.01
N LYS A 61 -9.92 -17.22 -7.09
CA LYS A 61 -9.80 -18.43 -7.90
C LYS A 61 -11.14 -18.80 -8.55
N GLU A 62 -12.12 -19.14 -7.72
CA GLU A 62 -13.44 -19.50 -8.22
C GLU A 62 -13.34 -20.56 -9.32
N SER A 63 -14.40 -20.69 -10.10
CA SER A 63 -14.43 -21.67 -11.19
C SER A 63 -14.37 -20.96 -12.55
N GLU A 64 -15.46 -20.29 -12.92
CA GLU A 64 -15.52 -19.58 -14.19
C GLU A 64 -15.09 -18.13 -14.02
N HIS A 65 -13.78 -17.93 -13.82
CA HIS A 65 -13.24 -16.58 -13.65
C HIS A 65 -13.31 -15.80 -14.96
N THR A 66 -14.47 -15.20 -15.22
CA THR A 66 -14.67 -14.42 -16.43
C THR A 66 -15.45 -13.14 -16.15
N GLY A 67 -15.09 -12.07 -16.84
CA GLY A 67 -15.78 -10.80 -16.65
C GLY A 67 -14.81 -9.64 -16.51
N PRO A 68 -15.26 -8.44 -16.92
CA PRO A 68 -14.44 -7.22 -16.84
C PRO A 68 -14.23 -6.76 -15.41
N GLY A 69 -14.80 -7.49 -14.46
CA GLY A 69 -14.66 -7.14 -13.06
C GLY A 69 -13.48 -7.83 -12.41
N TRP A 70 -13.32 -9.12 -12.70
CA TRP A 70 -12.22 -9.89 -12.14
C TRP A 70 -10.89 -9.51 -12.78
N GLU A 71 -10.97 -8.81 -13.91
CA GLU A 71 -9.77 -8.39 -14.64
C GLU A 71 -9.07 -7.26 -13.90
N SER A 72 -9.80 -6.19 -13.64
CA SER A 72 -9.24 -5.02 -12.95
C SER A 72 -8.70 -5.42 -11.58
N ALA A 73 -9.49 -6.19 -10.84
CA ALA A 73 -9.09 -6.63 -9.50
C ALA A 73 -7.76 -7.37 -9.55
N ARG A 74 -7.54 -8.15 -10.61
CA ARG A 74 -6.31 -8.90 -10.76
C ARG A 74 -5.14 -7.97 -11.07
N GLN A 75 -5.44 -6.84 -11.70
CA GLN A 75 -4.42 -5.87 -12.05
C GLN A 75 -4.00 -5.05 -10.82
N MET A 76 -4.97 -4.74 -9.96
CA MET A 76 -4.71 -3.97 -8.75
C MET A 76 -3.93 -4.80 -7.74
N GLN A 77 -4.38 -6.04 -7.52
CA GLN A 77 -3.72 -6.93 -6.57
C GLN A 77 -2.23 -7.01 -6.85
N GLN A 78 -1.86 -7.16 -8.12
CA GLN A 78 -0.46 -7.25 -8.51
C GLN A 78 0.28 -5.97 -8.15
N LYS A 79 -0.25 -4.83 -8.59
CA LYS A 79 0.38 -3.54 -8.31
C LYS A 79 0.69 -3.40 -6.82
N MET A 80 -0.30 -3.69 -5.98
CA MET A 80 -0.13 -3.60 -4.54
C MET A 80 1.10 -4.38 -4.09
N LYS A 81 1.21 -5.63 -4.54
CA LYS A 81 2.32 -6.48 -4.18
C LYS A 81 3.65 -5.82 -4.55
N GLU A 82 3.64 -5.05 -5.62
CA GLU A 82 4.85 -4.35 -6.08
C GLU A 82 5.11 -3.12 -5.22
N THR A 83 4.04 -2.48 -4.78
CA THR A 83 4.15 -1.28 -3.96
C THR A 83 4.46 -1.63 -2.51
N LEU A 84 4.16 -2.86 -2.12
CA LEU A 84 4.42 -3.32 -0.77
C LEU A 84 5.92 -3.40 -0.49
N GLN A 85 6.62 -4.22 -1.28
CA GLN A 85 8.06 -4.38 -1.12
C GLN A 85 8.76 -3.03 -1.06
N ASN A 86 8.33 -2.12 -1.93
CA ASN A 86 8.92 -0.78 -1.99
C ASN A 86 8.55 0.03 -0.74
N VAL A 87 7.52 -0.42 -0.03
CA VAL A 87 7.07 0.26 1.18
C VAL A 87 7.78 -0.29 2.41
N ARG A 88 7.60 -1.59 2.65
CA ARG A 88 8.22 -2.23 3.81
C ARG A 88 9.65 -1.72 4.02
N THR A 89 10.42 -1.70 2.94
CA THR A 89 11.81 -1.23 3.01
C THR A 89 11.87 0.24 3.37
N ARG A 90 11.07 1.05 2.68
CA ARG A 90 11.05 2.49 2.92
C ARG A 90 10.78 2.78 4.40
N LEU A 91 9.73 2.19 4.93
CA LEU A 91 9.36 2.38 6.33
C LEU A 91 10.49 1.91 7.26
N GLU A 92 11.25 0.93 6.79
CA GLU A 92 12.36 0.40 7.58
C GLU A 92 13.45 1.46 7.77
N ILE A 93 13.84 2.10 6.67
CA ILE A 93 14.88 3.12 6.72
C ILE A 93 14.53 4.20 7.75
N LEU A 94 13.24 4.47 7.90
CA LEU A 94 12.78 5.48 8.85
C LEU A 94 12.95 4.99 10.29
N GLU A 95 12.58 3.73 10.53
CA GLU A 95 12.70 3.15 11.86
C GLU A 95 14.16 3.08 12.30
N LYS A 96 15.04 2.70 11.37
CA LYS A 96 16.46 2.60 11.66
C LYS A 96 17.18 3.88 11.29
N GLY A 97 16.41 4.93 11.00
CA GLY A 97 17.00 6.21 10.63
C GLY A 97 16.63 7.32 11.60
N LEU A 98 16.05 6.94 12.73
CA LEU A 98 15.64 7.91 13.73
C LEU A 98 16.79 8.23 14.69
N ALA A 99 17.61 7.22 14.96
CA ALA A 99 18.76 7.39 15.85
C ALA A 99 20.03 7.68 15.06
N THR A 100 19.86 8.22 13.86
CA THR A 100 20.99 8.54 13.00
C THR A 100 20.57 9.43 11.84
N SER A 101 20.73 10.73 12.01
CA SER A 101 20.36 11.70 10.98
C SER A 101 21.26 12.93 11.03
N LEU A 102 22.56 12.69 11.16
CA LEU A 102 23.54 13.78 11.23
C LEU A 102 23.97 14.21 9.83
N GLN A 103 23.64 13.39 8.84
CA GLN A 103 23.99 13.67 7.45
C GLN A 103 22.74 13.82 6.59
N ASN A 104 22.39 15.07 6.28
CA ASN A 104 21.21 15.34 5.46
C ASN A 104 21.53 15.18 3.98
N ASP A 105 22.82 15.19 3.65
CA ASP A 105 23.26 15.04 2.27
C ASP A 105 23.04 16.32 1.48
N LEU A 106 23.16 16.24 0.16
CA LEU A 106 22.98 17.40 -0.71
C LEU A 106 21.99 17.08 -1.83
N GLN A 107 20.79 16.67 -1.45
CA GLN A 107 19.75 16.34 -2.43
C GLN A 107 20.20 15.18 -3.32
N GLU A 108 19.33 14.79 -4.25
CA GLU A 108 19.63 13.70 -5.18
C GLU A 108 19.06 13.98 -6.56
N VAL A 109 19.84 14.70 -7.37
CA VAL A 109 19.41 15.04 -8.72
C VAL A 109 19.31 13.80 -9.59
N PRO A 110 18.42 13.85 -10.59
CA PRO A 110 18.20 12.74 -11.52
C PRO A 110 19.38 12.53 -12.47
N SER A 111 19.19 11.65 -13.44
CA SER A 111 20.24 11.36 -14.41
C SER A 111 19.66 11.08 -15.79
N GLY A 112 18.83 12.01 -16.26
CA GLY A 112 18.21 11.85 -17.57
C GLY A 112 17.15 12.90 -17.84
N PRO A 113 17.60 14.10 -18.24
CA PRO A 113 16.70 15.23 -18.54
C PRO A 113 15.90 15.00 -19.81
N SER A 114 14.58 14.88 -19.66
CA SER A 114 13.69 14.65 -20.79
C SER A 114 14.06 15.57 -21.96
N SER A 115 13.41 16.73 -22.03
CA SER A 115 13.67 17.68 -23.10
C SER A 115 15.15 18.02 -23.18
N GLY A 116 15.51 18.85 -24.15
CA GLY A 116 16.91 19.25 -24.31
C GLY A 116 17.79 18.09 -24.71
N GLY A 1 -23.75 -4.31 -17.90
CA GLY A 1 -23.55 -3.26 -16.92
C GLY A 1 -22.11 -3.18 -16.45
N SER A 2 -21.57 -1.96 -16.40
CA SER A 2 -20.20 -1.74 -15.97
C SER A 2 -20.14 -0.76 -14.82
N SER A 3 -20.94 0.30 -14.90
CA SER A 3 -20.98 1.32 -13.86
C SER A 3 -21.54 0.76 -12.56
N GLY A 4 -22.13 -0.43 -12.66
CA GLY A 4 -22.69 -1.07 -11.48
C GLY A 4 -23.89 -1.93 -11.80
N SER A 5 -24.98 -1.75 -11.06
CA SER A 5 -26.19 -2.53 -11.27
C SER A 5 -25.91 -4.03 -11.17
N SER A 6 -24.88 -4.37 -10.41
CA SER A 6 -24.49 -5.76 -10.23
C SER A 6 -24.18 -6.07 -8.76
N GLY A 7 -24.46 -7.30 -8.34
CA GLY A 7 -24.21 -7.69 -6.97
C GLY A 7 -22.72 -7.85 -6.67
N GLU A 8 -21.94 -8.09 -7.72
CA GLU A 8 -20.50 -8.27 -7.56
C GLU A 8 -20.18 -9.60 -6.90
N PRO A 9 -18.97 -10.13 -7.17
CA PRO A 9 -18.52 -11.40 -6.61
C PRO A 9 -18.25 -11.32 -5.11
N ALA A 10 -18.48 -10.13 -4.54
CA ALA A 10 -18.26 -9.93 -3.12
C ALA A 10 -16.78 -9.71 -2.81
N GLU A 11 -15.94 -10.52 -3.42
CA GLU A 11 -14.49 -10.43 -3.20
C GLU A 11 -13.94 -9.15 -3.84
N ILE A 12 -14.49 -8.79 -5.00
CA ILE A 12 -14.04 -7.60 -5.71
C ILE A 12 -14.25 -6.35 -4.86
N LYS A 13 -15.35 -6.32 -4.12
CA LYS A 13 -15.66 -5.19 -3.27
C LYS A 13 -14.56 -4.95 -2.24
N ILE A 14 -14.24 -5.99 -1.47
CA ILE A 14 -13.19 -5.89 -0.46
C ILE A 14 -11.89 -5.41 -1.06
N ILE A 15 -11.53 -5.99 -2.20
CA ILE A 15 -10.29 -5.61 -2.89
C ILE A 15 -10.23 -4.11 -3.12
N ARG A 16 -11.19 -3.60 -3.90
CA ARG A 16 -11.24 -2.18 -4.20
C ARG A 16 -10.85 -1.34 -2.99
N GLU A 17 -11.69 -1.36 -1.96
CA GLU A 17 -11.42 -0.60 -0.74
C GLU A 17 -9.95 -0.65 -0.38
N ALA A 18 -9.34 -1.83 -0.51
CA ALA A 18 -7.93 -2.00 -0.19
C ALA A 18 -7.05 -1.28 -1.21
N TYR A 19 -7.46 -1.32 -2.48
CA TYR A 19 -6.72 -0.67 -3.54
C TYR A 19 -6.70 0.84 -3.36
N LYS A 20 -7.72 1.36 -2.69
CA LYS A 20 -7.83 2.79 -2.44
C LYS A 20 -7.26 3.15 -1.07
N LYS A 21 -7.90 2.65 -0.02
CA LYS A 21 -7.44 2.91 1.35
C LYS A 21 -5.94 2.69 1.48
N ALA A 22 -5.47 1.56 0.97
CA ALA A 22 -4.05 1.22 1.04
C ALA A 22 -3.21 2.29 0.35
N PHE A 23 -3.61 2.66 -0.87
CA PHE A 23 -2.89 3.67 -1.63
C PHE A 23 -3.21 5.06 -1.12
N LEU A 24 -4.22 5.17 -0.26
CA LEU A 24 -4.63 6.45 0.30
C LEU A 24 -3.64 6.91 1.36
N PHE A 25 -3.33 6.03 2.30
CA PHE A 25 -2.39 6.36 3.38
C PHE A 25 -0.98 6.50 2.84
N VAL A 26 -0.72 5.88 1.69
CA VAL A 26 0.59 5.93 1.06
C VAL A 26 0.94 7.35 0.64
N ASN A 27 0.19 7.86 -0.34
CA ASN A 27 0.41 9.22 -0.84
C ASN A 27 0.73 10.18 0.30
N LYS A 28 0.22 9.87 1.48
CA LYS A 28 0.46 10.70 2.66
C LYS A 28 1.84 10.44 3.24
N GLY A 29 2.17 9.16 3.38
CA GLY A 29 3.47 8.79 3.93
C GLY A 29 4.63 9.27 3.08
N LEU A 30 4.52 9.02 1.78
CA LEU A 30 5.57 9.42 0.83
C LEU A 30 5.81 10.93 0.91
N ASN A 31 4.73 11.70 0.88
CA ASN A 31 4.83 13.15 0.96
C ASN A 31 5.60 13.60 2.19
N THR A 32 5.06 13.27 3.36
CA THR A 32 5.71 13.64 4.62
C THR A 32 7.20 13.33 4.58
N ASP A 33 7.54 12.14 4.12
CA ASP A 33 8.94 11.72 4.02
C ASP A 33 9.76 12.73 3.23
N GLU A 34 9.13 13.33 2.23
CA GLU A 34 9.79 14.32 1.38
C GLU A 34 9.97 15.64 2.13
N LEU A 35 9.16 15.84 3.16
CA LEU A 35 9.22 17.07 3.96
C LEU A 35 10.19 16.91 5.12
N GLY A 36 10.55 15.67 5.43
CA GLY A 36 11.47 15.41 6.50
C GLY A 36 10.81 14.74 7.69
N GLN A 37 9.49 14.85 7.77
CA GLN A 37 8.72 14.26 8.87
C GLN A 37 8.87 12.74 8.86
N LYS A 38 9.54 12.21 9.88
CA LYS A 38 9.75 10.78 9.99
C LYS A 38 8.59 10.12 10.74
N GLU A 39 8.42 10.50 12.00
CA GLU A 39 7.35 9.95 12.82
C GLU A 39 6.08 9.76 12.01
N GLU A 40 5.59 10.85 11.42
CA GLU A 40 4.38 10.80 10.61
C GLU A 40 4.52 9.79 9.48
N ALA A 41 5.51 10.01 8.62
CA ALA A 41 5.75 9.12 7.49
C ALA A 41 5.63 7.66 7.91
N LYS A 42 6.43 7.26 8.88
CA LYS A 42 6.41 5.89 9.38
C LYS A 42 4.98 5.43 9.67
N ASN A 43 4.25 6.25 10.40
CA ASN A 43 2.86 5.94 10.75
C ASN A 43 2.05 5.64 9.50
N TYR A 44 2.06 6.56 8.56
CA TYR A 44 1.31 6.40 7.31
C TYR A 44 1.64 5.05 6.66
N TYR A 45 2.91 4.66 6.71
CA TYR A 45 3.35 3.41 6.13
C TYR A 45 2.76 2.22 6.88
N LYS A 46 2.97 2.20 8.20
CA LYS A 46 2.45 1.13 9.04
C LYS A 46 0.96 0.92 8.82
N GLN A 47 0.31 1.93 8.24
CA GLN A 47 -1.12 1.86 7.96
C GLN A 47 -1.38 1.28 6.58
N GLY A 48 -0.64 1.76 5.59
CA GLY A 48 -0.80 1.29 4.23
C GLY A 48 -0.47 -0.19 4.08
N ILE A 49 0.61 -0.61 4.72
CA ILE A 49 1.04 -2.01 4.66
C ILE A 49 -0.10 -2.94 5.04
N GLY A 50 -0.63 -2.77 6.25
CA GLY A 50 -1.73 -3.60 6.71
C GLY A 50 -2.96 -3.49 5.83
N HIS A 51 -2.98 -2.48 4.97
CA HIS A 51 -4.11 -2.27 4.07
C HIS A 51 -3.86 -2.94 2.72
N LEU A 52 -2.60 -2.94 2.29
CA LEU A 52 -2.22 -3.55 1.02
C LEU A 52 -2.42 -5.05 1.06
N LEU A 53 -1.93 -5.69 2.12
CA LEU A 53 -2.06 -7.13 2.28
C LEU A 53 -3.53 -7.55 2.33
N ARG A 54 -4.36 -6.70 2.93
CA ARG A 54 -5.78 -6.97 3.05
C ARG A 54 -6.37 -7.36 1.69
N GLY A 55 -5.78 -6.82 0.62
CA GLY A 55 -6.25 -7.11 -0.72
C GLY A 55 -5.63 -8.36 -1.30
N ILE A 56 -4.34 -8.53 -1.06
CA ILE A 56 -3.62 -9.70 -1.58
C ILE A 56 -3.95 -10.94 -0.76
N SER A 57 -4.64 -10.74 0.36
CA SER A 57 -5.02 -11.86 1.23
C SER A 57 -6.54 -12.07 1.21
N ILE A 58 -7.11 -12.13 0.01
CA ILE A 58 -8.54 -12.34 -0.15
C ILE A 58 -8.87 -13.81 -0.37
N SER A 59 -9.01 -14.19 -1.63
CA SER A 59 -9.32 -15.57 -1.98
C SER A 59 -9.21 -15.79 -3.49
N SER A 60 -9.96 -14.99 -4.25
CA SER A 60 -9.96 -15.09 -5.70
C SER A 60 -10.03 -16.56 -6.14
N LYS A 61 -10.54 -17.40 -5.26
CA LYS A 61 -10.67 -18.84 -5.56
C LYS A 61 -11.90 -19.42 -4.87
N GLU A 62 -12.84 -19.90 -5.67
CA GLU A 62 -14.06 -20.49 -5.13
C GLU A 62 -15.00 -20.92 -6.26
N SER A 63 -15.21 -20.02 -7.21
CA SER A 63 -16.10 -20.31 -8.34
C SER A 63 -15.40 -20.01 -9.65
N GLU A 64 -16.18 -19.94 -10.73
CA GLU A 64 -15.63 -19.66 -12.06
C GLU A 64 -16.17 -18.34 -12.60
N HIS A 65 -15.41 -17.27 -12.40
CA HIS A 65 -15.82 -15.95 -12.88
C HIS A 65 -14.80 -15.40 -13.88
N THR A 66 -13.91 -16.26 -14.34
CA THR A 66 -12.89 -15.87 -15.30
C THR A 66 -13.48 -15.01 -16.41
N GLY A 67 -13.16 -13.71 -16.38
CA GLY A 67 -13.67 -12.80 -17.39
C GLY A 67 -13.09 -11.41 -17.25
N PRO A 68 -13.77 -10.42 -17.87
CA PRO A 68 -13.33 -9.03 -17.83
C PRO A 68 -13.50 -8.41 -16.45
N GLY A 69 -14.24 -9.10 -15.59
CA GLY A 69 -14.47 -8.60 -14.24
C GLY A 69 -13.26 -8.80 -13.34
N TRP A 70 -12.95 -10.05 -13.05
CA TRP A 70 -11.82 -10.38 -12.19
C TRP A 70 -10.51 -9.90 -12.80
N GLU A 71 -10.57 -9.48 -14.06
CA GLU A 71 -9.39 -9.00 -14.77
C GLU A 71 -8.81 -7.77 -14.08
N SER A 72 -9.61 -6.71 -14.00
CA SER A 72 -9.17 -5.47 -13.36
C SER A 72 -8.86 -5.69 -11.89
N ALA A 73 -9.55 -6.67 -11.29
CA ALA A 73 -9.35 -6.98 -9.88
C ALA A 73 -8.01 -7.67 -9.65
N ARG A 74 -7.54 -8.40 -10.67
CA ARG A 74 -6.27 -9.11 -10.58
C ARG A 74 -5.12 -8.20 -10.97
N GLN A 75 -5.43 -7.14 -11.71
CA GLN A 75 -4.41 -6.18 -12.16
C GLN A 75 -4.06 -5.20 -11.05
N MET A 76 -5.06 -4.86 -10.23
CA MET A 76 -4.86 -3.92 -9.13
C MET A 76 -4.15 -4.60 -7.97
N GLN A 77 -4.54 -5.84 -7.67
CA GLN A 77 -3.94 -6.60 -6.59
C GLN A 77 -2.42 -6.64 -6.72
N GLN A 78 -1.95 -7.08 -7.88
CA GLN A 78 -0.51 -7.17 -8.15
C GLN A 78 0.17 -5.84 -7.85
N LYS A 79 -0.39 -4.76 -8.34
CA LYS A 79 0.17 -3.43 -8.13
C LYS A 79 0.61 -3.25 -6.68
N MET A 80 -0.31 -3.50 -5.75
CA MET A 80 0.00 -3.37 -4.33
C MET A 80 1.24 -4.17 -3.97
N LYS A 81 1.18 -5.48 -4.15
CA LYS A 81 2.30 -6.36 -3.84
C LYS A 81 3.62 -5.71 -4.26
N GLU A 82 3.64 -5.13 -5.45
CA GLU A 82 4.84 -4.47 -5.96
C GLU A 82 5.22 -3.27 -5.10
N THR A 83 4.22 -2.44 -4.79
CA THR A 83 4.44 -1.25 -3.97
C THR A 83 4.80 -1.63 -2.54
N LEU A 84 4.47 -2.86 -2.15
CA LEU A 84 4.75 -3.34 -0.80
C LEU A 84 6.26 -3.46 -0.57
N GLN A 85 6.88 -4.42 -1.25
CA GLN A 85 8.31 -4.63 -1.11
C GLN A 85 9.07 -3.32 -1.21
N ASN A 86 8.52 -2.38 -1.97
CA ASN A 86 9.14 -1.07 -2.15
C ASN A 86 8.95 -0.20 -0.91
N VAL A 87 7.82 -0.39 -0.23
CA VAL A 87 7.52 0.37 0.97
C VAL A 87 8.21 -0.23 2.19
N ARG A 88 8.05 -1.53 2.38
CA ARG A 88 8.67 -2.22 3.50
C ARG A 88 10.11 -1.77 3.71
N THR A 89 10.79 -1.47 2.61
CA THR A 89 12.17 -1.02 2.66
C THR A 89 12.27 0.39 3.24
N ARG A 90 11.29 1.23 2.93
CA ARG A 90 11.27 2.60 3.40
C ARG A 90 11.00 2.64 4.91
N LEU A 91 9.86 2.09 5.32
CA LEU A 91 9.48 2.06 6.72
C LEU A 91 10.55 1.37 7.57
N GLU A 92 11.39 0.57 6.90
CA GLU A 92 12.46 -0.15 7.59
C GLU A 92 13.63 0.78 7.91
N ILE A 93 13.83 1.78 7.04
CA ILE A 93 14.91 2.74 7.23
C ILE A 93 14.52 3.82 8.23
N LEU A 94 13.33 4.39 8.04
CA LEU A 94 12.84 5.44 8.94
C LEU A 94 12.91 4.99 10.39
N GLU A 95 12.37 3.81 10.67
CA GLU A 95 12.38 3.26 12.02
C GLU A 95 13.79 3.10 12.54
N LYS A 96 14.62 2.38 11.77
CA LYS A 96 16.01 2.14 12.15
C LYS A 96 16.79 3.45 12.18
N GLY A 97 16.22 4.49 11.58
CA GLY A 97 16.89 5.78 11.55
C GLY A 97 16.87 6.48 12.89
N LEU A 98 15.68 6.69 13.43
CA LEU A 98 15.53 7.35 14.73
C LEU A 98 16.46 6.72 15.77
N ALA A 99 16.42 7.26 16.99
CA ALA A 99 17.25 6.75 18.07
C ALA A 99 17.45 5.24 17.95
N THR A 100 18.67 4.78 18.20
CA THR A 100 18.97 3.36 18.13
C THR A 100 20.17 3.01 19.01
N SER A 101 19.98 2.05 19.91
CA SER A 101 21.05 1.63 20.81
C SER A 101 22.16 0.92 20.03
N LEU A 102 21.97 0.77 18.73
CA LEU A 102 22.96 0.12 17.88
C LEU A 102 23.20 0.92 16.61
N GLN A 103 24.24 1.75 16.62
CA GLN A 103 24.57 2.57 15.47
C GLN A 103 25.98 2.24 14.94
N ASN A 104 26.25 2.64 13.70
CA ASN A 104 27.54 2.39 13.09
C ASN A 104 28.65 3.16 13.80
N ASP A 105 29.61 2.43 14.37
CA ASP A 105 30.72 3.06 15.09
C ASP A 105 31.37 4.13 14.23
N LEU A 106 31.29 5.38 14.70
CA LEU A 106 31.87 6.51 13.98
C LEU A 106 33.38 6.61 14.25
N GLN A 107 34.16 6.69 13.18
CA GLN A 107 35.61 6.80 13.30
C GLN A 107 36.16 7.89 12.40
N GLU A 108 37.09 8.68 12.92
CA GLU A 108 37.69 9.77 12.17
C GLU A 108 38.24 9.26 10.83
N VAL A 109 38.54 10.19 9.93
CA VAL A 109 39.07 9.84 8.61
C VAL A 109 39.69 11.05 7.93
N PRO A 110 40.52 10.80 6.91
CA PRO A 110 41.19 11.85 6.15
C PRO A 110 40.22 12.66 5.29
N SER A 111 39.84 13.84 5.78
CA SER A 111 38.91 14.70 5.06
C SER A 111 38.83 16.08 5.73
N GLY A 112 39.25 17.10 5.00
CA GLY A 112 39.22 18.45 5.53
C GLY A 112 37.82 19.04 5.52
N PRO A 113 37.73 20.37 5.69
CA PRO A 113 36.45 21.09 5.70
C PRO A 113 35.80 21.12 4.33
N SER A 114 35.32 19.96 3.87
CA SER A 114 34.67 19.87 2.56
C SER A 114 33.36 20.64 2.55
N SER A 115 33.21 21.51 1.57
CA SER A 115 32.00 22.33 1.44
C SER A 115 31.02 21.67 0.48
N GLY A 116 31.47 20.65 -0.23
CA GLY A 116 30.62 19.95 -1.18
C GLY A 116 29.75 20.90 -1.98
N GLY A 1 -24.06 0.50 -24.61
CA GLY A 1 -22.93 -0.38 -24.36
C GLY A 1 -22.60 -0.49 -22.89
N SER A 2 -23.16 -1.51 -22.24
CA SER A 2 -22.91 -1.73 -20.81
C SER A 2 -22.34 -3.12 -20.56
N SER A 3 -22.08 -3.42 -19.30
CA SER A 3 -21.53 -4.72 -18.92
C SER A 3 -21.89 -5.08 -17.49
N GLY A 4 -22.20 -6.34 -17.25
CA GLY A 4 -22.56 -6.79 -15.91
C GLY A 4 -23.13 -8.19 -15.91
N SER A 5 -22.31 -9.16 -15.53
CA SER A 5 -22.74 -10.56 -15.48
C SER A 5 -24.06 -10.69 -14.75
N SER A 6 -24.08 -10.27 -13.48
CA SER A 6 -25.29 -10.35 -12.66
C SER A 6 -24.95 -10.18 -11.18
N GLY A 7 -23.77 -10.63 -10.80
CA GLY A 7 -23.34 -10.52 -9.42
C GLY A 7 -21.84 -10.56 -9.27
N GLU A 8 -21.33 -9.90 -8.22
CA GLU A 8 -19.90 -9.84 -7.97
C GLU A 8 -19.57 -10.48 -6.63
N PRO A 9 -18.41 -11.16 -6.56
CA PRO A 9 -17.95 -11.82 -5.34
C PRO A 9 -17.54 -10.82 -4.25
N ALA A 10 -17.93 -11.11 -3.02
CA ALA A 10 -17.61 -10.25 -1.89
C ALA A 10 -16.09 -10.11 -1.72
N GLU A 11 -15.35 -11.04 -2.30
CA GLU A 11 -13.90 -11.03 -2.22
C GLU A 11 -13.32 -9.87 -3.01
N ILE A 12 -13.97 -9.54 -4.12
CA ILE A 12 -13.51 -8.45 -4.98
C ILE A 12 -13.72 -7.09 -4.29
N LYS A 13 -14.98 -6.74 -4.07
CA LYS A 13 -15.33 -5.47 -3.44
C LYS A 13 -14.30 -5.12 -2.36
N ILE A 14 -13.76 -6.14 -1.71
CA ILE A 14 -12.76 -5.93 -0.66
C ILE A 14 -11.42 -5.50 -1.24
N ILE A 15 -10.98 -6.21 -2.27
CA ILE A 15 -9.71 -5.90 -2.92
C ILE A 15 -9.68 -4.45 -3.39
N ARG A 16 -10.85 -3.91 -3.71
CA ARG A 16 -10.96 -2.53 -4.17
C ARG A 16 -10.55 -1.56 -3.07
N GLU A 17 -11.34 -1.53 -2.00
CA GLU A 17 -11.07 -0.64 -0.88
C GLU A 17 -9.64 -0.81 -0.39
N ALA A 18 -9.15 -2.05 -0.41
CA ALA A 18 -7.80 -2.35 0.04
C ALA A 18 -6.77 -1.85 -0.97
N TYR A 19 -7.20 -1.66 -2.21
CA TYR A 19 -6.32 -1.19 -3.27
C TYR A 19 -6.21 0.34 -3.25
N LYS A 20 -7.32 0.99 -2.95
CA LYS A 20 -7.36 2.46 -2.90
C LYS A 20 -6.69 2.97 -1.63
N LYS A 21 -7.34 2.72 -0.49
CA LYS A 21 -6.81 3.15 0.79
C LYS A 21 -5.32 2.81 0.92
N ALA A 22 -4.93 1.69 0.31
CA ALA A 22 -3.53 1.26 0.36
C ALA A 22 -2.64 2.23 -0.41
N PHE A 23 -3.09 2.65 -1.58
CA PHE A 23 -2.33 3.57 -2.42
C PHE A 23 -2.59 5.02 -2.01
N LEU A 24 -3.62 5.22 -1.20
CA LEU A 24 -3.99 6.56 -0.72
C LEU A 24 -3.12 6.97 0.47
N PHE A 25 -3.11 6.13 1.50
CA PHE A 25 -2.32 6.40 2.69
C PHE A 25 -0.83 6.45 2.37
N VAL A 26 -0.44 5.76 1.30
CA VAL A 26 0.96 5.71 0.88
C VAL A 26 1.40 7.06 0.31
N ASN A 27 0.54 7.64 -0.53
CA ASN A 27 0.85 8.93 -1.14
C ASN A 27 1.09 10.00 -0.08
N LYS A 28 0.58 9.77 1.12
CA LYS A 28 0.75 10.70 2.22
C LYS A 28 2.03 10.42 2.99
N GLY A 29 2.45 9.15 2.99
CA GLY A 29 3.66 8.77 3.69
C GLY A 29 4.90 9.36 3.05
N LEU A 30 4.98 9.28 1.73
CA LEU A 30 6.12 9.81 1.00
C LEU A 30 6.24 11.32 1.17
N ASN A 31 5.09 11.99 1.16
CA ASN A 31 5.06 13.44 1.32
C ASN A 31 5.71 13.86 2.64
N THR A 32 5.12 13.45 3.75
CA THR A 32 5.64 13.77 5.07
C THR A 32 7.16 13.63 5.11
N ASP A 33 7.64 12.43 4.83
CA ASP A 33 9.07 12.16 4.84
C ASP A 33 9.83 13.28 4.16
N GLU A 34 9.30 13.76 3.04
CA GLU A 34 9.93 14.84 2.28
C GLU A 34 9.95 16.13 3.09
N LEU A 35 8.84 16.41 3.78
CA LEU A 35 8.72 17.61 4.59
C LEU A 35 9.60 17.53 5.82
N GLY A 36 9.83 16.31 6.31
CA GLY A 36 10.65 16.12 7.48
C GLY A 36 9.89 15.51 8.64
N GLN A 37 8.65 15.09 8.38
CA GLN A 37 7.82 14.48 9.41
C GLN A 37 8.04 12.98 9.49
N LYS A 38 9.14 12.58 10.12
CA LYS A 38 9.46 11.16 10.26
C LYS A 38 8.35 10.41 10.98
N GLU A 39 7.75 11.07 11.98
CA GLU A 39 6.67 10.45 12.75
C GLU A 39 5.48 10.13 11.85
N GLU A 40 4.89 11.17 11.27
CA GLU A 40 3.74 10.99 10.39
C GLU A 40 4.04 9.98 9.29
N ALA A 41 5.23 10.08 8.71
CA ALA A 41 5.65 9.18 7.65
C ALA A 41 5.52 7.72 8.09
N LYS A 42 6.19 7.39 9.20
CA LYS A 42 6.15 6.03 9.72
C LYS A 42 4.71 5.56 9.91
N ASN A 43 3.88 6.40 10.50
CA ASN A 43 2.48 6.08 10.73
C ASN A 43 1.76 5.80 9.42
N TYR A 44 1.81 6.76 8.50
CA TYR A 44 1.17 6.62 7.21
C TYR A 44 1.50 5.27 6.58
N TYR A 45 2.78 4.93 6.56
CA TYR A 45 3.24 3.68 5.98
C TYR A 45 2.68 2.48 6.76
N LYS A 46 2.67 2.61 8.09
CA LYS A 46 2.16 1.55 8.95
C LYS A 46 0.66 1.33 8.71
N GLN A 47 0.03 2.27 8.04
CA GLN A 47 -1.39 2.19 7.74
C GLN A 47 -1.64 1.55 6.38
N GLY A 48 -0.88 1.99 5.39
CA GLY A 48 -1.03 1.45 4.05
C GLY A 48 -0.61 0.00 3.96
N ILE A 49 0.50 -0.34 4.61
CA ILE A 49 1.01 -1.70 4.61
C ILE A 49 -0.07 -2.69 5.05
N GLY A 50 -0.75 -2.36 6.15
CA GLY A 50 -1.79 -3.23 6.66
C GLY A 50 -2.96 -3.37 5.69
N HIS A 51 -3.17 -2.34 4.87
CA HIS A 51 -4.26 -2.35 3.90
C HIS A 51 -3.88 -3.19 2.69
N LEU A 52 -2.62 -3.10 2.27
CA LEU A 52 -2.13 -3.84 1.11
C LEU A 52 -2.37 -5.34 1.29
N LEU A 53 -1.88 -5.88 2.41
CA LEU A 53 -2.04 -7.30 2.71
C LEU A 53 -3.51 -7.70 2.66
N ARG A 54 -4.35 -6.96 3.36
CA ARG A 54 -5.78 -7.24 3.40
C ARG A 54 -6.33 -7.42 1.99
N GLY A 55 -5.62 -6.90 1.00
CA GLY A 55 -6.04 -7.01 -0.38
C GLY A 55 -5.42 -8.21 -1.08
N ILE A 56 -4.21 -8.57 -0.67
CA ILE A 56 -3.52 -9.70 -1.27
C ILE A 56 -3.88 -11.01 -0.57
N SER A 57 -4.52 -10.89 0.60
CA SER A 57 -4.92 -12.06 1.36
C SER A 57 -6.42 -12.32 1.22
N ILE A 58 -6.91 -12.23 -0.01
CA ILE A 58 -8.32 -12.46 -0.28
C ILE A 58 -8.56 -13.84 -0.89
N SER A 59 -8.62 -13.88 -2.21
CA SER A 59 -8.84 -15.14 -2.92
C SER A 59 -9.08 -14.89 -4.41
N SER A 60 -8.49 -15.74 -5.25
CA SER A 60 -8.63 -15.61 -6.69
C SER A 60 -8.44 -16.96 -7.38
N LYS A 61 -9.39 -17.87 -7.13
CA LYS A 61 -9.32 -19.20 -7.73
C LYS A 61 -9.07 -19.12 -9.24
N GLU A 62 -8.65 -20.23 -9.83
CA GLU A 62 -8.38 -20.27 -11.26
C GLU A 62 -9.63 -20.67 -12.03
N SER A 63 -10.13 -21.87 -11.76
CA SER A 63 -11.33 -22.36 -12.44
C SER A 63 -12.48 -21.37 -12.31
N GLU A 64 -13.18 -21.14 -13.42
CA GLU A 64 -14.30 -20.20 -13.43
C GLU A 64 -13.86 -18.81 -12.98
N HIS A 65 -13.02 -18.18 -13.80
CA HIS A 65 -12.53 -16.84 -13.48
C HIS A 65 -12.59 -15.94 -14.70
N THR A 66 -13.81 -15.73 -15.21
CA THR A 66 -14.00 -14.89 -16.39
C THR A 66 -14.96 -13.75 -16.08
N GLY A 67 -14.65 -12.56 -16.60
CA GLY A 67 -15.51 -11.41 -16.37
C GLY A 67 -14.72 -10.11 -16.37
N PRO A 68 -15.39 -9.01 -16.76
CA PRO A 68 -14.77 -7.68 -16.80
C PRO A 68 -14.48 -7.13 -15.42
N GLY A 69 -14.90 -7.86 -14.39
CA GLY A 69 -14.67 -7.43 -13.03
C GLY A 69 -13.37 -7.95 -12.46
N TRP A 70 -13.29 -9.26 -12.28
CA TRP A 70 -12.10 -9.90 -11.74
C TRP A 70 -10.84 -9.39 -12.45
N GLU A 71 -11.01 -8.93 -13.68
CA GLU A 71 -9.90 -8.41 -14.47
C GLU A 71 -9.23 -7.25 -13.76
N SER A 72 -10.03 -6.27 -13.36
CA SER A 72 -9.50 -5.09 -12.66
C SER A 72 -9.01 -5.46 -11.28
N ALA A 73 -9.77 -6.29 -10.58
CA ALA A 73 -9.40 -6.72 -9.23
C ALA A 73 -8.04 -7.40 -9.22
N ARG A 74 -7.76 -8.17 -10.28
CA ARG A 74 -6.49 -8.87 -10.39
C ARG A 74 -5.38 -7.94 -10.85
N GLN A 75 -5.74 -7.01 -11.75
CA GLN A 75 -4.77 -6.05 -12.26
C GLN A 75 -4.27 -5.12 -11.16
N MET A 76 -5.20 -4.66 -10.32
CA MET A 76 -4.84 -3.78 -9.22
C MET A 76 -4.11 -4.53 -8.12
N GLN A 77 -4.45 -5.80 -7.94
CA GLN A 77 -3.83 -6.63 -6.93
C GLN A 77 -2.33 -6.77 -7.19
N GLN A 78 -1.97 -6.93 -8.45
CA GLN A 78 -0.56 -7.09 -8.83
C GLN A 78 0.23 -5.81 -8.52
N LYS A 79 -0.32 -4.67 -8.95
CA LYS A 79 0.34 -3.38 -8.72
C LYS A 79 0.65 -3.19 -7.24
N MET A 80 -0.12 -3.85 -6.39
CA MET A 80 0.08 -3.75 -4.95
C MET A 80 1.27 -4.60 -4.51
N LYS A 81 1.23 -5.88 -4.81
CA LYS A 81 2.31 -6.80 -4.45
C LYS A 81 3.66 -6.14 -4.65
N GLU A 82 3.83 -5.45 -5.77
CA GLU A 82 5.08 -4.78 -6.08
C GLU A 82 5.27 -3.55 -5.19
N THR A 83 4.19 -2.82 -4.97
CA THR A 83 4.24 -1.62 -4.14
C THR A 83 4.51 -1.98 -2.68
N LEU A 84 4.21 -3.22 -2.32
CA LEU A 84 4.43 -3.69 -0.95
C LEU A 84 5.92 -3.76 -0.63
N GLN A 85 6.60 -4.74 -1.23
CA GLN A 85 8.03 -4.92 -1.00
C GLN A 85 8.76 -3.58 -1.03
N ASN A 86 8.26 -2.67 -1.86
CA ASN A 86 8.88 -1.35 -1.98
C ASN A 86 8.54 -0.48 -0.76
N VAL A 87 7.32 -0.63 -0.26
CA VAL A 87 6.88 0.13 0.90
C VAL A 87 7.57 -0.36 2.18
N ARG A 88 7.82 -1.66 2.25
CA ARG A 88 8.47 -2.25 3.42
C ARG A 88 9.84 -1.63 3.63
N THR A 89 10.66 -1.61 2.59
CA THR A 89 12.00 -1.05 2.66
C THR A 89 11.96 0.45 2.92
N ARG A 90 10.79 1.05 2.70
CA ARG A 90 10.61 2.48 2.89
C ARG A 90 10.38 2.80 4.37
N LEU A 91 9.56 1.99 5.02
CA LEU A 91 9.24 2.19 6.43
C LEU A 91 10.31 1.56 7.32
N GLU A 92 11.00 0.56 6.79
CA GLU A 92 12.05 -0.13 7.52
C GLU A 92 13.23 0.81 7.80
N ILE A 93 13.62 1.57 6.78
CA ILE A 93 14.72 2.51 6.91
C ILE A 93 14.48 3.49 8.07
N LEU A 94 13.23 3.88 8.25
CA LEU A 94 12.87 4.80 9.32
C LEU A 94 12.98 4.13 10.68
N GLU A 95 12.28 3.01 10.84
CA GLU A 95 12.31 2.27 12.10
C GLU A 95 13.73 2.18 12.66
N LYS A 96 14.70 2.00 11.77
CA LYS A 96 16.09 1.91 12.16
C LYS A 96 16.80 3.25 11.98
N GLY A 97 16.25 4.09 11.13
CA GLY A 97 16.84 5.40 10.88
C GLY A 97 16.65 6.35 12.04
N LEU A 98 15.91 5.91 13.05
CA LEU A 98 15.66 6.73 14.23
C LEU A 98 16.91 6.85 15.10
N ALA A 99 17.36 8.08 15.31
CA ALA A 99 18.53 8.34 16.12
C ALA A 99 18.15 8.93 17.48
N THR A 100 18.16 8.10 18.52
CA THR A 100 17.81 8.55 19.85
C THR A 100 18.46 9.89 20.17
N SER A 101 17.62 10.89 20.44
CA SER A 101 18.12 12.23 20.75
C SER A 101 16.95 13.20 20.99
N LEU A 102 17.18 14.18 21.85
CA LEU A 102 16.16 15.17 22.15
C LEU A 102 15.51 15.71 20.88
N GLN A 103 14.38 15.12 20.50
CA GLN A 103 13.67 15.54 19.30
C GLN A 103 12.21 15.80 19.61
N ASN A 104 11.82 17.07 19.57
CA ASN A 104 10.44 17.47 19.85
C ASN A 104 9.54 17.19 18.64
N ASP A 105 8.45 17.93 18.54
CA ASP A 105 7.51 17.77 17.44
C ASP A 105 7.32 19.09 16.69
N LEU A 106 6.32 19.12 15.81
CA LEU A 106 6.04 20.31 15.02
C LEU A 106 4.55 20.64 15.06
N GLN A 107 4.19 21.80 14.53
CA GLN A 107 2.79 22.23 14.49
C GLN A 107 1.98 21.34 13.56
N GLU A 108 0.70 21.17 13.88
CA GLU A 108 -0.18 20.33 13.07
C GLU A 108 -1.62 20.80 13.19
N VAL A 109 -2.35 20.81 12.07
CA VAL A 109 -3.74 21.22 12.06
C VAL A 109 -4.48 20.64 10.86
N PRO A 110 -5.78 20.37 11.04
CA PRO A 110 -6.63 19.80 9.99
C PRO A 110 -6.89 20.80 8.85
N SER A 111 -6.80 22.09 9.17
CA SER A 111 -7.03 23.14 8.19
C SER A 111 -8.24 22.82 7.32
N GLY A 112 -9.41 22.76 7.96
CA GLY A 112 -10.64 22.47 7.24
C GLY A 112 -11.78 22.07 8.16
N PRO A 113 -12.26 23.03 8.96
CA PRO A 113 -13.35 22.81 9.91
C PRO A 113 -14.69 22.57 9.20
N SER A 114 -14.78 21.47 8.47
CA SER A 114 -16.01 21.14 7.76
C SER A 114 -15.89 19.76 7.08
N SER A 115 -16.99 19.29 6.52
CA SER A 115 -17.01 18.00 5.86
C SER A 115 -17.98 18.01 4.68
N GLY A 116 -17.47 17.64 3.50
CA GLY A 116 -18.29 17.62 2.30
C GLY A 116 -18.82 16.23 1.99
N GLY A 1 -37.20 -0.96 -11.74
CA GLY A 1 -36.66 -2.31 -11.69
C GLY A 1 -36.22 -2.72 -10.30
N SER A 2 -35.58 -3.88 -10.20
CA SER A 2 -35.11 -4.38 -8.91
C SER A 2 -34.31 -5.67 -9.09
N SER A 3 -33.57 -5.74 -10.19
CA SER A 3 -32.76 -6.93 -10.48
C SER A 3 -31.27 -6.59 -10.43
N GLY A 4 -30.91 -5.66 -9.55
CA GLY A 4 -29.52 -5.27 -9.43
C GLY A 4 -29.20 -4.68 -8.06
N SER A 5 -29.25 -5.51 -7.03
CA SER A 5 -28.98 -5.07 -5.67
C SER A 5 -27.50 -5.21 -5.35
N SER A 6 -26.67 -5.25 -6.39
CA SER A 6 -25.23 -5.37 -6.21
C SER A 6 -24.51 -5.22 -7.55
N GLY A 7 -23.19 -5.44 -7.53
CA GLY A 7 -22.40 -5.32 -8.74
C GLY A 7 -21.25 -6.30 -8.79
N GLU A 8 -20.55 -6.44 -7.66
CA GLU A 8 -19.42 -7.36 -7.59
C GLU A 8 -19.58 -8.31 -6.40
N PRO A 9 -18.71 -9.33 -6.35
CA PRO A 9 -18.73 -10.33 -5.28
C PRO A 9 -18.28 -9.76 -3.95
N ALA A 10 -17.94 -10.65 -3.02
CA ALA A 10 -17.49 -10.22 -1.69
C ALA A 10 -15.97 -10.16 -1.63
N GLU A 11 -15.31 -10.77 -2.62
CA GLU A 11 -13.84 -10.78 -2.66
C GLU A 11 -13.32 -9.52 -3.34
N ILE A 12 -13.90 -9.18 -4.48
CA ILE A 12 -13.49 -8.00 -5.23
C ILE A 12 -13.76 -6.72 -4.45
N LYS A 13 -15.02 -6.56 -4.03
CA LYS A 13 -15.41 -5.37 -3.26
C LYS A 13 -14.34 -5.01 -2.24
N ILE A 14 -13.66 -6.02 -1.72
CA ILE A 14 -12.61 -5.80 -0.73
C ILE A 14 -11.34 -5.27 -1.38
N ILE A 15 -10.91 -5.93 -2.46
CA ILE A 15 -9.71 -5.51 -3.18
C ILE A 15 -9.86 -4.09 -3.72
N ARG A 16 -11.08 -3.72 -4.08
CA ARG A 16 -11.36 -2.39 -4.62
C ARG A 16 -11.02 -1.31 -3.58
N GLU A 17 -11.61 -1.44 -2.39
CA GLU A 17 -11.36 -0.48 -1.32
C GLU A 17 -9.90 -0.50 -0.89
N ALA A 18 -9.41 -1.67 -0.55
CA ALA A 18 -8.02 -1.83 -0.13
C ALA A 18 -7.06 -1.23 -1.15
N TYR A 19 -7.33 -1.49 -2.43
CA TYR A 19 -6.48 -0.97 -3.50
C TYR A 19 -6.33 0.55 -3.40
N LYS A 20 -7.38 1.20 -2.92
CA LYS A 20 -7.37 2.66 -2.78
C LYS A 20 -6.78 3.06 -1.42
N LYS A 21 -7.50 2.75 -0.36
CA LYS A 21 -7.05 3.09 0.99
C LYS A 21 -5.55 2.87 1.13
N ALA A 22 -5.06 1.75 0.62
CA ALA A 22 -3.65 1.42 0.69
C ALA A 22 -2.81 2.49 -0.01
N PHE A 23 -3.13 2.75 -1.27
CA PHE A 23 -2.40 3.76 -2.05
C PHE A 23 -2.72 5.16 -1.56
N LEU A 24 -3.76 5.28 -0.74
CA LEU A 24 -4.17 6.57 -0.19
C LEU A 24 -3.29 6.96 1.00
N PHE A 25 -3.20 6.05 1.98
CA PHE A 25 -2.40 6.30 3.17
C PHE A 25 -0.91 6.33 2.82
N VAL A 26 -0.57 5.76 1.67
CA VAL A 26 0.82 5.72 1.22
C VAL A 26 1.27 7.08 0.68
N ASN A 27 0.47 7.62 -0.24
CA ASN A 27 0.78 8.92 -0.85
C ASN A 27 0.98 9.98 0.22
N LYS A 28 0.53 9.68 1.44
CA LYS A 28 0.65 10.61 2.55
C LYS A 28 2.03 10.48 3.22
N GLY A 29 2.46 9.25 3.41
CA GLY A 29 3.75 9.00 4.04
C GLY A 29 4.90 9.48 3.19
N LEU A 30 4.84 9.18 1.90
CA LEU A 30 5.90 9.60 0.97
C LEU A 30 6.16 11.10 1.06
N ASN A 31 5.08 11.87 1.11
CA ASN A 31 5.19 13.33 1.20
C ASN A 31 5.91 13.74 2.48
N THR A 32 5.26 13.49 3.62
CA THR A 32 5.85 13.84 4.91
C THR A 32 7.36 13.64 4.91
N ASP A 33 7.79 12.40 4.73
CA ASP A 33 9.21 12.08 4.70
C ASP A 33 10.00 13.17 3.99
N GLU A 34 9.47 13.64 2.87
CA GLU A 34 10.13 14.68 2.10
C GLU A 34 10.16 16.00 2.88
N LEU A 35 9.06 16.32 3.53
CA LEU A 35 8.96 17.55 4.32
C LEU A 35 9.83 17.47 5.57
N GLY A 36 10.01 16.25 6.09
CA GLY A 36 10.81 16.06 7.28
C GLY A 36 10.05 15.38 8.40
N GLN A 37 8.74 15.22 8.20
CA GLN A 37 7.89 14.59 9.21
C GLN A 37 8.05 13.06 9.16
N LYS A 38 9.11 12.56 9.78
CA LYS A 38 9.37 11.13 9.81
C LYS A 38 8.34 10.41 10.66
N GLU A 39 8.05 10.96 11.84
CA GLU A 39 7.07 10.37 12.74
C GLU A 39 5.79 10.00 12.00
N GLU A 40 5.09 11.01 11.50
CA GLU A 40 3.86 10.80 10.76
C GLU A 40 4.06 9.80 9.63
N ALA A 41 5.23 9.85 9.01
CA ALA A 41 5.55 8.95 7.91
C ALA A 41 5.53 7.49 8.36
N LYS A 42 6.47 7.13 9.22
CA LYS A 42 6.56 5.76 9.73
C LYS A 42 5.17 5.22 10.09
N ASN A 43 4.31 6.11 10.59
CA ASN A 43 2.96 5.72 10.96
C ASN A 43 2.10 5.51 9.72
N TYR A 44 2.04 6.52 8.87
CA TYR A 44 1.25 6.44 7.65
C TYR A 44 1.43 5.09 6.96
N TYR A 45 2.69 4.70 6.78
CA TYR A 45 3.01 3.43 6.13
C TYR A 45 2.44 2.27 6.92
N LYS A 46 2.78 2.21 8.19
CA LYS A 46 2.29 1.13 9.07
C LYS A 46 0.79 0.98 8.96
N GLN A 47 0.12 2.04 8.50
CA GLN A 47 -1.33 2.02 8.35
C GLN A 47 -1.74 1.45 7.00
N GLY A 48 -1.02 1.85 5.95
CA GLY A 48 -1.32 1.37 4.62
C GLY A 48 -0.93 -0.08 4.42
N ILE A 49 0.11 -0.51 5.14
CA ILE A 49 0.59 -1.89 5.04
C ILE A 49 -0.53 -2.88 5.33
N GLY A 50 -1.32 -2.59 6.36
CA GLY A 50 -2.42 -3.46 6.73
C GLY A 50 -3.48 -3.54 5.64
N HIS A 51 -3.69 -2.45 4.94
CA HIS A 51 -4.67 -2.41 3.86
C HIS A 51 -4.18 -3.18 2.64
N LEU A 52 -2.86 -3.17 2.43
CA LEU A 52 -2.27 -3.86 1.30
C LEU A 52 -2.54 -5.35 1.37
N LEU A 53 -2.14 -5.98 2.47
CA LEU A 53 -2.34 -7.41 2.65
C LEU A 53 -3.83 -7.76 2.57
N ARG A 54 -4.63 -7.08 3.37
CA ARG A 54 -6.07 -7.32 3.39
C ARG A 54 -6.60 -7.60 1.98
N GLY A 55 -6.02 -6.92 1.00
CA GLY A 55 -6.45 -7.11 -0.37
C GLY A 55 -5.64 -8.17 -1.09
N ILE A 56 -4.36 -8.30 -0.72
CA ILE A 56 -3.48 -9.29 -1.32
C ILE A 56 -3.71 -10.67 -0.72
N SER A 57 -4.52 -10.72 0.34
CA SER A 57 -4.81 -11.98 1.01
C SER A 57 -6.25 -12.41 0.76
N ILE A 58 -6.73 -12.16 -0.45
CA ILE A 58 -8.09 -12.52 -0.83
C ILE A 58 -8.13 -13.84 -1.57
N SER A 59 -9.26 -14.54 -1.48
CA SER A 59 -9.43 -15.82 -2.14
C SER A 59 -9.87 -15.64 -3.59
N SER A 60 -8.94 -15.84 -4.52
CA SER A 60 -9.24 -15.69 -5.94
C SER A 60 -9.11 -17.03 -6.66
N LYS A 61 -9.05 -18.11 -5.89
CA LYS A 61 -8.93 -19.45 -6.45
C LYS A 61 -10.17 -20.28 -6.14
N GLU A 62 -11.21 -20.09 -6.94
CA GLU A 62 -12.46 -20.82 -6.75
C GLU A 62 -13.30 -20.79 -8.03
N SER A 63 -13.74 -21.97 -8.46
CA SER A 63 -14.55 -22.09 -9.67
C SER A 63 -16.00 -21.70 -9.39
N GLU A 64 -16.40 -20.56 -9.93
CA GLU A 64 -17.77 -20.07 -9.74
C GLU A 64 -18.02 -18.80 -10.57
N HIS A 65 -17.11 -17.84 -10.43
CA HIS A 65 -17.23 -16.58 -11.16
C HIS A 65 -15.90 -16.21 -11.82
N THR A 66 -15.84 -16.36 -13.15
CA THR A 66 -14.64 -16.05 -13.89
C THR A 66 -14.96 -15.22 -15.14
N GLY A 67 -14.24 -14.11 -15.31
CA GLY A 67 -14.47 -13.26 -16.46
C GLY A 67 -13.60 -12.02 -16.44
N PRO A 68 -14.03 -10.98 -17.19
CA PRO A 68 -13.29 -9.72 -17.26
C PRO A 68 -13.35 -8.93 -15.96
N GLY A 69 -14.48 -9.01 -15.27
CA GLY A 69 -14.64 -8.30 -14.01
C GLY A 69 -13.54 -8.64 -13.02
N TRP A 70 -13.31 -9.93 -12.82
CA TRP A 70 -12.28 -10.38 -11.88
C TRP A 70 -10.90 -9.97 -12.36
N GLU A 71 -10.78 -9.64 -13.64
CA GLU A 71 -9.51 -9.23 -14.21
C GLU A 71 -9.01 -7.93 -13.56
N SER A 72 -9.81 -6.87 -13.69
CA SER A 72 -9.46 -5.58 -13.13
C SER A 72 -9.00 -5.73 -11.68
N ALA A 73 -9.48 -6.78 -11.01
CA ALA A 73 -9.12 -7.03 -9.63
C ALA A 73 -7.74 -7.69 -9.53
N ARG A 74 -7.45 -8.58 -10.48
CA ARG A 74 -6.18 -9.28 -10.50
C ARG A 74 -5.05 -8.33 -10.88
N GLN A 75 -5.39 -7.20 -11.48
CA GLN A 75 -4.41 -6.21 -11.89
C GLN A 75 -4.10 -5.24 -10.76
N MET A 76 -5.15 -4.68 -10.16
CA MET A 76 -4.98 -3.75 -9.06
C MET A 76 -4.22 -4.38 -7.91
N GLN A 77 -4.19 -5.71 -7.88
CA GLN A 77 -3.49 -6.43 -6.84
C GLN A 77 -1.99 -6.51 -7.12
N GLN A 78 -1.64 -6.75 -8.38
CA GLN A 78 -0.24 -6.85 -8.78
C GLN A 78 0.50 -5.55 -8.45
N LYS A 79 -0.18 -4.43 -8.62
CA LYS A 79 0.42 -3.13 -8.34
C LYS A 79 0.68 -2.96 -6.84
N MET A 80 -0.31 -3.31 -6.03
CA MET A 80 -0.18 -3.21 -4.58
C MET A 80 0.98 -4.05 -4.07
N LYS A 81 1.18 -5.20 -4.69
CA LYS A 81 2.26 -6.10 -4.30
C LYS A 81 3.62 -5.47 -4.58
N GLU A 82 3.81 -5.02 -5.82
CA GLU A 82 5.07 -4.40 -6.22
C GLU A 82 5.41 -3.22 -5.31
N THR A 83 4.43 -2.34 -5.11
CA THR A 83 4.63 -1.17 -4.26
C THR A 83 4.70 -1.57 -2.78
N LEU A 84 4.04 -2.67 -2.44
CA LEU A 84 4.03 -3.16 -1.06
C LEU A 84 5.42 -3.65 -0.66
N GLN A 85 5.98 -4.55 -1.46
CA GLN A 85 7.30 -5.10 -1.18
C GLN A 85 8.36 -4.01 -1.22
N ASN A 86 8.06 -2.91 -1.90
CA ASN A 86 8.99 -1.79 -2.01
C ASN A 86 8.86 -0.85 -0.83
N VAL A 87 7.64 -0.74 -0.30
CA VAL A 87 7.37 0.13 0.83
C VAL A 87 8.03 -0.40 2.10
N ARG A 88 7.94 -1.71 2.30
CA ARG A 88 8.53 -2.35 3.48
C ARG A 88 9.98 -1.89 3.66
N THR A 89 10.69 -1.71 2.56
CA THR A 89 12.08 -1.28 2.61
C THR A 89 12.20 0.18 3.00
N ARG A 90 11.26 0.99 2.51
CA ARG A 90 11.26 2.43 2.80
C ARG A 90 10.85 2.68 4.25
N LEU A 91 9.97 1.83 4.76
CA LEU A 91 9.49 1.97 6.14
C LEU A 91 10.51 1.40 7.12
N GLU A 92 11.20 0.34 6.72
CA GLU A 92 12.20 -0.29 7.57
C GLU A 92 13.37 0.66 7.83
N ILE A 93 13.84 1.31 6.76
CA ILE A 93 14.96 2.25 6.88
C ILE A 93 14.52 3.54 7.55
N LEU A 94 13.23 3.85 7.43
CA LEU A 94 12.68 5.06 8.03
C LEU A 94 12.79 5.02 9.55
N GLU A 95 12.34 3.91 10.14
CA GLU A 95 12.39 3.74 11.59
C GLU A 95 13.84 3.65 12.08
N LYS A 96 14.53 2.60 11.67
CA LYS A 96 15.91 2.38 12.06
C LYS A 96 16.76 3.63 11.77
N GLY A 97 16.33 4.40 10.78
CA GLY A 97 17.06 5.61 10.43
C GLY A 97 16.15 6.71 9.91
N LEU A 98 15.36 7.29 10.81
CA LEU A 98 14.43 8.34 10.44
C LEU A 98 15.18 9.66 10.18
N ALA A 99 16.12 9.97 11.05
CA ALA A 99 16.91 11.19 10.92
C ALA A 99 18.25 10.91 10.27
N THR A 100 18.27 10.92 8.93
CA THR A 100 19.49 10.66 8.18
C THR A 100 19.49 11.41 6.86
N SER A 101 20.27 12.49 6.80
CA SER A 101 20.35 13.30 5.59
C SER A 101 21.32 12.68 4.58
N LEU A 102 21.51 13.35 3.46
CA LEU A 102 22.41 12.86 2.41
C LEU A 102 23.85 13.21 2.74
N GLN A 103 24.78 12.73 1.91
CA GLN A 103 26.20 12.99 2.11
C GLN A 103 26.99 12.77 0.82
N ASN A 104 27.10 13.82 0.02
CA ASN A 104 27.84 13.73 -1.23
C ASN A 104 28.78 14.92 -1.40
N ASP A 105 29.89 14.89 -0.67
CA ASP A 105 30.88 15.96 -0.72
C ASP A 105 32.30 15.39 -0.63
N LEU A 106 32.53 14.28 -1.33
CA LEU A 106 33.84 13.63 -1.33
C LEU A 106 34.68 14.12 -2.51
N GLN A 107 35.93 14.46 -2.23
CA GLN A 107 36.84 14.95 -3.27
C GLN A 107 38.30 14.76 -2.84
N GLU A 108 38.59 13.61 -2.24
CA GLU A 108 39.94 13.32 -1.79
C GLU A 108 40.89 13.13 -2.96
N VAL A 109 42.19 13.19 -2.70
CA VAL A 109 43.20 13.03 -3.73
C VAL A 109 44.38 12.21 -3.25
N PRO A 110 45.05 11.53 -4.18
CA PRO A 110 46.21 10.68 -3.86
C PRO A 110 47.42 11.50 -3.43
N SER A 111 48.03 11.11 -2.32
CA SER A 111 49.21 11.81 -1.81
C SER A 111 50.46 11.41 -2.59
N GLY A 112 51.33 12.38 -2.81
CA GLY A 112 52.56 12.12 -3.54
C GLY A 112 53.78 12.71 -2.87
N PRO A 113 53.95 14.04 -2.99
CA PRO A 113 55.08 14.76 -2.39
C PRO A 113 54.98 14.83 -0.88
N SER A 114 55.52 13.81 -0.21
CA SER A 114 55.50 13.75 1.24
C SER A 114 56.90 13.51 1.81
N SER A 115 57.89 14.13 1.17
CA SER A 115 59.27 13.98 1.60
C SER A 115 59.77 15.24 2.32
N GLY A 116 58.83 15.93 2.97
CA GLY A 116 59.19 17.15 3.69
C GLY A 116 60.16 16.89 4.82
N GLY A 1 -22.98 -14.79 -5.12
CA GLY A 1 -23.23 -16.18 -5.43
C GLY A 1 -23.26 -17.07 -4.20
N SER A 2 -24.31 -17.87 -4.09
CA SER A 2 -24.45 -18.77 -2.94
C SER A 2 -24.43 -17.98 -1.63
N SER A 3 -24.69 -16.68 -1.72
CA SER A 3 -24.70 -15.82 -0.55
C SER A 3 -25.01 -14.38 -0.93
N GLY A 4 -25.86 -13.73 -0.14
CA GLY A 4 -26.23 -12.35 -0.41
C GLY A 4 -25.03 -11.48 -0.71
N SER A 5 -24.72 -11.31 -1.99
CA SER A 5 -23.59 -10.50 -2.39
C SER A 5 -23.87 -9.78 -3.71
N SER A 6 -24.39 -8.56 -3.61
CA SER A 6 -24.72 -7.76 -4.79
C SER A 6 -23.52 -6.95 -5.25
N GLY A 7 -23.32 -6.87 -6.56
CA GLY A 7 -22.21 -6.12 -7.11
C GLY A 7 -20.88 -6.83 -6.92
N GLU A 8 -20.39 -7.46 -7.99
CA GLU A 8 -19.12 -8.18 -7.94
C GLU A 8 -19.11 -9.18 -6.79
N PRO A 9 -18.10 -10.06 -6.77
CA PRO A 9 -17.95 -11.08 -5.74
C PRO A 9 -17.59 -10.48 -4.37
N ALA A 10 -17.11 -11.33 -3.48
CA ALA A 10 -16.72 -10.89 -2.14
C ALA A 10 -15.24 -10.53 -2.08
N GLU A 11 -14.49 -10.99 -3.07
CA GLU A 11 -13.06 -10.72 -3.14
C GLU A 11 -12.79 -9.36 -3.75
N ILE A 12 -13.39 -9.09 -4.91
CA ILE A 12 -13.21 -7.83 -5.59
C ILE A 12 -13.73 -6.66 -4.75
N LYS A 13 -14.97 -6.77 -4.30
CA LYS A 13 -15.58 -5.74 -3.48
C LYS A 13 -14.67 -5.35 -2.31
N ILE A 14 -13.80 -6.28 -1.93
CA ILE A 14 -12.87 -6.04 -0.83
C ILE A 14 -11.55 -5.51 -1.34
N ILE A 15 -11.13 -5.97 -2.51
CA ILE A 15 -9.88 -5.54 -3.11
C ILE A 15 -9.95 -4.07 -3.54
N ARG A 16 -11.15 -3.63 -3.91
CA ARG A 16 -11.35 -2.25 -4.33
C ARG A 16 -10.99 -1.28 -3.21
N GLU A 17 -11.75 -1.33 -2.12
CA GLU A 17 -11.51 -0.45 -0.98
C GLU A 17 -10.11 -0.64 -0.43
N ALA A 18 -9.73 -1.89 -0.19
CA ALA A 18 -8.41 -2.21 0.32
C ALA A 18 -7.31 -1.64 -0.56
N TYR A 19 -7.51 -1.73 -1.87
CA TYR A 19 -6.54 -1.22 -2.84
C TYR A 19 -6.42 0.30 -2.73
N LYS A 20 -7.54 0.97 -2.55
CA LYS A 20 -7.56 2.42 -2.43
C LYS A 20 -6.92 2.86 -1.12
N LYS A 21 -7.45 2.37 -0.01
CA LYS A 21 -6.92 2.72 1.31
C LYS A 21 -5.43 2.42 1.39
N ALA A 22 -5.01 1.36 0.71
CA ALA A 22 -3.60 0.97 0.71
C ALA A 22 -2.75 1.97 -0.07
N PHE A 23 -3.32 2.52 -1.14
CA PHE A 23 -2.62 3.48 -1.97
C PHE A 23 -2.94 4.91 -1.54
N LEU A 24 -3.95 5.04 -0.67
CA LEU A 24 -4.36 6.35 -0.19
C LEU A 24 -3.40 6.87 0.88
N PHE A 25 -3.15 6.04 1.90
CA PHE A 25 -2.25 6.42 2.98
C PHE A 25 -0.81 6.50 2.48
N VAL A 26 -0.48 5.67 1.49
CA VAL A 26 0.86 5.65 0.92
C VAL A 26 1.20 6.99 0.27
N ASN A 27 0.23 7.56 -0.45
CA ASN A 27 0.43 8.84 -1.13
C ASN A 27 0.76 9.93 -0.13
N LYS A 28 0.38 9.72 1.13
CA LYS A 28 0.64 10.69 2.19
C LYS A 28 2.00 10.44 2.85
N GLY A 29 2.21 9.19 3.28
CA GLY A 29 3.46 8.83 3.92
C GLY A 29 4.67 9.38 3.17
N LEU A 30 4.69 9.17 1.86
CA LEU A 30 5.80 9.64 1.04
C LEU A 30 5.95 11.15 1.13
N ASN A 31 4.85 11.87 0.93
CA ASN A 31 4.87 13.32 1.00
C ASN A 31 5.47 13.80 2.32
N THR A 32 5.00 13.23 3.43
CA THR A 32 5.49 13.59 4.75
C THR A 32 6.96 13.24 4.89
N ASP A 33 7.35 12.07 4.40
CA ASP A 33 8.73 11.62 4.47
C ASP A 33 9.66 12.57 3.72
N GLU A 34 9.12 13.22 2.70
CA GLU A 34 9.89 14.16 1.89
C GLU A 34 9.91 15.54 2.53
N LEU A 35 9.03 15.75 3.49
CA LEU A 35 8.94 17.03 4.18
C LEU A 35 9.84 17.05 5.42
N GLY A 36 10.21 15.86 5.89
CA GLY A 36 11.06 15.76 7.06
C GLY A 36 10.36 15.10 8.23
N GLN A 37 9.07 14.79 8.05
CA GLN A 37 8.29 14.15 9.10
C GLN A 37 8.72 12.70 9.30
N LYS A 38 9.57 12.47 10.29
CA LYS A 38 10.05 11.12 10.59
C LYS A 38 8.99 10.31 11.34
N GLU A 39 8.02 11.02 11.93
CA GLU A 39 6.96 10.36 12.67
C GLU A 39 5.75 10.12 11.77
N GLU A 40 5.11 11.19 11.34
CA GLU A 40 3.94 11.09 10.47
C GLU A 40 4.17 10.09 9.35
N ALA A 41 5.30 10.25 8.65
CA ALA A 41 5.64 9.35 7.55
C ALA A 41 5.58 7.90 7.98
N LYS A 42 6.31 7.57 9.04
CA LYS A 42 6.34 6.21 9.57
C LYS A 42 4.92 5.68 9.78
N ASN A 43 4.08 6.49 10.42
CA ASN A 43 2.70 6.11 10.68
C ASN A 43 1.95 5.84 9.39
N TYR A 44 2.05 6.77 8.45
CA TYR A 44 1.37 6.63 7.17
C TYR A 44 1.68 5.29 6.53
N TYR A 45 2.91 4.82 6.70
CA TYR A 45 3.33 3.54 6.15
C TYR A 45 2.79 2.38 6.98
N LYS A 46 2.61 2.61 8.27
CA LYS A 46 2.09 1.59 9.17
C LYS A 46 0.60 1.37 8.93
N GLN A 47 -0.06 2.35 8.34
CA GLN A 47 -1.48 2.26 8.05
C GLN A 47 -1.72 1.62 6.68
N GLY A 48 -0.94 2.05 5.69
CA GLY A 48 -1.09 1.52 4.35
C GLY A 48 -0.70 0.06 4.26
N ILE A 49 0.34 -0.32 5.00
CA ILE A 49 0.81 -1.69 5.00
C ILE A 49 -0.32 -2.67 5.32
N GLY A 50 -1.07 -2.36 6.37
CA GLY A 50 -2.17 -3.22 6.78
C GLY A 50 -3.20 -3.38 5.68
N HIS A 51 -3.52 -2.29 5.00
CA HIS A 51 -4.50 -2.32 3.92
C HIS A 51 -4.00 -3.18 2.75
N LEU A 52 -2.71 -3.06 2.45
CA LEU A 52 -2.12 -3.82 1.37
C LEU A 52 -2.36 -5.32 1.55
N LEU A 53 -1.92 -5.85 2.67
CA LEU A 53 -2.10 -7.27 2.97
C LEU A 53 -3.57 -7.66 2.88
N ARG A 54 -4.43 -6.84 3.49
CA ARG A 54 -5.87 -7.11 3.48
C ARG A 54 -6.37 -7.32 2.05
N GLY A 55 -5.72 -6.66 1.11
CA GLY A 55 -6.13 -6.79 -0.29
C GLY A 55 -5.34 -7.86 -1.02
N ILE A 56 -4.15 -8.16 -0.52
CA ILE A 56 -3.30 -9.17 -1.14
C ILE A 56 -3.56 -10.55 -0.54
N SER A 57 -4.27 -10.58 0.58
CA SER A 57 -4.59 -11.84 1.25
C SER A 57 -5.99 -12.31 0.89
N ILE A 58 -6.54 -11.75 -0.19
CA ILE A 58 -7.87 -12.11 -0.64
C ILE A 58 -7.83 -13.36 -1.52
N SER A 59 -6.64 -13.70 -2.01
CA SER A 59 -6.46 -14.87 -2.86
C SER A 59 -7.35 -14.77 -4.09
N SER A 60 -7.06 -15.60 -5.09
CA SER A 60 -7.83 -15.61 -6.33
C SER A 60 -7.78 -16.98 -6.98
N LYS A 61 -8.61 -17.17 -8.01
CA LYS A 61 -8.68 -18.44 -8.73
C LYS A 61 -9.27 -19.54 -7.84
N GLU A 62 -10.60 -19.60 -7.79
CA GLU A 62 -11.28 -20.59 -6.98
C GLU A 62 -11.74 -21.77 -7.85
N SER A 63 -12.12 -21.47 -9.08
CA SER A 63 -12.59 -22.50 -10.00
C SER A 63 -13.23 -21.87 -11.23
N GLU A 64 -14.15 -20.93 -11.01
CA GLU A 64 -14.84 -20.26 -12.09
C GLU A 64 -15.16 -18.81 -11.73
N HIS A 65 -14.11 -18.04 -11.43
CA HIS A 65 -14.29 -16.64 -11.05
C HIS A 65 -13.68 -15.72 -12.12
N THR A 66 -12.58 -16.16 -12.72
CA THR A 66 -11.91 -15.37 -13.75
C THR A 66 -12.92 -14.78 -14.73
N GLY A 67 -12.56 -13.65 -15.34
CA GLY A 67 -13.44 -13.00 -16.28
C GLY A 67 -13.13 -11.53 -16.44
N PRO A 68 -14.12 -10.78 -16.98
CA PRO A 68 -13.97 -9.33 -17.19
C PRO A 68 -13.95 -8.55 -15.88
N GLY A 69 -14.63 -9.08 -14.86
CA GLY A 69 -14.67 -8.42 -13.57
C GLY A 69 -13.37 -8.60 -12.79
N TRP A 70 -12.89 -9.84 -12.73
CA TRP A 70 -11.67 -10.14 -12.00
C TRP A 70 -10.45 -9.56 -12.72
N GLU A 71 -10.63 -9.19 -13.98
CA GLU A 71 -9.55 -8.62 -14.78
C GLU A 71 -8.94 -7.40 -14.08
N SER A 72 -9.75 -6.35 -13.92
CA SER A 72 -9.28 -5.14 -13.27
C SER A 72 -8.83 -5.41 -11.85
N ALA A 73 -9.58 -6.24 -11.15
CA ALA A 73 -9.27 -6.60 -9.76
C ALA A 73 -7.91 -7.28 -9.67
N ARG A 74 -7.50 -7.93 -10.77
CA ARG A 74 -6.21 -8.61 -10.81
C ARG A 74 -5.07 -7.63 -11.05
N GLN A 75 -5.38 -6.53 -11.74
CA GLN A 75 -4.37 -5.52 -12.03
C GLN A 75 -4.04 -4.70 -10.79
N MET A 76 -5.08 -4.15 -10.16
CA MET A 76 -4.90 -3.35 -8.95
C MET A 76 -4.13 -4.12 -7.89
N GLN A 77 -4.37 -5.43 -7.82
CA GLN A 77 -3.70 -6.29 -6.85
C GLN A 77 -2.22 -6.40 -7.16
N GLN A 78 -1.90 -6.81 -8.39
CA GLN A 78 -0.51 -6.96 -8.81
C GLN A 78 0.32 -5.75 -8.41
N LYS A 79 -0.28 -4.57 -8.52
CA LYS A 79 0.40 -3.33 -8.17
C LYS A 79 0.70 -3.28 -6.68
N MET A 80 -0.25 -3.73 -5.87
CA MET A 80 -0.09 -3.74 -4.42
C MET A 80 1.09 -4.63 -4.02
N LYS A 81 1.21 -5.78 -4.66
CA LYS A 81 2.28 -6.72 -4.37
C LYS A 81 3.64 -6.13 -4.73
N GLU A 82 3.67 -5.35 -5.81
CA GLU A 82 4.89 -4.72 -6.27
C GLU A 82 5.26 -3.52 -5.40
N THR A 83 4.23 -2.78 -4.98
CA THR A 83 4.43 -1.61 -4.14
C THR A 83 4.70 -2.00 -2.69
N LEU A 84 4.11 -3.12 -2.27
CA LEU A 84 4.30 -3.60 -0.91
C LEU A 84 5.78 -3.82 -0.60
N GLN A 85 6.42 -4.69 -1.38
CA GLN A 85 7.83 -4.98 -1.19
C GLN A 85 8.65 -3.70 -1.08
N ASN A 86 8.27 -2.70 -1.86
CA ASN A 86 8.97 -1.41 -1.86
C ASN A 86 8.67 -0.64 -0.57
N VAL A 87 7.41 -0.71 -0.14
CA VAL A 87 6.98 -0.02 1.08
C VAL A 87 7.63 -0.62 2.31
N ARG A 88 7.44 -1.92 2.50
CA ARG A 88 8.00 -2.62 3.64
C ARG A 88 9.44 -2.17 3.90
N THR A 89 10.16 -1.85 2.83
CA THR A 89 11.55 -1.40 2.94
C THR A 89 11.61 0.07 3.31
N ARG A 90 10.81 0.89 2.63
CA ARG A 90 10.78 2.31 2.89
C ARG A 90 10.57 2.61 4.38
N LEU A 91 9.60 1.90 4.97
CA LEU A 91 9.30 2.08 6.39
C LEU A 91 10.47 1.65 7.26
N GLU A 92 11.13 0.57 6.84
CA GLU A 92 12.28 0.05 7.59
C GLU A 92 13.34 1.12 7.78
N ILE A 93 13.90 1.60 6.67
CA ILE A 93 14.92 2.63 6.71
C ILE A 93 14.62 3.66 7.80
N LEU A 94 13.39 4.14 7.83
CA LEU A 94 12.97 5.13 8.81
C LEU A 94 13.28 4.65 10.23
N GLU A 95 12.80 3.46 10.56
CA GLU A 95 13.02 2.89 11.89
C GLU A 95 14.50 2.87 12.22
N LYS A 96 15.28 2.14 11.43
CA LYS A 96 16.72 2.04 11.63
C LYS A 96 17.41 3.37 11.34
N GLY A 97 16.64 4.32 10.81
CA GLY A 97 17.20 5.62 10.48
C GLY A 97 17.32 6.52 11.70
N LEU A 98 16.39 6.38 12.64
CA LEU A 98 16.39 7.19 13.85
C LEU A 98 17.77 7.15 14.52
N ALA A 99 18.40 5.98 14.51
CA ALA A 99 19.71 5.81 15.11
C ALA A 99 20.48 4.68 14.43
N THR A 100 21.67 4.40 14.95
CA THR A 100 22.52 3.34 14.40
C THR A 100 23.13 3.77 13.06
N SER A 101 23.63 2.80 12.31
CA SER A 101 24.26 3.08 11.02
C SER A 101 25.53 3.91 11.20
N LEU A 102 25.98 4.52 10.11
CA LEU A 102 27.19 5.34 10.14
C LEU A 102 27.18 6.27 11.35
N GLN A 103 28.26 6.23 12.13
CA GLN A 103 28.38 7.08 13.31
C GLN A 103 27.44 6.60 14.41
N ASN A 104 28.00 5.94 15.42
CA ASN A 104 27.21 5.43 16.53
C ASN A 104 28.10 4.64 17.50
N ASP A 105 27.79 4.74 18.79
CA ASP A 105 28.55 4.03 19.81
C ASP A 105 30.00 4.52 19.85
N LEU A 106 30.19 5.82 19.68
CA LEU A 106 31.52 6.42 19.69
C LEU A 106 32.39 5.77 20.76
N GLN A 107 33.19 4.79 20.36
CA GLN A 107 34.08 4.10 21.29
C GLN A 107 35.11 5.06 21.87
N GLU A 108 35.40 4.89 23.16
CA GLU A 108 36.37 5.74 23.83
C GLU A 108 37.73 5.06 23.92
N VAL A 109 38.61 5.39 23.00
CA VAL A 109 39.96 4.81 22.97
C VAL A 109 39.89 3.29 22.88
N PRO A 110 41.00 2.67 22.46
CA PRO A 110 41.10 1.21 22.32
C PRO A 110 41.10 0.51 23.68
N SER A 111 39.94 -0.02 24.06
CA SER A 111 39.81 -0.72 25.34
C SER A 111 41.01 -1.62 25.59
N GLY A 112 41.98 -1.13 26.35
CA GLY A 112 43.16 -1.91 26.66
C GLY A 112 44.40 -1.04 26.74
N PRO A 113 45.53 -1.65 27.18
CA PRO A 113 46.81 -0.96 27.31
C PRO A 113 47.41 -0.59 25.96
N SER A 114 47.61 0.69 25.72
CA SER A 114 48.19 1.17 24.48
C SER A 114 49.24 0.20 23.95
N SER A 115 50.35 0.10 24.67
CA SER A 115 51.43 -0.79 24.28
C SER A 115 51.25 -2.17 24.91
N GLY A 116 51.89 -3.18 24.31
CA GLY A 116 51.79 -4.53 24.83
C GLY A 116 50.41 -5.13 24.63
N GLY A 1 -22.42 8.94 -9.32
CA GLY A 1 -22.03 7.94 -8.33
C GLY A 1 -22.80 6.64 -8.48
N SER A 2 -23.00 5.96 -7.36
CA SER A 2 -23.73 4.69 -7.36
C SER A 2 -25.22 4.93 -7.56
N SER A 3 -25.80 4.21 -8.53
CA SER A 3 -27.23 4.35 -8.82
C SER A 3 -27.69 3.21 -9.72
N GLY A 4 -28.46 2.29 -9.14
CA GLY A 4 -28.97 1.16 -9.90
C GLY A 4 -27.88 0.25 -10.39
N SER A 5 -26.90 -0.02 -9.53
CA SER A 5 -25.78 -0.89 -9.88
C SER A 5 -25.00 -1.29 -8.64
N SER A 6 -25.55 -2.24 -7.88
CA SER A 6 -24.91 -2.72 -6.66
C SER A 6 -24.95 -4.25 -6.59
N GLY A 7 -23.83 -4.85 -6.23
CA GLY A 7 -23.76 -6.29 -6.14
C GLY A 7 -22.33 -6.80 -6.03
N GLU A 8 -21.92 -7.58 -7.04
CA GLU A 8 -20.56 -8.14 -7.06
C GLU A 8 -20.36 -9.11 -5.90
N PRO A 9 -19.25 -9.85 -5.94
CA PRO A 9 -18.91 -10.84 -4.92
C PRO A 9 -18.53 -10.18 -3.59
N ALA A 10 -17.88 -10.94 -2.72
CA ALA A 10 -17.46 -10.44 -1.42
C ALA A 10 -15.96 -10.26 -1.36
N GLU A 11 -15.26 -10.78 -2.37
CA GLU A 11 -13.80 -10.69 -2.42
C GLU A 11 -13.38 -9.41 -3.15
N ILE A 12 -13.93 -9.20 -4.34
CA ILE A 12 -13.61 -8.01 -5.13
C ILE A 12 -13.81 -6.74 -4.32
N LYS A 13 -14.98 -6.63 -3.68
CA LYS A 13 -15.30 -5.46 -2.88
C LYS A 13 -14.17 -5.13 -1.92
N ILE A 14 -13.55 -6.17 -1.37
CA ILE A 14 -12.43 -5.98 -0.43
C ILE A 14 -11.21 -5.44 -1.14
N ILE A 15 -10.79 -6.11 -2.21
CA ILE A 15 -9.63 -5.69 -2.98
C ILE A 15 -9.75 -4.23 -3.41
N ARG A 16 -10.95 -3.83 -3.80
CA ARG A 16 -11.20 -2.46 -4.24
C ARG A 16 -10.72 -1.47 -3.19
N GLU A 17 -11.39 -1.42 -2.04
CA GLU A 17 -11.03 -0.52 -0.96
C GLU A 17 -9.56 -0.69 -0.58
N ALA A 18 -9.09 -1.93 -0.59
CA ALA A 18 -7.71 -2.23 -0.25
C ALA A 18 -6.76 -1.75 -1.33
N TYR A 19 -7.28 -1.61 -2.55
CA TYR A 19 -6.48 -1.17 -3.68
C TYR A 19 -6.34 0.36 -3.68
N LYS A 20 -7.37 1.04 -3.19
CA LYS A 20 -7.36 2.49 -3.14
C LYS A 20 -6.89 2.98 -1.77
N LYS A 21 -7.60 2.59 -0.73
CA LYS A 21 -7.26 2.97 0.64
C LYS A 21 -5.77 2.77 0.90
N ALA A 22 -5.25 1.61 0.49
CA ALA A 22 -3.85 1.30 0.68
C ALA A 22 -2.96 2.32 -0.02
N PHE A 23 -3.20 2.51 -1.31
CA PHE A 23 -2.41 3.44 -2.10
C PHE A 23 -2.69 4.89 -1.67
N LEU A 24 -3.80 5.08 -0.96
CA LEU A 24 -4.18 6.40 -0.49
C LEU A 24 -3.25 6.88 0.63
N PHE A 25 -3.03 6.02 1.62
CA PHE A 25 -2.16 6.35 2.74
C PHE A 25 -0.70 6.27 2.32
N VAL A 26 -0.42 5.48 1.29
CA VAL A 26 0.94 5.31 0.79
C VAL A 26 1.45 6.60 0.15
N ASN A 27 0.53 7.37 -0.42
CA ASN A 27 0.88 8.63 -1.08
C ASN A 27 1.24 9.69 -0.04
N LYS A 28 0.77 9.50 1.18
CA LYS A 28 1.04 10.45 2.26
C LYS A 28 2.38 10.14 2.93
N GLY A 29 2.63 8.86 3.16
CA GLY A 29 3.88 8.45 3.80
C GLY A 29 5.10 9.03 3.10
N LEU A 30 5.05 9.07 1.77
CA LEU A 30 6.16 9.59 0.99
C LEU A 30 6.30 11.09 1.19
N ASN A 31 5.19 11.81 1.07
CA ASN A 31 5.19 13.26 1.24
C ASN A 31 5.87 13.66 2.54
N THR A 32 5.24 13.31 3.67
CA THR A 32 5.79 13.63 4.98
C THR A 32 7.32 13.52 4.98
N ASP A 33 7.82 12.35 4.60
CA ASP A 33 9.26 12.12 4.55
C ASP A 33 9.98 13.28 3.88
N GLU A 34 9.40 13.78 2.78
CA GLU A 34 9.99 14.89 2.05
C GLU A 34 10.03 16.15 2.91
N LEU A 35 8.98 16.36 3.69
CA LEU A 35 8.89 17.52 4.56
C LEU A 35 9.87 17.40 5.73
N GLY A 36 10.13 16.17 6.16
CA GLY A 36 11.05 15.95 7.26
C GLY A 36 10.39 15.22 8.43
N GLN A 37 9.09 14.96 8.30
CA GLN A 37 8.35 14.27 9.34
C GLN A 37 8.64 12.77 9.32
N LYS A 38 9.40 12.31 10.31
CA LYS A 38 9.76 10.90 10.40
C LYS A 38 8.71 10.13 11.19
N GLU A 39 8.43 10.58 12.40
CA GLU A 39 7.45 9.94 13.26
C GLU A 39 6.13 9.75 12.52
N GLU A 40 5.68 10.81 11.84
CA GLU A 40 4.44 10.76 11.09
C GLU A 40 4.54 9.83 9.89
N ALA A 41 5.59 10.02 9.09
CA ALA A 41 5.80 9.20 7.92
C ALA A 41 5.63 7.72 8.24
N LYS A 42 6.37 7.25 9.23
CA LYS A 42 6.30 5.84 9.64
C LYS A 42 4.85 5.43 9.89
N ASN A 43 4.13 6.24 10.65
CA ASN A 43 2.73 5.97 10.96
C ASN A 43 1.91 5.76 9.69
N TYR A 44 2.05 6.68 8.75
CA TYR A 44 1.33 6.61 7.48
C TYR A 44 1.51 5.23 6.85
N TYR A 45 2.72 4.70 6.94
CA TYR A 45 3.02 3.38 6.37
C TYR A 45 2.37 2.27 7.18
N LYS A 46 2.34 2.45 8.50
CA LYS A 46 1.74 1.46 9.39
C LYS A 46 0.23 1.37 9.18
N GLN A 47 -0.31 2.33 8.44
CA GLN A 47 -1.74 2.36 8.16
C GLN A 47 -2.06 1.65 6.85
N GLY A 48 -1.45 2.14 5.77
CA GLY A 48 -1.69 1.54 4.46
C GLY A 48 -1.23 0.09 4.40
N ILE A 49 -0.09 -0.19 5.02
CA ILE A 49 0.47 -1.54 5.04
C ILE A 49 -0.63 -2.58 5.27
N GLY A 50 -1.45 -2.33 6.29
CA GLY A 50 -2.52 -3.26 6.60
C GLY A 50 -3.52 -3.40 5.48
N HIS A 51 -3.80 -2.29 4.79
CA HIS A 51 -4.75 -2.29 3.67
C HIS A 51 -4.18 -3.06 2.49
N LEU A 52 -2.87 -2.92 2.27
CA LEU A 52 -2.20 -3.60 1.16
C LEU A 52 -2.49 -5.09 1.19
N LEU A 53 -2.08 -5.75 2.25
CA LEU A 53 -2.30 -7.19 2.41
C LEU A 53 -3.78 -7.53 2.26
N ARG A 54 -4.63 -6.72 2.86
CA ARG A 54 -6.07 -6.94 2.79
C ARG A 54 -6.48 -7.41 1.41
N GLY A 55 -5.98 -6.74 0.37
CA GLY A 55 -6.31 -7.10 -0.98
C GLY A 55 -5.48 -8.28 -1.49
N ILE A 56 -4.24 -8.37 -1.02
CA ILE A 56 -3.35 -9.46 -1.42
C ILE A 56 -3.60 -10.70 -0.58
N SER A 57 -4.59 -10.64 0.31
CA SER A 57 -4.93 -11.77 1.16
C SER A 57 -6.36 -12.22 0.92
N ILE A 58 -6.73 -12.35 -0.35
CA ILE A 58 -8.08 -12.78 -0.71
C ILE A 58 -8.05 -14.17 -1.36
N SER A 59 -9.18 -14.85 -1.32
CA SER A 59 -9.29 -16.19 -1.89
C SER A 59 -8.56 -16.27 -3.22
N SER A 60 -9.13 -15.63 -4.25
CA SER A 60 -8.53 -15.62 -5.57
C SER A 60 -8.00 -17.01 -5.93
N LYS A 61 -8.82 -18.03 -5.74
CA LYS A 61 -8.43 -19.40 -6.03
C LYS A 61 -9.11 -19.89 -7.32
N GLU A 62 -10.43 -19.93 -7.31
CA GLU A 62 -11.19 -20.37 -8.47
C GLU A 62 -12.63 -19.84 -8.42
N SER A 63 -12.85 -18.69 -9.02
CA SER A 63 -14.17 -18.07 -9.05
C SER A 63 -14.55 -17.62 -10.45
N GLU A 64 -13.97 -16.50 -10.89
CA GLU A 64 -14.23 -15.97 -12.21
C GLU A 64 -15.73 -15.81 -12.45
N HIS A 65 -16.34 -14.88 -11.71
CA HIS A 65 -17.77 -14.63 -11.83
C HIS A 65 -18.13 -14.17 -13.23
N THR A 66 -17.11 -13.73 -13.99
CA THR A 66 -17.31 -13.26 -15.35
C THR A 66 -15.99 -13.11 -16.09
N GLY A 67 -15.96 -12.22 -17.06
CA GLY A 67 -14.74 -12.00 -17.83
C GLY A 67 -13.94 -10.82 -17.31
N PRO A 68 -14.28 -9.61 -17.78
CA PRO A 68 -13.60 -8.38 -17.38
C PRO A 68 -13.88 -8.00 -15.93
N GLY A 69 -14.66 -8.85 -15.25
CA GLY A 69 -15.00 -8.59 -13.86
C GLY A 69 -13.81 -8.78 -12.93
N TRP A 70 -13.36 -10.01 -12.82
CA TRP A 70 -12.22 -10.33 -11.95
C TRP A 70 -10.91 -9.91 -12.60
N GLU A 71 -10.96 -9.60 -13.89
CA GLU A 71 -9.78 -9.18 -14.62
C GLU A 71 -9.15 -7.94 -13.99
N SER A 72 -9.96 -6.88 -13.87
CA SER A 72 -9.48 -5.63 -13.28
C SER A 72 -9.01 -5.84 -11.84
N ALA A 73 -9.77 -6.63 -11.09
CA ALA A 73 -9.43 -6.92 -9.71
C ALA A 73 -8.08 -7.62 -9.61
N ARG A 74 -7.79 -8.50 -10.56
CA ARG A 74 -6.54 -9.24 -10.58
C ARG A 74 -5.38 -8.32 -10.98
N GLN A 75 -5.71 -7.23 -11.66
CA GLN A 75 -4.70 -6.28 -12.10
C GLN A 75 -4.31 -5.32 -10.98
N MET A 76 -5.31 -4.85 -10.24
CA MET A 76 -5.07 -3.93 -9.14
C MET A 76 -4.35 -4.63 -7.99
N GLN A 77 -4.40 -5.97 -7.98
CA GLN A 77 -3.75 -6.75 -6.94
C GLN A 77 -2.24 -6.73 -7.11
N GLN A 78 -1.78 -6.99 -8.33
CA GLN A 78 -0.35 -7.01 -8.63
C GLN A 78 0.30 -5.68 -8.25
N LYS A 79 -0.21 -4.60 -8.83
CA LYS A 79 0.32 -3.27 -8.54
C LYS A 79 0.63 -3.10 -7.06
N MET A 80 -0.36 -3.36 -6.22
CA MET A 80 -0.20 -3.25 -4.78
C MET A 80 1.05 -4.00 -4.32
N LYS A 81 1.14 -5.27 -4.67
CA LYS A 81 2.27 -6.10 -4.28
C LYS A 81 3.59 -5.38 -4.59
N GLU A 82 3.74 -4.94 -5.84
CA GLU A 82 4.95 -4.25 -6.26
C GLU A 82 5.24 -3.06 -5.34
N THR A 83 4.18 -2.46 -4.81
CA THR A 83 4.32 -1.32 -3.91
C THR A 83 4.68 -1.76 -2.51
N LEU A 84 4.16 -2.92 -2.09
CA LEU A 84 4.44 -3.45 -0.76
C LEU A 84 5.94 -3.62 -0.54
N GLN A 85 6.58 -4.36 -1.45
CA GLN A 85 8.02 -4.59 -1.35
C GLN A 85 8.79 -3.27 -1.29
N ASN A 86 8.22 -2.23 -1.88
CA ASN A 86 8.85 -0.92 -1.89
C ASN A 86 8.57 -0.17 -0.58
N VAL A 87 7.40 -0.41 -0.02
CA VAL A 87 7.00 0.24 1.22
C VAL A 87 7.74 -0.37 2.42
N ARG A 88 7.68 -1.70 2.52
CA ARG A 88 8.33 -2.40 3.62
C ARG A 88 9.71 -1.83 3.88
N THR A 89 10.38 -1.40 2.82
CA THR A 89 11.72 -0.82 2.93
C THR A 89 11.66 0.58 3.53
N ARG A 90 10.77 1.41 3.00
CA ARG A 90 10.62 2.78 3.48
C ARG A 90 10.41 2.81 4.98
N LEU A 91 9.51 1.95 5.46
CA LEU A 91 9.21 1.88 6.89
C LEU A 91 10.42 1.39 7.68
N GLU A 92 11.31 0.66 7.01
CA GLU A 92 12.51 0.14 7.64
C GLU A 92 13.58 1.23 7.77
N ILE A 93 13.96 1.79 6.62
CA ILE A 93 14.98 2.85 6.59
C ILE A 93 14.65 3.94 7.60
N LEU A 94 13.37 4.28 7.70
CA LEU A 94 12.93 5.32 8.63
C LEU A 94 13.03 4.85 10.07
N GLU A 95 12.83 3.55 10.28
CA GLU A 95 12.91 2.97 11.61
C GLU A 95 14.34 2.60 11.98
N LYS A 96 15.18 2.51 10.96
CA LYS A 96 16.59 2.16 11.16
C LYS A 96 17.32 3.27 11.92
N GLY A 97 16.69 4.44 11.99
CA GLY A 97 17.30 5.55 12.70
C GLY A 97 16.28 6.62 13.07
N LEU A 98 15.19 6.20 13.70
CA LEU A 98 14.14 7.13 14.11
C LEU A 98 14.73 8.42 14.65
N ALA A 99 15.42 8.32 15.79
CA ALA A 99 16.03 9.49 16.41
C ALA A 99 17.11 10.07 15.51
N THR A 100 18.15 9.28 15.24
CA THR A 100 19.25 9.73 14.39
C THR A 100 19.07 9.25 12.96
N SER A 101 18.11 9.85 12.25
CA SER A 101 17.83 9.49 10.88
C SER A 101 18.56 10.42 9.91
N LEU A 102 19.35 9.84 9.02
CA LEU A 102 20.10 10.63 8.04
C LEU A 102 19.24 10.94 6.82
N GLN A 103 19.27 12.19 6.39
CA GLN A 103 18.49 12.62 5.23
C GLN A 103 18.63 14.12 5.00
N ASN A 104 18.26 14.56 3.81
CA ASN A 104 18.34 15.98 3.46
C ASN A 104 17.86 16.22 2.03
N ASP A 105 16.74 16.93 1.91
CA ASP A 105 16.17 17.23 0.61
C ASP A 105 16.59 18.62 0.14
N LEU A 106 17.28 18.67 -1.00
CA LEU A 106 17.74 19.94 -1.55
C LEU A 106 16.90 20.34 -2.76
N GLN A 107 15.77 19.68 -2.93
CA GLN A 107 14.87 19.96 -4.05
C GLN A 107 13.72 20.86 -3.61
N GLU A 108 13.76 22.12 -4.04
CA GLU A 108 12.71 23.07 -3.69
C GLU A 108 11.34 22.55 -4.09
N VAL A 109 10.37 22.68 -3.19
CA VAL A 109 9.02 22.22 -3.44
C VAL A 109 8.18 23.32 -4.11
N PRO A 110 7.28 22.91 -5.02
CA PRO A 110 6.40 23.84 -5.74
C PRO A 110 5.35 24.46 -4.83
N SER A 111 5.05 25.73 -5.09
CA SER A 111 4.06 26.44 -4.29
C SER A 111 2.69 26.41 -4.97
N GLY A 112 1.80 25.56 -4.43
CA GLY A 112 0.47 25.45 -4.99
C GLY A 112 -0.60 25.28 -3.92
N PRO A 113 -1.85 25.56 -4.28
CA PRO A 113 -2.99 25.44 -3.36
C PRO A 113 -3.31 23.99 -3.02
N SER A 114 -2.58 23.07 -3.63
CA SER A 114 -2.78 21.64 -3.38
C SER A 114 -4.23 21.25 -3.63
N SER A 115 -4.57 20.01 -3.30
CA SER A 115 -5.93 19.52 -3.48
C SER A 115 -6.79 19.81 -2.26
N GLY A 116 -6.70 18.94 -1.26
CA GLY A 116 -7.49 19.12 -0.05
C GLY A 116 -7.15 20.42 0.67
N GLY A 1 -20.88 -1.77 -18.50
CA GLY A 1 -21.59 -0.75 -17.75
C GLY A 1 -21.61 -1.04 -16.26
N SER A 2 -20.47 -1.46 -15.72
CA SER A 2 -20.36 -1.76 -14.30
C SER A 2 -20.97 -0.64 -13.45
N SER A 3 -22.23 -0.82 -13.05
CA SER A 3 -22.92 0.17 -12.25
C SER A 3 -23.07 -0.31 -10.81
N GLY A 4 -24.08 0.23 -10.12
CA GLY A 4 -24.30 -0.16 -8.73
C GLY A 4 -25.57 -0.95 -8.56
N SER A 5 -25.46 -2.28 -8.67
CA SER A 5 -26.62 -3.16 -8.53
C SER A 5 -26.59 -3.87 -7.18
N SER A 6 -25.73 -3.41 -6.29
CA SER A 6 -25.59 -4.01 -4.96
C SER A 6 -25.21 -5.49 -5.07
N GLY A 7 -24.64 -5.86 -6.20
CA GLY A 7 -24.24 -7.24 -6.41
C GLY A 7 -22.75 -7.38 -6.67
N GLU A 8 -22.12 -8.34 -6.01
CA GLU A 8 -20.69 -8.58 -6.17
C GLU A 8 -20.29 -9.91 -5.55
N PRO A 9 -19.11 -10.42 -5.96
CA PRO A 9 -18.58 -11.69 -5.47
C PRO A 9 -18.14 -11.60 -4.01
N ALA A 10 -18.25 -10.40 -3.43
CA ALA A 10 -17.86 -10.18 -2.05
C ALA A 10 -16.35 -9.96 -1.93
N GLU A 11 -15.58 -10.78 -2.63
CA GLU A 11 -14.13 -10.67 -2.60
C GLU A 11 -13.66 -9.38 -3.29
N ILE A 12 -14.07 -9.20 -4.54
CA ILE A 12 -13.70 -8.01 -5.30
C ILE A 12 -13.83 -6.75 -4.45
N LYS A 13 -15.01 -6.54 -3.89
CA LYS A 13 -15.26 -5.37 -3.05
C LYS A 13 -14.09 -5.11 -2.12
N ILE A 14 -13.71 -6.13 -1.35
CA ILE A 14 -12.60 -6.01 -0.41
C ILE A 14 -11.36 -5.46 -1.10
N ILE A 15 -10.92 -6.15 -2.16
CA ILE A 15 -9.74 -5.73 -2.90
C ILE A 15 -9.82 -4.25 -3.27
N ARG A 16 -11.00 -3.84 -3.73
CA ARG A 16 -11.21 -2.45 -4.12
C ARG A 16 -10.83 -1.49 -3.00
N GLU A 17 -11.36 -1.76 -1.80
CA GLU A 17 -11.06 -0.93 -0.64
C GLU A 17 -9.60 -1.03 -0.24
N ALA A 18 -9.13 -2.26 -0.02
CA ALA A 18 -7.74 -2.49 0.36
C ALA A 18 -6.79 -1.96 -0.70
N TYR A 19 -7.28 -1.85 -1.93
CA TYR A 19 -6.47 -1.36 -3.03
C TYR A 19 -6.28 0.15 -2.95
N LYS A 20 -7.31 0.84 -2.46
CA LYS A 20 -7.27 2.29 -2.33
C LYS A 20 -6.60 2.70 -1.02
N LYS A 21 -7.24 2.37 0.10
CA LYS A 21 -6.69 2.69 1.42
C LYS A 21 -5.21 2.37 1.48
N ALA A 22 -4.80 1.30 0.79
CA ALA A 22 -3.41 0.89 0.77
C ALA A 22 -2.53 1.93 0.07
N PHE A 23 -2.94 2.31 -1.14
CA PHE A 23 -2.20 3.29 -1.92
C PHE A 23 -2.47 4.70 -1.42
N LEU A 24 -3.50 4.84 -0.58
CA LEU A 24 -3.87 6.14 -0.03
C LEU A 24 -2.87 6.59 1.02
N PHE A 25 -2.60 5.70 1.98
CA PHE A 25 -1.65 6.01 3.05
C PHE A 25 -0.22 6.02 2.53
N VAL A 26 0.01 5.26 1.47
CA VAL A 26 1.35 5.18 0.88
C VAL A 26 1.79 6.53 0.32
N ASN A 27 1.07 7.02 -0.68
CA ASN A 27 1.38 8.30 -1.30
C ASN A 27 1.68 9.35 -0.24
N LYS A 28 0.93 9.31 0.85
CA LYS A 28 1.12 10.26 1.94
C LYS A 28 2.49 10.09 2.59
N GLY A 29 2.76 8.91 3.11
CA GLY A 29 4.03 8.64 3.75
C GLY A 29 5.20 9.05 2.87
N LEU A 30 5.02 8.95 1.57
CA LEU A 30 6.07 9.31 0.62
C LEU A 30 6.33 10.82 0.63
N ASN A 31 5.25 11.59 0.58
CA ASN A 31 5.36 13.05 0.58
C ASN A 31 5.94 13.55 1.90
N THR A 32 5.30 13.14 3.01
CA THR A 32 5.76 13.55 4.34
C THR A 32 7.25 13.30 4.51
N ASP A 33 7.70 12.10 4.14
CA ASP A 33 9.10 11.74 4.26
C ASP A 33 9.99 12.79 3.59
N GLU A 34 9.48 13.38 2.51
CA GLU A 34 10.23 14.39 1.79
C GLU A 34 10.13 15.75 2.48
N LEU A 35 9.06 15.93 3.25
CA LEU A 35 8.84 17.19 3.97
C LEU A 35 9.64 17.21 5.27
N GLY A 36 9.91 16.02 5.82
CA GLY A 36 10.66 15.93 7.06
C GLY A 36 9.84 15.32 8.18
N GLN A 37 8.53 15.22 7.97
CA GLN A 37 7.64 14.66 8.97
C GLN A 37 7.85 13.15 9.11
N LYS A 38 8.84 12.76 9.90
CA LYS A 38 9.14 11.35 10.11
C LYS A 38 8.00 10.66 10.85
N GLU A 39 7.54 11.28 11.93
CA GLU A 39 6.44 10.72 12.72
C GLU A 39 5.29 10.27 11.83
N GLU A 40 4.72 11.21 11.08
CA GLU A 40 3.61 10.92 10.19
C GLU A 40 4.00 9.83 9.18
N ALA A 41 5.07 10.09 8.43
CA ALA A 41 5.54 9.13 7.44
C ALA A 41 5.36 7.70 7.91
N LYS A 42 6.02 7.35 9.01
CA LYS A 42 5.93 6.01 9.57
C LYS A 42 4.46 5.58 9.72
N ASN A 43 3.72 6.28 10.57
CA ASN A 43 2.32 5.97 10.78
C ASN A 43 1.64 5.59 9.47
N TYR A 44 1.69 6.49 8.51
CA TYR A 44 1.07 6.25 7.20
C TYR A 44 1.36 4.83 6.71
N TYR A 45 2.64 4.54 6.48
CA TYR A 45 3.04 3.22 6.02
C TYR A 45 2.39 2.12 6.85
N LYS A 46 2.54 2.24 8.16
CA LYS A 46 1.96 1.25 9.08
C LYS A 46 0.50 0.97 8.74
N GLN A 47 -0.18 1.98 8.20
CA GLN A 47 -1.58 1.84 7.83
C GLN A 47 -1.72 1.25 6.43
N GLY A 48 -0.94 1.76 5.49
CA GLY A 48 -0.98 1.27 4.13
C GLY A 48 -0.59 -0.19 4.03
N ILE A 49 0.27 -0.63 4.94
CA ILE A 49 0.74 -2.01 4.95
C ILE A 49 -0.41 -2.97 5.25
N GLY A 50 -0.95 -2.87 6.46
CA GLY A 50 -2.05 -3.74 6.86
C GLY A 50 -3.08 -3.91 5.76
N HIS A 51 -3.31 -2.84 5.00
CA HIS A 51 -4.27 -2.87 3.92
C HIS A 51 -3.71 -3.63 2.71
N LEU A 52 -2.52 -3.25 2.28
CA LEU A 52 -1.88 -3.89 1.14
C LEU A 52 -2.12 -5.40 1.14
N LEU A 53 -1.86 -6.03 2.28
CA LEU A 53 -2.06 -7.47 2.43
C LEU A 53 -3.54 -7.82 2.39
N ARG A 54 -4.34 -7.12 3.19
CA ARG A 54 -5.78 -7.35 3.25
C ARG A 54 -6.33 -7.67 1.86
N GLY A 55 -5.75 -7.05 0.83
CA GLY A 55 -6.20 -7.29 -0.52
C GLY A 55 -5.52 -8.48 -1.16
N ILE A 56 -4.22 -8.64 -0.89
CA ILE A 56 -3.45 -9.75 -1.44
C ILE A 56 -3.76 -11.04 -0.69
N SER A 57 -4.51 -10.94 0.40
CA SER A 57 -4.86 -12.10 1.20
C SER A 57 -6.27 -12.59 0.86
N ILE A 58 -6.66 -12.41 -0.40
CA ILE A 58 -7.98 -12.82 -0.86
C ILE A 58 -7.91 -14.17 -1.56
N SER A 59 -9.01 -14.92 -1.51
CA SER A 59 -9.07 -16.23 -2.15
C SER A 59 -9.17 -16.11 -3.66
N SER A 60 -10.25 -15.47 -4.12
CA SER A 60 -10.47 -15.27 -5.54
C SER A 60 -10.44 -16.61 -6.29
N LYS A 61 -9.24 -17.08 -6.61
CA LYS A 61 -9.07 -18.33 -7.31
C LYS A 61 -9.77 -18.30 -8.67
N GLU A 62 -9.18 -18.99 -9.65
CA GLU A 62 -9.75 -19.04 -10.99
C GLU A 62 -11.08 -19.78 -11.00
N SER A 63 -12.14 -19.11 -10.57
CA SER A 63 -13.47 -19.71 -10.52
C SER A 63 -14.34 -19.20 -11.67
N GLU A 64 -13.98 -19.59 -12.88
CA GLU A 64 -14.72 -19.18 -14.07
C GLU A 64 -15.15 -17.72 -13.97
N HIS A 65 -14.29 -16.82 -14.45
CA HIS A 65 -14.57 -15.39 -14.41
C HIS A 65 -14.83 -14.86 -15.80
N THR A 66 -16.10 -14.86 -16.22
CA THR A 66 -16.48 -14.37 -17.53
C THR A 66 -16.33 -12.85 -17.62
N GLY A 67 -16.28 -12.34 -18.84
CA GLY A 67 -16.15 -10.91 -19.05
C GLY A 67 -14.99 -10.33 -18.25
N PRO A 68 -14.96 -8.98 -18.15
CA PRO A 68 -13.91 -8.28 -17.41
C PRO A 68 -14.02 -8.48 -15.90
N GLY A 69 -14.76 -7.59 -15.25
CA GLY A 69 -14.93 -7.70 -13.81
C GLY A 69 -13.63 -7.92 -13.08
N TRP A 70 -13.40 -9.16 -12.64
CA TRP A 70 -12.17 -9.50 -11.93
C TRP A 70 -10.95 -8.91 -12.63
N GLU A 71 -11.02 -8.83 -13.96
CA GLU A 71 -9.92 -8.29 -14.75
C GLU A 71 -9.26 -7.12 -14.03
N SER A 72 -10.00 -6.04 -13.86
CA SER A 72 -9.49 -4.84 -13.19
C SER A 72 -9.01 -5.18 -11.78
N ALA A 73 -9.85 -5.88 -11.03
CA ALA A 73 -9.51 -6.26 -9.66
C ALA A 73 -8.16 -6.99 -9.61
N ARG A 74 -7.83 -7.69 -10.70
CA ARG A 74 -6.58 -8.42 -10.77
C ARG A 74 -5.43 -7.49 -11.15
N GLN A 75 -5.77 -6.33 -11.68
CA GLN A 75 -4.76 -5.36 -12.09
C GLN A 75 -4.39 -4.43 -10.93
N MET A 76 -5.34 -4.23 -10.02
CA MET A 76 -5.13 -3.37 -8.86
C MET A 76 -4.35 -4.12 -7.77
N GLN A 77 -4.36 -5.44 -7.85
CA GLN A 77 -3.66 -6.27 -6.87
C GLN A 77 -2.18 -6.36 -7.20
N GLN A 78 -1.87 -6.52 -8.47
CA GLN A 78 -0.49 -6.62 -8.92
C GLN A 78 0.29 -5.35 -8.58
N LYS A 79 -0.38 -4.21 -8.67
CA LYS A 79 0.25 -2.93 -8.37
C LYS A 79 0.59 -2.81 -6.89
N MET A 80 -0.27 -3.40 -6.05
CA MET A 80 -0.05 -3.37 -4.61
C MET A 80 1.20 -4.15 -4.22
N LYS A 81 1.19 -5.45 -4.49
CA LYS A 81 2.33 -6.31 -4.16
C LYS A 81 3.64 -5.58 -4.44
N GLU A 82 3.81 -5.11 -5.68
CA GLU A 82 5.03 -4.40 -6.06
C GLU A 82 5.32 -3.26 -5.09
N THR A 83 4.30 -2.43 -4.86
CA THR A 83 4.45 -1.29 -3.95
C THR A 83 4.72 -1.75 -2.52
N LEU A 84 4.35 -2.99 -2.22
CA LEU A 84 4.55 -3.55 -0.89
C LEU A 84 6.04 -3.69 -0.59
N GLN A 85 6.69 -4.66 -1.23
CA GLN A 85 8.11 -4.89 -1.03
C GLN A 85 8.87 -3.58 -0.93
N ASN A 86 8.42 -2.58 -1.67
CA ASN A 86 9.06 -1.27 -1.66
C ASN A 86 8.68 -0.49 -0.40
N VAL A 87 7.43 -0.64 0.04
CA VAL A 87 6.94 0.05 1.23
C VAL A 87 7.59 -0.51 2.48
N ARG A 88 7.51 -1.83 2.65
CA ARG A 88 8.08 -2.49 3.81
C ARG A 88 9.54 -2.07 4.01
N THR A 89 10.16 -1.59 2.94
CA THR A 89 11.55 -1.15 3.00
C THR A 89 11.66 0.27 3.56
N ARG A 90 10.76 1.14 3.12
CA ARG A 90 10.76 2.53 3.58
C ARG A 90 10.53 2.61 5.08
N LEU A 91 9.47 1.97 5.55
CA LEU A 91 9.13 1.96 6.97
C LEU A 91 10.29 1.41 7.79
N GLU A 92 11.18 0.67 7.14
CA GLU A 92 12.33 0.09 7.82
C GLU A 92 13.41 1.14 8.04
N ILE A 93 13.88 1.73 6.95
CA ILE A 93 14.92 2.76 7.03
C ILE A 93 14.45 3.96 7.83
N LEU A 94 13.18 4.33 7.65
CA LEU A 94 12.60 5.46 8.35
C LEU A 94 12.67 5.26 9.86
N GLU A 95 12.13 4.13 10.33
CA GLU A 95 12.14 3.82 11.76
C GLU A 95 13.56 3.84 12.31
N LYS A 96 14.51 3.32 11.53
CA LYS A 96 15.91 3.27 11.94
C LYS A 96 16.59 4.61 11.69
N GLY A 97 15.96 5.44 10.86
CA GLY A 97 16.52 6.74 10.55
C GLY A 97 15.67 7.89 11.06
N LEU A 98 15.12 7.72 12.25
CA LEU A 98 14.27 8.74 12.86
C LEU A 98 14.92 9.33 14.10
N ALA A 99 14.56 10.57 14.42
CA ALA A 99 15.11 11.24 15.60
C ALA A 99 14.80 12.74 15.56
N THR A 100 13.51 13.07 15.60
CA THR A 100 13.09 14.46 15.56
C THR A 100 13.66 15.19 14.36
N SER A 101 13.27 16.45 14.19
CA SER A 101 13.74 17.26 13.07
C SER A 101 14.23 18.62 13.56
N LEU A 102 14.77 19.41 12.63
CA LEU A 102 15.27 20.74 12.96
C LEU A 102 14.71 21.78 12.00
N GLN A 103 15.45 22.86 11.80
CA GLN A 103 15.03 23.93 10.91
C GLN A 103 15.35 23.59 9.46
N ASN A 104 14.34 23.70 8.60
CA ASN A 104 14.52 23.40 7.18
C ASN A 104 15.91 23.81 6.71
N ASP A 105 16.80 22.82 6.62
CA ASP A 105 18.17 23.08 6.18
C ASP A 105 18.21 23.48 4.71
N LEU A 106 19.18 24.31 4.34
CA LEU A 106 19.32 24.77 2.97
C LEU A 106 20.65 24.33 2.38
N GLN A 107 20.67 24.14 1.06
CA GLN A 107 21.88 23.71 0.37
C GLN A 107 21.93 24.27 -1.04
N GLU A 108 21.60 25.56 -1.17
CA GLU A 108 21.61 26.21 -2.47
C GLU A 108 20.43 25.74 -3.33
N VAL A 109 19.28 26.35 -3.12
CA VAL A 109 18.08 25.99 -3.87
C VAL A 109 18.10 26.61 -5.27
N PRO A 110 17.49 25.91 -6.24
CA PRO A 110 17.43 26.38 -7.63
C PRO A 110 16.51 27.58 -7.79
N SER A 111 16.72 28.34 -8.86
CA SER A 111 15.91 29.52 -9.13
C SER A 111 16.21 30.08 -10.52
N GLY A 112 15.76 29.38 -11.54
CA GLY A 112 15.98 29.81 -12.91
C GLY A 112 14.96 29.26 -13.88
N PRO A 113 14.84 29.90 -15.05
CA PRO A 113 13.89 29.48 -16.09
C PRO A 113 14.29 28.16 -16.74
N SER A 114 15.50 27.69 -16.42
CA SER A 114 16.00 26.44 -16.99
C SER A 114 16.05 26.52 -18.51
N SER A 115 14.94 26.18 -19.15
CA SER A 115 14.85 26.20 -20.60
C SER A 115 14.48 27.59 -21.10
N GLY A 116 14.46 27.75 -22.43
CA GLY A 116 14.13 29.03 -23.01
C GLY A 116 12.84 28.99 -23.80
#